data_7RWU
# 
_entry.id   7RWU 
# 
_audit_conform.dict_name       mmcif_pdbx.dic 
_audit_conform.dict_version    5.380 
_audit_conform.dict_location   http://mmcif.pdb.org/dictionaries/ascii/mmcif_pdbx.dic 
# 
loop_
_database_2.database_id 
_database_2.database_code 
_database_2.pdbx_database_accession 
_database_2.pdbx_DOI 
PDB   7RWU         pdb_00007rwu 10.2210/pdb7rwu/pdb 
WWPDB D_1000258811 ?            ?                   
# 
_pdbx_database_status.status_code                     REL 
_pdbx_database_status.status_code_sf                  REL 
_pdbx_database_status.status_code_mr                  ? 
_pdbx_database_status.entry_id                        7RWU 
_pdbx_database_status.recvd_initial_deposition_date   2021-08-20 
_pdbx_database_status.SG_entry                        N 
_pdbx_database_status.deposit_site                    RCSB 
_pdbx_database_status.process_site                    RCSB 
_pdbx_database_status.status_code_cs                  ? 
_pdbx_database_status.status_code_nmr_data            ? 
_pdbx_database_status.methods_development_category    ? 
_pdbx_database_status.pdb_format_compatible           Y 
# 
loop_
_audit_author.name 
_audit_author.pdbx_ordinal 
_audit_author.identifier_ORCID 
'Kakkis, A.' 1 0000-0001-6225-7352 
'Golub, E.'  2 0000-0001-7669-5652 
# 
_citation.abstract                  ? 
_citation.abstract_id_CAS           ? 
_citation.book_id_ISBN              ? 
_citation.book_publisher            ? 
_citation.book_publisher_city       ? 
_citation.book_title                ? 
_citation.coordinate_linkage        ? 
_citation.country                   UK 
_citation.database_id_Medline       ? 
_citation.details                   ? 
_citation.id                        primary 
_citation.journal_abbrev            'Chem.Commun.(Camb.)' 
_citation.journal_id_ASTM           ? 
_citation.journal_id_CSD            ? 
_citation.journal_id_ISSN           1364-548X 
_citation.journal_full              ? 
_citation.journal_issue             ? 
_citation.journal_volume            58 
_citation.language                  ? 
_citation.page_first                6958 
_citation.page_last                 6961 
_citation.title                     'Redox- and metal-directed structural diversification in designed metalloprotein assemblies.' 
_citation.year                      2022 
_citation.database_id_CSD           ? 
_citation.pdbx_database_id_DOI      10.1039/d2cc02440c 
_citation.pdbx_database_id_PubMed   35642584 
_citation.pdbx_database_id_patent   ? 
_citation.unpublished_flag          ? 
# 
loop_
_citation_author.citation_id 
_citation_author.name 
_citation_author.ordinal 
_citation_author.identifier_ORCID 
primary 'Kakkis, A.'   1 0000-0001-6225-7352 
primary 'Golub, E.'    2 0000-0001-7669-5652 
primary 'Choi, T.S.'   3 0000-0002-1515-3275 
primary 'Tezcan, F.A.' 4 0000-0002-4733-6500 
# 
_cell.angle_alpha                  90.000 
_cell.angle_alpha_esd              ? 
_cell.angle_beta                   90.000 
_cell.angle_beta_esd               ? 
_cell.angle_gamma                  90.000 
_cell.angle_gamma_esd              ? 
_cell.entry_id                     7RWU 
_cell.details                      ? 
_cell.formula_units_Z              ? 
_cell.length_a                     94.260 
_cell.length_a_esd                 ? 
_cell.length_b                     94.260 
_cell.length_b_esd                 ? 
_cell.length_c                     94.260 
_cell.length_c_esd                 ? 
_cell.volume                       837497.826 
_cell.volume_esd                   ? 
_cell.Z_PDB                        24 
_cell.reciprocal_angle_alpha       ? 
_cell.reciprocal_angle_beta        ? 
_cell.reciprocal_angle_gamma       ? 
_cell.reciprocal_angle_alpha_esd   ? 
_cell.reciprocal_angle_beta_esd    ? 
_cell.reciprocal_angle_gamma_esd   ? 
_cell.reciprocal_length_a          ? 
_cell.reciprocal_length_b          ? 
_cell.reciprocal_length_c          ? 
_cell.reciprocal_length_a_esd      ? 
_cell.reciprocal_length_b_esd      ? 
_cell.reciprocal_length_c_esd      ? 
_cell.pdbx_unique_axis             ? 
# 
_symmetry.entry_id                         7RWU 
_symmetry.cell_setting                     ? 
_symmetry.Int_Tables_number                213 
_symmetry.space_group_name_Hall            'P 4bd 2ab 3' 
_symmetry.space_group_name_H-M             'P 41 3 2' 
_symmetry.pdbx_full_space_group_name_H-M   ? 
# 
loop_
_entity.id 
_entity.type 
_entity.src_method 
_entity.pdbx_description 
_entity.formula_weight 
_entity.pdbx_number_of_molecules 
_entity.pdbx_ec 
_entity.pdbx_mutation 
_entity.pdbx_fragment 
_entity.details 
1 polymer     man 'Soluble cytochrome b562'                11657.113 1   ? 
'R56A, L60A, Q63W, K64S, K81H, D88W, V91I, D95H, D96A, K99H, T118C, R120C, Y123C' ? ? 
2 non-polymer syn 'NICKEL (II) ION'                        58.693    3   ? ? ? ? 
3 non-polymer syn 2-AMINO-2-HYDROXYMETHYL-PROPANE-1,3-DIOL 122.143   1   ? ? ? ? 
4 non-polymer syn 'HEME C'                                 618.503   1   ? ? ? ? 
5 non-polymer syn 'CHLORIDE ION'                           35.453    1   ? ? ? ? 
6 water       nat water                                    18.015    173 ? ? ? ? 
# 
_entity_name_com.entity_id   1 
_entity_name_com.name        'Cytochrome b-562' 
# 
_entity_poly.entity_id                      1 
_entity_poly.type                           'polypeptide(L)' 
_entity_poly.nstd_linkage                   no 
_entity_poly.nstd_monomer                   no 
_entity_poly.pdbx_seq_one_letter_code       
;ADLEDNMETLNDNLKVIEKADNAAQVKDALTKMAAAAADAWSATPPKLEDKSPDSPEMHDFRHGFWILIGQIHAALHLAN
EGKVKEAQAAAEQLKCTCNACHQKYR
;
_entity_poly.pdbx_seq_one_letter_code_can   
;ADLEDNMETLNDNLKVIEKADNAAQVKDALTKMAAAAADAWSATPPKLEDKSPDSPEMHDFRHGFWILIGQIHAALHLAN
EGKVKEAQAAAEQLKCTCNACHQKYR
;
_entity_poly.pdbx_strand_id                 A 
_entity_poly.pdbx_target_identifier         ? 
# 
loop_
_entity_poly_seq.entity_id 
_entity_poly_seq.num 
_entity_poly_seq.mon_id 
_entity_poly_seq.hetero 
1 1   ALA n 
1 2   ASP n 
1 3   LEU n 
1 4   GLU n 
1 5   ASP n 
1 6   ASN n 
1 7   MET n 
1 8   GLU n 
1 9   THR n 
1 10  LEU n 
1 11  ASN n 
1 12  ASP n 
1 13  ASN n 
1 14  LEU n 
1 15  LYS n 
1 16  VAL n 
1 17  ILE n 
1 18  GLU n 
1 19  LYS n 
1 20  ALA n 
1 21  ASP n 
1 22  ASN n 
1 23  ALA n 
1 24  ALA n 
1 25  GLN n 
1 26  VAL n 
1 27  LYS n 
1 28  ASP n 
1 29  ALA n 
1 30  LEU n 
1 31  THR n 
1 32  LYS n 
1 33  MET n 
1 34  ALA n 
1 35  ALA n 
1 36  ALA n 
1 37  ALA n 
1 38  ALA n 
1 39  ASP n 
1 40  ALA n 
1 41  TRP n 
1 42  SER n 
1 43  ALA n 
1 44  THR n 
1 45  PRO n 
1 46  PRO n 
1 47  LYS n 
1 48  LEU n 
1 49  GLU n 
1 50  ASP n 
1 51  LYS n 
1 52  SER n 
1 53  PRO n 
1 54  ASP n 
1 55  SER n 
1 56  PRO n 
1 57  GLU n 
1 58  MET n 
1 59  HIS n 
1 60  ASP n 
1 61  PHE n 
1 62  ARG n 
1 63  HIS n 
1 64  GLY n 
1 65  PHE n 
1 66  TRP n 
1 67  ILE n 
1 68  LEU n 
1 69  ILE n 
1 70  GLY n 
1 71  GLN n 
1 72  ILE n 
1 73  HIS n 
1 74  ALA n 
1 75  ALA n 
1 76  LEU n 
1 77  HIS n 
1 78  LEU n 
1 79  ALA n 
1 80  ASN n 
1 81  GLU n 
1 82  GLY n 
1 83  LYS n 
1 84  VAL n 
1 85  LYS n 
1 86  GLU n 
1 87  ALA n 
1 88  GLN n 
1 89  ALA n 
1 90  ALA n 
1 91  ALA n 
1 92  GLU n 
1 93  GLN n 
1 94  LEU n 
1 95  LYS n 
1 96  CYS n 
1 97  THR n 
1 98  CYS n 
1 99  ASN n 
1 100 ALA n 
1 101 CYS n 
1 102 HIS n 
1 103 GLN n 
1 104 LYS n 
1 105 TYR n 
1 106 ARG n 
# 
_entity_src_gen.entity_id                          1 
_entity_src_gen.pdbx_src_id                        1 
_entity_src_gen.pdbx_alt_source_flag               sample 
_entity_src_gen.pdbx_seq_type                      'Biological sequence' 
_entity_src_gen.pdbx_beg_seq_num                   1 
_entity_src_gen.pdbx_end_seq_num                   106 
_entity_src_gen.gene_src_common_name               ? 
_entity_src_gen.gene_src_genus                     ? 
_entity_src_gen.pdbx_gene_src_gene                 cybC 
_entity_src_gen.gene_src_species                   ? 
_entity_src_gen.gene_src_strain                    ? 
_entity_src_gen.gene_src_tissue                    ? 
_entity_src_gen.gene_src_tissue_fraction           ? 
_entity_src_gen.gene_src_details                   ? 
_entity_src_gen.pdbx_gene_src_fragment             ? 
_entity_src_gen.pdbx_gene_src_scientific_name      'Escherichia coli' 
_entity_src_gen.pdbx_gene_src_ncbi_taxonomy_id     562 
_entity_src_gen.pdbx_gene_src_variant              ? 
_entity_src_gen.pdbx_gene_src_cell_line            ? 
_entity_src_gen.pdbx_gene_src_atcc                 ? 
_entity_src_gen.pdbx_gene_src_organ                ? 
_entity_src_gen.pdbx_gene_src_organelle            ? 
_entity_src_gen.pdbx_gene_src_cell                 ? 
_entity_src_gen.pdbx_gene_src_cellular_location    ? 
_entity_src_gen.host_org_common_name               ? 
_entity_src_gen.pdbx_host_org_scientific_name      'Escherichia coli' 
_entity_src_gen.pdbx_host_org_ncbi_taxonomy_id     562 
_entity_src_gen.host_org_genus                     ? 
_entity_src_gen.pdbx_host_org_gene                 ? 
_entity_src_gen.pdbx_host_org_organ                ? 
_entity_src_gen.host_org_species                   ? 
_entity_src_gen.pdbx_host_org_tissue               ? 
_entity_src_gen.pdbx_host_org_tissue_fraction      ? 
_entity_src_gen.pdbx_host_org_strain               ? 
_entity_src_gen.pdbx_host_org_variant              ? 
_entity_src_gen.pdbx_host_org_cell_line            ? 
_entity_src_gen.pdbx_host_org_atcc                 ? 
_entity_src_gen.pdbx_host_org_culture_collection   ? 
_entity_src_gen.pdbx_host_org_cell                 ? 
_entity_src_gen.pdbx_host_org_organelle            ? 
_entity_src_gen.pdbx_host_org_cellular_location    ? 
_entity_src_gen.pdbx_host_org_vector_type          ? 
_entity_src_gen.pdbx_host_org_vector               ? 
_entity_src_gen.host_org_details                   ? 
_entity_src_gen.expression_system_id               ? 
_entity_src_gen.plasmid_name                       ? 
_entity_src_gen.plasmid_details                    ? 
_entity_src_gen.pdbx_description                   ? 
# 
_struct_ref.id                         1 
_struct_ref.db_name                    UNP 
_struct_ref.db_code                    C562_ECOLX 
_struct_ref.pdbx_db_accession          P0ABE7 
_struct_ref.pdbx_db_isoform            ? 
_struct_ref.entity_id                  1 
_struct_ref.pdbx_seq_one_letter_code   
;ADLEDNMETLNDNLKVIEKADNAAQVKDALTKMRAAALDAQKATPPKLEDKSPDSPEMKDFRHGFDILVGQIDDALKLAN
EGKVKEAQAAAEQLKTTRNAYHQKYR
;
_struct_ref.pdbx_align_begin           23 
# 
_struct_ref_seq.align_id                      1 
_struct_ref_seq.ref_id                        1 
_struct_ref_seq.pdbx_PDB_id_code              7RWU 
_struct_ref_seq.pdbx_strand_id                A 
_struct_ref_seq.seq_align_beg                 1 
_struct_ref_seq.pdbx_seq_align_beg_ins_code   ? 
_struct_ref_seq.seq_align_end                 106 
_struct_ref_seq.pdbx_seq_align_end_ins_code   ? 
_struct_ref_seq.pdbx_db_accession             P0ABE7 
_struct_ref_seq.db_align_beg                  23 
_struct_ref_seq.pdbx_db_align_beg_ins_code    ? 
_struct_ref_seq.db_align_end                  128 
_struct_ref_seq.pdbx_db_align_end_ins_code    ? 
_struct_ref_seq.pdbx_auth_seq_align_beg       1 
_struct_ref_seq.pdbx_auth_seq_align_end       106 
# 
loop_
_struct_ref_seq_dif.align_id 
_struct_ref_seq_dif.pdbx_pdb_id_code 
_struct_ref_seq_dif.mon_id 
_struct_ref_seq_dif.pdbx_pdb_strand_id 
_struct_ref_seq_dif.seq_num 
_struct_ref_seq_dif.pdbx_pdb_ins_code 
_struct_ref_seq_dif.pdbx_seq_db_name 
_struct_ref_seq_dif.pdbx_seq_db_accession_code 
_struct_ref_seq_dif.db_mon_id 
_struct_ref_seq_dif.pdbx_seq_db_seq_num 
_struct_ref_seq_dif.details 
_struct_ref_seq_dif.pdbx_auth_seq_num 
_struct_ref_seq_dif.pdbx_ordinal 
1 7RWU ALA A 34  ? UNP P0ABE7 ARG 56  'engineered mutation' 34  1  
1 7RWU ALA A 38  ? UNP P0ABE7 LEU 60  'engineered mutation' 38  2  
1 7RWU TRP A 41  ? UNP P0ABE7 GLN 63  'engineered mutation' 41  3  
1 7RWU SER A 42  ? UNP P0ABE7 LYS 64  'engineered mutation' 42  4  
1 7RWU HIS A 59  ? UNP P0ABE7 LYS 81  'engineered mutation' 59  5  
1 7RWU TRP A 66  ? UNP P0ABE7 ASP 88  'engineered mutation' 66  6  
1 7RWU ILE A 69  ? UNP P0ABE7 VAL 91  'engineered mutation' 69  7  
1 7RWU HIS A 73  ? UNP P0ABE7 ASP 95  'engineered mutation' 73  8  
1 7RWU ALA A 74  ? UNP P0ABE7 ASP 96  'engineered mutation' 74  9  
1 7RWU HIS A 77  ? UNP P0ABE7 LYS 99  'engineered mutation' 77  10 
1 7RWU CYS A 96  ? UNP P0ABE7 THR 118 'engineered mutation' 96  11 
1 7RWU CYS A 98  ? UNP P0ABE7 ARG 120 'engineered mutation' 98  12 
1 7RWU CYS A 101 ? UNP P0ABE7 TYR 123 'engineered mutation' 101 13 
# 
loop_
_chem_comp.id 
_chem_comp.type 
_chem_comp.mon_nstd_flag 
_chem_comp.name 
_chem_comp.pdbx_synonyms 
_chem_comp.formula 
_chem_comp.formula_weight 
ALA 'L-peptide linking' y ALANINE                                  ?             'C3 H7 N O2'       89.093  
ARG 'L-peptide linking' y ARGININE                                 ?             'C6 H15 N4 O2 1'   175.209 
ASN 'L-peptide linking' y ASPARAGINE                               ?             'C4 H8 N2 O3'      132.118 
ASP 'L-peptide linking' y 'ASPARTIC ACID'                          ?             'C4 H7 N O4'       133.103 
CL  non-polymer         . 'CHLORIDE ION'                           ?             'Cl -1'            35.453  
CYS 'L-peptide linking' y CYSTEINE                                 ?             'C3 H7 N O2 S'     121.158 
GLN 'L-peptide linking' y GLUTAMINE                                ?             'C5 H10 N2 O3'     146.144 
GLU 'L-peptide linking' y 'GLUTAMIC ACID'                          ?             'C5 H9 N O4'       147.129 
GLY 'peptide linking'   y GLYCINE                                  ?             'C2 H5 N O2'       75.067  
HEC non-polymer         . 'HEME C'                                 ?             'C34 H34 Fe N4 O4' 618.503 
HIS 'L-peptide linking' y HISTIDINE                                ?             'C6 H10 N3 O2 1'   156.162 
HOH non-polymer         . WATER                                    ?             'H2 O'             18.015  
ILE 'L-peptide linking' y ISOLEUCINE                               ?             'C6 H13 N O2'      131.173 
LEU 'L-peptide linking' y LEUCINE                                  ?             'C6 H13 N O2'      131.173 
LYS 'L-peptide linking' y LYSINE                                   ?             'C6 H15 N2 O2 1'   147.195 
MET 'L-peptide linking' y METHIONINE                               ?             'C5 H11 N O2 S'    149.211 
NI  non-polymer         . 'NICKEL (II) ION'                        ?             'Ni 2'             58.693  
PHE 'L-peptide linking' y PHENYLALANINE                            ?             'C9 H11 N O2'      165.189 
PRO 'L-peptide linking' y PROLINE                                  ?             'C5 H9 N O2'       115.130 
SER 'L-peptide linking' y SERINE                                   ?             'C3 H7 N O3'       105.093 
THR 'L-peptide linking' y THREONINE                                ?             'C4 H9 N O3'       119.119 
TRP 'L-peptide linking' y TRYPTOPHAN                               ?             'C11 H12 N2 O2'    204.225 
TRS non-polymer         . 2-AMINO-2-HYDROXYMETHYL-PROPANE-1,3-DIOL 'TRIS BUFFER' 'C4 H12 N O3 1'    122.143 
TYR 'L-peptide linking' y TYROSINE                                 ?             'C9 H11 N O3'      181.189 
VAL 'L-peptide linking' y VALINE                                   ?             'C5 H11 N O2'      117.146 
# 
_exptl.absorpt_coefficient_mu     ? 
_exptl.absorpt_correction_T_max   ? 
_exptl.absorpt_correction_T_min   ? 
_exptl.absorpt_correction_type    ? 
_exptl.absorpt_process_details    ? 
_exptl.entry_id                   7RWU 
_exptl.crystals_number            1 
_exptl.details                    ? 
_exptl.method                     'X-RAY DIFFRACTION' 
_exptl.method_details             ? 
# 
_exptl_crystal.colour                      ? 
_exptl_crystal.density_diffrn              ? 
_exptl_crystal.density_Matthews            2.99 
_exptl_crystal.density_method              ? 
_exptl_crystal.density_percent_sol         58.91 
_exptl_crystal.description                 ? 
_exptl_crystal.F_000                       ? 
_exptl_crystal.id                          1 
_exptl_crystal.preparation                 ? 
_exptl_crystal.size_max                    ? 
_exptl_crystal.size_mid                    ? 
_exptl_crystal.size_min                    ? 
_exptl_crystal.size_rad                    ? 
_exptl_crystal.colour_lustre               ? 
_exptl_crystal.colour_modifier             ? 
_exptl_crystal.colour_primary              ? 
_exptl_crystal.density_meas                ? 
_exptl_crystal.density_meas_esd            ? 
_exptl_crystal.density_meas_gt             ? 
_exptl_crystal.density_meas_lt             ? 
_exptl_crystal.density_meas_temp           ? 
_exptl_crystal.density_meas_temp_esd       ? 
_exptl_crystal.density_meas_temp_gt        ? 
_exptl_crystal.density_meas_temp_lt        ? 
_exptl_crystal.pdbx_crystal_image_url      ? 
_exptl_crystal.pdbx_crystal_image_format   ? 
_exptl_crystal.pdbx_mosaicity              ? 
_exptl_crystal.pdbx_mosaicity_esd          ? 
# 
_exptl_crystal_grow.apparatus       ? 
_exptl_crystal_grow.atmosphere      ? 
_exptl_crystal_grow.crystal_id      1 
_exptl_crystal_grow.details         ? 
_exptl_crystal_grow.method          'VAPOR DIFFUSION, SITTING DROP' 
_exptl_crystal_grow.method_ref      ? 
_exptl_crystal_grow.pH              8.5 
_exptl_crystal_grow.pressure        ? 
_exptl_crystal_grow.pressure_esd    ? 
_exptl_crystal_grow.seeding         ? 
_exptl_crystal_grow.seeding_ref     ? 
_exptl_crystal_grow.temp            295 
_exptl_crystal_grow.temp_details    ? 
_exptl_crystal_grow.temp_esd        ? 
_exptl_crystal_grow.time            ? 
_exptl_crystal_grow.pdbx_details    '45% MPD, 0.1 M Tris, 0.2 M MgCl2' 
_exptl_crystal_grow.pdbx_pH_range   ? 
# 
_diffrn.ambient_environment              ? 
_diffrn.ambient_temp                     80 
_diffrn.ambient_temp_details             ? 
_diffrn.ambient_temp_esd                 ? 
_diffrn.crystal_id                       1 
_diffrn.crystal_support                  ? 
_diffrn.crystal_treatment                ? 
_diffrn.details                          ? 
_diffrn.id                               1 
_diffrn.ambient_pressure                 ? 
_diffrn.ambient_pressure_esd             ? 
_diffrn.ambient_pressure_gt              ? 
_diffrn.ambient_pressure_lt              ? 
_diffrn.ambient_temp_gt                  ? 
_diffrn.ambient_temp_lt                  ? 
_diffrn.pdbx_serial_crystal_experiment   N 
# 
_diffrn_detector.details                      ? 
_diffrn_detector.detector                     PIXEL 
_diffrn_detector.diffrn_id                    1 
_diffrn_detector.type                         'DECTRIS PILATUS 6M' 
_diffrn_detector.area_resol_mean              ? 
_diffrn_detector.dtime                        ? 
_diffrn_detector.pdbx_frames_total            ? 
_diffrn_detector.pdbx_collection_time_total   ? 
_diffrn_detector.pdbx_collection_date         2021-07-21 
_diffrn_detector.pdbx_frequency               ? 
# 
_diffrn_radiation.collimation                      ? 
_diffrn_radiation.diffrn_id                        1 
_diffrn_radiation.filter_edge                      ? 
_diffrn_radiation.inhomogeneity                    ? 
_diffrn_radiation.monochromator                    ? 
_diffrn_radiation.polarisn_norm                    ? 
_diffrn_radiation.polarisn_ratio                   ? 
_diffrn_radiation.probe                            ? 
_diffrn_radiation.type                             ? 
_diffrn_radiation.xray_symbol                      ? 
_diffrn_radiation.wavelength_id                    1 
_diffrn_radiation.pdbx_monochromatic_or_laue_m_l   M 
_diffrn_radiation.pdbx_wavelength_list             ? 
_diffrn_radiation.pdbx_wavelength                  ? 
_diffrn_radiation.pdbx_diffrn_protocol             'SINGLE WAVELENGTH' 
_diffrn_radiation.pdbx_analyzer                    ? 
_diffrn_radiation.pdbx_scattering_type             x-ray 
# 
_diffrn_radiation_wavelength.id           1 
_diffrn_radiation_wavelength.wavelength   0.97946 
_diffrn_radiation_wavelength.wt           1.0 
# 
_diffrn_source.current                     ? 
_diffrn_source.details                     ? 
_diffrn_source.diffrn_id                   1 
_diffrn_source.power                       ? 
_diffrn_source.size                        ? 
_diffrn_source.source                      SYNCHROTRON 
_diffrn_source.target                      ? 
_diffrn_source.type                        'SSRL BEAMLINE BL9-2' 
_diffrn_source.voltage                     ? 
_diffrn_source.take-off_angle              ? 
_diffrn_source.pdbx_wavelength_list        0.97946 
_diffrn_source.pdbx_wavelength             ? 
_diffrn_source.pdbx_synchrotron_beamline   BL9-2 
_diffrn_source.pdbx_synchrotron_site       SSRL 
# 
_reflns.B_iso_Wilson_estimate                          18.96 
_reflns.entry_id                                       7RWU 
_reflns.data_reduction_details                         ? 
_reflns.data_reduction_method                          ? 
_reflns.d_resolution_high                              1.80 
_reflns.d_resolution_low                               42.15 
_reflns.details                                        ? 
_reflns.limit_h_max                                    ? 
_reflns.limit_h_min                                    ? 
_reflns.limit_k_max                                    ? 
_reflns.limit_k_min                                    ? 
_reflns.limit_l_max                                    ? 
_reflns.limit_l_min                                    ? 
_reflns.number_all                                     ? 
_reflns.number_obs                                     25101 
_reflns.observed_criterion                             ? 
_reflns.observed_criterion_F_max                       ? 
_reflns.observed_criterion_F_min                       ? 
_reflns.observed_criterion_I_max                       ? 
_reflns.observed_criterion_I_min                       ? 
_reflns.observed_criterion_sigma_F                     ? 
_reflns.observed_criterion_sigma_I                     ? 
_reflns.percent_possible_obs                           99.99 
_reflns.R_free_details                                 ? 
_reflns.Rmerge_F_all                                   ? 
_reflns.Rmerge_F_obs                                   ? 
_reflns.Friedel_coverage                               ? 
_reflns.number_gt                                      ? 
_reflns.threshold_expression                           ? 
_reflns.pdbx_redundancy                                68.0 
_reflns.pdbx_Rmerge_I_obs                              0.069 
_reflns.pdbx_Rmerge_I_all                              ? 
_reflns.pdbx_Rsym_value                                ? 
_reflns.pdbx_netI_over_av_sigmaI                       ? 
_reflns.pdbx_netI_over_sigmaI                          58.1 
_reflns.pdbx_res_netI_over_av_sigmaI_2                 ? 
_reflns.pdbx_res_netI_over_sigmaI_2                    ? 
_reflns.pdbx_chi_squared                               ? 
_reflns.pdbx_scaling_rejects                           ? 
_reflns.pdbx_d_res_high_opt                            ? 
_reflns.pdbx_d_res_low_opt                             ? 
_reflns.pdbx_d_res_opt_method                          ? 
_reflns.phase_calculation_details                      ? 
_reflns.pdbx_Rrim_I_all                                0.070 
_reflns.pdbx_Rpim_I_all                                0.011 
_reflns.pdbx_d_opt                                     ? 
_reflns.pdbx_number_measured_all                       ? 
_reflns.pdbx_diffrn_id                                 1 
_reflns.pdbx_ordinal                                   1 
_reflns.pdbx_CC_half                                   1.00 
_reflns.pdbx_CC_star                                   ? 
_reflns.pdbx_R_split                                   ? 
_reflns.pdbx_aniso_diffraction_limit_axis_1_ortho[1]   ? 
_reflns.pdbx_aniso_diffraction_limit_axis_1_ortho[2]   ? 
_reflns.pdbx_aniso_diffraction_limit_axis_1_ortho[3]   ? 
_reflns.pdbx_aniso_diffraction_limit_axis_2_ortho[1]   ? 
_reflns.pdbx_aniso_diffraction_limit_axis_2_ortho[2]   ? 
_reflns.pdbx_aniso_diffraction_limit_axis_2_ortho[3]   ? 
_reflns.pdbx_aniso_diffraction_limit_axis_3_ortho[1]   ? 
_reflns.pdbx_aniso_diffraction_limit_axis_3_ortho[2]   ? 
_reflns.pdbx_aniso_diffraction_limit_axis_3_ortho[3]   ? 
_reflns.pdbx_aniso_diffraction_limit_1                 ? 
_reflns.pdbx_aniso_diffraction_limit_2                 ? 
_reflns.pdbx_aniso_diffraction_limit_3                 ? 
_reflns.pdbx_aniso_B_tensor_eigenvector_1_ortho[1]     ? 
_reflns.pdbx_aniso_B_tensor_eigenvector_1_ortho[2]     ? 
_reflns.pdbx_aniso_B_tensor_eigenvector_1_ortho[3]     ? 
_reflns.pdbx_aniso_B_tensor_eigenvector_2_ortho[1]     ? 
_reflns.pdbx_aniso_B_tensor_eigenvector_2_ortho[2]     ? 
_reflns.pdbx_aniso_B_tensor_eigenvector_2_ortho[3]     ? 
_reflns.pdbx_aniso_B_tensor_eigenvector_3_ortho[1]     ? 
_reflns.pdbx_aniso_B_tensor_eigenvector_3_ortho[2]     ? 
_reflns.pdbx_aniso_B_tensor_eigenvector_3_ortho[3]     ? 
_reflns.pdbx_aniso_B_tensor_eigenvalue_1               ? 
_reflns.pdbx_aniso_B_tensor_eigenvalue_2               ? 
_reflns.pdbx_aniso_B_tensor_eigenvalue_3               ? 
_reflns.pdbx_orthogonalization_convention              ? 
_reflns.pdbx_percent_possible_ellipsoidal              ? 
_reflns.pdbx_percent_possible_spherical                ? 
_reflns.pdbx_percent_possible_ellipsoidal_anomalous    ? 
_reflns.pdbx_percent_possible_spherical_anomalous      ? 
_reflns.pdbx_redundancy_anomalous                      ? 
_reflns.pdbx_CC_half_anomalous                         ? 
_reflns.pdbx_absDiff_over_sigma_anomalous              ? 
_reflns.pdbx_percent_possible_anomalous                ? 
_reflns.pdbx_observed_signal_threshold                 ? 
_reflns.pdbx_signal_type                               ? 
_reflns.pdbx_signal_details                            ? 
_reflns.pdbx_signal_software_id                        ? 
# 
_reflns_shell.d_res_high                                    1.80 
_reflns_shell.d_res_low                                     1.80 
_reflns_shell.meanI_over_sigI_all                           ? 
_reflns_shell.meanI_over_sigI_obs                           ? 
_reflns_shell.number_measured_all                           ? 
_reflns_shell.number_measured_obs                           ? 
_reflns_shell.number_possible                               ? 
_reflns_shell.number_unique_all                             ? 
_reflns_shell.number_unique_obs                             1344 
_reflns_shell.percent_possible_all                          ? 
_reflns_shell.percent_possible_obs                          ? 
_reflns_shell.Rmerge_F_all                                  ? 
_reflns_shell.Rmerge_F_obs                                  ? 
_reflns_shell.Rmerge_I_all                                  ? 
_reflns_shell.Rmerge_I_obs                                  0.191 
_reflns_shell.meanI_over_sigI_gt                            ? 
_reflns_shell.meanI_over_uI_all                             ? 
_reflns_shell.meanI_over_uI_gt                              ? 
_reflns_shell.number_measured_gt                            ? 
_reflns_shell.number_unique_gt                              ? 
_reflns_shell.percent_possible_gt                           ? 
_reflns_shell.Rmerge_F_gt                                   ? 
_reflns_shell.Rmerge_I_gt                                   ? 
_reflns_shell.pdbx_redundancy                               ? 
_reflns_shell.pdbx_Rsym_value                               ? 
_reflns_shell.pdbx_chi_squared                              ? 
_reflns_shell.pdbx_netI_over_sigmaI_all                     ? 
_reflns_shell.pdbx_netI_over_sigmaI_obs                     ? 
_reflns_shell.pdbx_Rrim_I_all                               0.193 
_reflns_shell.pdbx_Rpim_I_all                               0.032 
_reflns_shell.pdbx_rejects                                  ? 
_reflns_shell.pdbx_ordinal                                  1 
_reflns_shell.pdbx_diffrn_id                                1 
_reflns_shell.pdbx_CC_half                                  0.998 
_reflns_shell.pdbx_CC_star                                  ? 
_reflns_shell.pdbx_R_split                                  ? 
_reflns_shell.pdbx_percent_possible_ellipsoidal             ? 
_reflns_shell.pdbx_percent_possible_spherical               ? 
_reflns_shell.pdbx_percent_possible_ellipsoidal_anomalous   ? 
_reflns_shell.pdbx_percent_possible_spherical_anomalous     ? 
_reflns_shell.pdbx_redundancy_anomalous                     ? 
_reflns_shell.pdbx_CC_half_anomalous                        ? 
_reflns_shell.pdbx_absDiff_over_sigma_anomalous             ? 
_reflns_shell.pdbx_percent_possible_anomalous               ? 
# 
_refine.aniso_B[1][1]                            ? 
_refine.aniso_B[1][2]                            ? 
_refine.aniso_B[1][3]                            ? 
_refine.aniso_B[2][2]                            ? 
_refine.aniso_B[2][3]                            ? 
_refine.aniso_B[3][3]                            ? 
_refine.B_iso_max                                ? 
_refine.B_iso_mean                               23.60 
_refine.B_iso_min                                ? 
_refine.correlation_coeff_Fo_to_Fc               ? 
_refine.correlation_coeff_Fo_to_Fc_free          ? 
_refine.details                                  ? 
_refine.diff_density_max                         ? 
_refine.diff_density_max_esd                     ? 
_refine.diff_density_min                         ? 
_refine.diff_density_min_esd                     ? 
_refine.diff_density_rms                         ? 
_refine.diff_density_rms_esd                     ? 
_refine.entry_id                                 7RWU 
_refine.pdbx_refine_id                           'X-RAY DIFFRACTION' 
_refine.ls_abs_structure_details                 ? 
_refine.ls_abs_structure_Flack                   ? 
_refine.ls_abs_structure_Flack_esd               ? 
_refine.ls_abs_structure_Rogers                  ? 
_refine.ls_abs_structure_Rogers_esd              ? 
_refine.ls_d_res_high                            1.80 
_refine.ls_d_res_low                             42.15 
_refine.ls_extinction_coef                       ? 
_refine.ls_extinction_coef_esd                   ? 
_refine.ls_extinction_expression                 ? 
_refine.ls_extinction_method                     ? 
_refine.ls_goodness_of_fit_all                   ? 
_refine.ls_goodness_of_fit_all_esd               ? 
_refine.ls_goodness_of_fit_obs                   ? 
_refine.ls_goodness_of_fit_obs_esd               ? 
_refine.ls_hydrogen_treatment                    ? 
_refine.ls_matrix_type                           ? 
_refine.ls_number_constraints                    ? 
_refine.ls_number_parameters                     ? 
_refine.ls_number_reflns_all                     ? 
_refine.ls_number_reflns_obs                     25101 
_refine.ls_number_reflns_R_free                  1247 
_refine.ls_number_reflns_R_work                  23854 
_refine.ls_number_restraints                     ? 
_refine.ls_percent_reflns_obs                    100.00 
_refine.ls_percent_reflns_R_free                 4.97 
_refine.ls_R_factor_all                          ? 
_refine.ls_R_factor_obs                          0.1654 
_refine.ls_R_factor_R_free                       0.1892 
_refine.ls_R_factor_R_free_error                 ? 
_refine.ls_R_factor_R_free_error_details         ? 
_refine.ls_R_factor_R_work                       0.1641 
_refine.ls_R_Fsqd_factor_obs                     ? 
_refine.ls_R_I_factor_obs                        ? 
_refine.ls_redundancy_reflns_all                 ? 
_refine.ls_redundancy_reflns_obs                 ? 
_refine.ls_restrained_S_all                      ? 
_refine.ls_restrained_S_obs                      ? 
_refine.ls_shift_over_esd_max                    ? 
_refine.ls_shift_over_esd_mean                   ? 
_refine.ls_structure_factor_coef                 ? 
_refine.ls_weighting_details                     ? 
_refine.ls_weighting_scheme                      ? 
_refine.ls_wR_factor_all                         ? 
_refine.ls_wR_factor_obs                         ? 
_refine.ls_wR_factor_R_free                      ? 
_refine.ls_wR_factor_R_work                      ? 
_refine.occupancy_max                            ? 
_refine.occupancy_min                            ? 
_refine.solvent_model_details                    'FLAT BULK SOLVENT MODEL' 
_refine.solvent_model_param_bsol                 ? 
_refine.solvent_model_param_ksol                 ? 
_refine.pdbx_R_complete                          ? 
_refine.ls_R_factor_gt                           ? 
_refine.ls_goodness_of_fit_gt                    ? 
_refine.ls_goodness_of_fit_ref                   ? 
_refine.ls_shift_over_su_max                     ? 
_refine.ls_shift_over_su_max_lt                  ? 
_refine.ls_shift_over_su_mean                    ? 
_refine.ls_shift_over_su_mean_lt                 ? 
_refine.pdbx_ls_sigma_I                          ? 
_refine.pdbx_ls_sigma_F                          1.42 
_refine.pdbx_ls_sigma_Fsqd                       ? 
_refine.pdbx_data_cutoff_high_absF               ? 
_refine.pdbx_data_cutoff_high_rms_absF           ? 
_refine.pdbx_data_cutoff_low_absF                ? 
_refine.pdbx_isotropic_thermal_model             ? 
_refine.pdbx_ls_cross_valid_method               'FREE R-VALUE' 
_refine.pdbx_method_to_determine_struct          'MOLECULAR REPLACEMENT' 
_refine.pdbx_starting_model                      2bc5 
_refine.pdbx_stereochemistry_target_values       'GeoStd + Monomer Library + CDL v1.2' 
_refine.pdbx_R_Free_selection_details            ? 
_refine.pdbx_stereochem_target_val_spec_case     ? 
_refine.pdbx_overall_ESU_R                       ? 
_refine.pdbx_overall_ESU_R_Free                  ? 
_refine.pdbx_solvent_vdw_probe_radii             1.1100 
_refine.pdbx_solvent_ion_probe_radii             ? 
_refine.pdbx_solvent_shrinkage_radii             0.9000 
_refine.pdbx_real_space_R                        ? 
_refine.pdbx_density_correlation                 ? 
_refine.pdbx_pd_number_of_powder_patterns        ? 
_refine.pdbx_pd_number_of_points                 ? 
_refine.pdbx_pd_meas_number_of_points            ? 
_refine.pdbx_pd_proc_ls_prof_R_factor            ? 
_refine.pdbx_pd_proc_ls_prof_wR_factor           ? 
_refine.pdbx_pd_Marquardt_correlation_coeff      ? 
_refine.pdbx_pd_Fsqrd_R_factor                   ? 
_refine.pdbx_pd_ls_matrix_band_width             ? 
_refine.pdbx_overall_phase_error                 18.8368 
_refine.pdbx_overall_SU_R_free_Cruickshank_DPI   ? 
_refine.pdbx_overall_SU_R_free_Blow_DPI          ? 
_refine.pdbx_overall_SU_R_Blow_DPI               ? 
_refine.pdbx_TLS_residual_ADP_flag               ? 
_refine.pdbx_diffrn_id                           1 
_refine.overall_SU_B                             ? 
_refine.overall_SU_ML                            0.1797 
_refine.overall_SU_R_Cruickshank_DPI             ? 
_refine.overall_SU_R_free                        ? 
_refine.overall_FOM_free_R_set                   ? 
_refine.overall_FOM_work_R_set                   ? 
_refine.pdbx_average_fsc_overall                 ? 
_refine.pdbx_average_fsc_work                    ? 
_refine.pdbx_average_fsc_free                    ? 
# 
_refine_hist.pdbx_refine_id                   'X-RAY DIFFRACTION' 
_refine_hist.cycle_id                         LAST 
_refine_hist.details                          ? 
_refine_hist.d_res_high                       1.80 
_refine_hist.d_res_low                        42.15 
_refine_hist.number_atoms_solvent             173 
_refine_hist.number_atoms_total               1043 
_refine_hist.number_reflns_all                ? 
_refine_hist.number_reflns_obs                ? 
_refine_hist.number_reflns_R_free             ? 
_refine_hist.number_reflns_R_work             ? 
_refine_hist.R_factor_all                     ? 
_refine_hist.R_factor_obs                     ? 
_refine_hist.R_factor_R_free                  ? 
_refine_hist.R_factor_R_work                  ? 
_refine_hist.pdbx_number_residues_total       ? 
_refine_hist.pdbx_B_iso_mean_ligand           ? 
_refine_hist.pdbx_B_iso_mean_solvent          ? 
_refine_hist.pdbx_number_atoms_protein        815 
_refine_hist.pdbx_number_atoms_nucleic_acid   0 
_refine_hist.pdbx_number_atoms_ligand         55 
_refine_hist.pdbx_number_atoms_lipid          ? 
_refine_hist.pdbx_number_atoms_carb           ? 
_refine_hist.pdbx_pseudo_atom_details         ? 
# 
loop_
_refine_ls_restr.pdbx_refine_id 
_refine_ls_restr.criterion 
_refine_ls_restr.dev_ideal 
_refine_ls_restr.dev_ideal_target 
_refine_ls_restr.number 
_refine_ls_restr.rejects 
_refine_ls_restr.type 
_refine_ls_restr.weight 
_refine_ls_restr.pdbx_restraint_function 
'X-RAY DIFFRACTION' ? 0.0102  ? 936  ? f_bond_d           ? ? 
'X-RAY DIFFRACTION' ? 0.9940  ? 1289 ? f_angle_d          ? ? 
'X-RAY DIFFRACTION' ? 0.0493  ? 131  ? f_chiral_restr     ? ? 
'X-RAY DIFFRACTION' ? 0.0051  ? 169  ? f_plane_restr      ? ? 
'X-RAY DIFFRACTION' ? 22.0873 ? 345  ? f_dihedral_angle_d ? ? 
# 
loop_
_refine_ls_shell.pdbx_refine_id 
_refine_ls_shell.d_res_high 
_refine_ls_shell.d_res_low 
_refine_ls_shell.number_reflns_all 
_refine_ls_shell.number_reflns_obs 
_refine_ls_shell.number_reflns_R_free 
_refine_ls_shell.number_reflns_R_work 
_refine_ls_shell.percent_reflns_obs 
_refine_ls_shell.percent_reflns_R_free 
_refine_ls_shell.R_factor_all 
_refine_ls_shell.R_factor_obs 
_refine_ls_shell.R_factor_R_free 
_refine_ls_shell.R_factor_R_free_error 
_refine_ls_shell.R_factor_R_work 
_refine_ls_shell.redundancy_reflns_all 
_refine_ls_shell.redundancy_reflns_obs 
_refine_ls_shell.wR_factor_all 
_refine_ls_shell.wR_factor_obs 
_refine_ls_shell.wR_factor_R_free 
_refine_ls_shell.wR_factor_R_work 
_refine_ls_shell.pdbx_R_complete 
_refine_ls_shell.pdbx_total_number_of_bins_used 
_refine_ls_shell.pdbx_phase_error 
_refine_ls_shell.pdbx_fsc_work 
_refine_ls_shell.pdbx_fsc_free 
'X-RAY DIFFRACTION' 1.80 1.87  . . 143 2638 100.00 . . . 0.2643 . 0.2068 . . . . . . . . . . . 
'X-RAY DIFFRACTION' 1.87 1.96  . . 135 2662 100.00 . . . 0.2032 . 0.1724 . . . . . . . . . . . 
'X-RAY DIFFRACTION' 1.96 2.06  . . 137 2647 100.00 . . . 0.2151 . 0.1628 . . . . . . . . . . . 
'X-RAY DIFFRACTION' 2.06 2.19  . . 184 2604 100.00 . . . 0.1798 . 0.1560 . . . . . . . . . . . 
'X-RAY DIFFRACTION' 2.19 2.36  . . 129 2656 100.00 . . . 0.2034 . 0.1648 . . . . . . . . . . . 
'X-RAY DIFFRACTION' 2.36 2.59  . . 123 2661 100.00 . . . 0.1883 . 0.1722 . . . . . . . . . . . 
'X-RAY DIFFRACTION' 2.60 2.97  . . 136 2650 100.00 . . . 0.2006 . 0.1600 . . . . . . . . . . . 
'X-RAY DIFFRACTION' 2.97 3.74  . . 127 2667 100.00 . . . 0.1434 . 0.1509 . . . . . . . . . . . 
'X-RAY DIFFRACTION' 3.75 42.15 . . 133 2669 100.00 . . . 0.1983 . 0.1662 . . . . . . . . . . . 
# 
_struct.entry_id                     7RWU 
_struct.title                        'Crystal structure of Ni-bound RIDC1 variant in the presence of reductant' 
_struct.pdbx_model_details           ? 
_struct.pdbx_formula_weight          ? 
_struct.pdbx_formula_weight_method   ? 
_struct.pdbx_model_type_details      ? 
_struct.pdbx_CASP_flag               N 
# 
_struct_keywords.entry_id        7RWU 
_struct_keywords.text            'METAL BINDING PROTEIN' 
_struct_keywords.pdbx_keywords   'METAL BINDING PROTEIN' 
# 
loop_
_struct_asym.id 
_struct_asym.pdbx_blank_PDB_chainid_flag 
_struct_asym.pdbx_modified 
_struct_asym.entity_id 
_struct_asym.details 
A N N 1 ? 
B N N 2 ? 
C N N 2 ? 
D N N 2 ? 
E N N 3 ? 
F N N 4 ? 
G N N 5 ? 
H N N 6 ? 
# 
loop_
_struct_conf.conf_type_id 
_struct_conf.id 
_struct_conf.pdbx_PDB_helix_id 
_struct_conf.beg_label_comp_id 
_struct_conf.beg_label_asym_id 
_struct_conf.beg_label_seq_id 
_struct_conf.pdbx_beg_PDB_ins_code 
_struct_conf.end_label_comp_id 
_struct_conf.end_label_asym_id 
_struct_conf.end_label_seq_id 
_struct_conf.pdbx_end_PDB_ins_code 
_struct_conf.beg_auth_comp_id 
_struct_conf.beg_auth_asym_id 
_struct_conf.beg_auth_seq_id 
_struct_conf.end_auth_comp_id 
_struct_conf.end_auth_asym_id 
_struct_conf.end_auth_seq_id 
_struct_conf.pdbx_PDB_helix_class 
_struct_conf.details 
_struct_conf.pdbx_PDB_helix_length 
HELX_P HELX_P1 AA1 ASP A 2  ? ALA A 20  ? ASP A 2  ALA A 20  1 ? 19 
HELX_P HELX_P2 AA2 ASN A 22 ? TRP A 41  ? ASN A 22 TRP A 41  1 ? 20 
HELX_P HELX_P3 AA3 PRO A 45 ? GLU A 49  ? PRO A 45 GLU A 49  5 ? 5  
HELX_P HELX_P4 AA4 SER A 55 ? GLU A 81  ? SER A 55 GLU A 81  1 ? 27 
HELX_P HELX_P5 AA5 LYS A 83 ? ARG A 106 ? LYS A 83 ARG A 106 1 ? 24 
# 
_struct_conf_type.id          HELX_P 
_struct_conf_type.criteria    ? 
_struct_conf_type.reference   ? 
# 
loop_
_struct_conn.id 
_struct_conn.conn_type_id 
_struct_conn.pdbx_leaving_atom_flag 
_struct_conn.pdbx_PDB_id 
_struct_conn.ptnr1_label_asym_id 
_struct_conn.ptnr1_label_comp_id 
_struct_conn.ptnr1_label_seq_id 
_struct_conn.ptnr1_label_atom_id 
_struct_conn.pdbx_ptnr1_label_alt_id 
_struct_conn.pdbx_ptnr1_PDB_ins_code 
_struct_conn.pdbx_ptnr1_standard_comp_id 
_struct_conn.ptnr1_symmetry 
_struct_conn.ptnr2_label_asym_id 
_struct_conn.ptnr2_label_comp_id 
_struct_conn.ptnr2_label_seq_id 
_struct_conn.ptnr2_label_atom_id 
_struct_conn.pdbx_ptnr2_label_alt_id 
_struct_conn.pdbx_ptnr2_PDB_ins_code 
_struct_conn.ptnr1_auth_asym_id 
_struct_conn.ptnr1_auth_comp_id 
_struct_conn.ptnr1_auth_seq_id 
_struct_conn.ptnr2_auth_asym_id 
_struct_conn.ptnr2_auth_comp_id 
_struct_conn.ptnr2_auth_seq_id 
_struct_conn.ptnr2_symmetry 
_struct_conn.pdbx_ptnr3_label_atom_id 
_struct_conn.pdbx_ptnr3_label_seq_id 
_struct_conn.pdbx_ptnr3_label_comp_id 
_struct_conn.pdbx_ptnr3_label_asym_id 
_struct_conn.pdbx_ptnr3_label_alt_id 
_struct_conn.pdbx_ptnr3_PDB_ins_code 
_struct_conn.details 
_struct_conn.pdbx_dist_value 
_struct_conn.pdbx_value_order 
_struct_conn.pdbx_role 
metalc1  metalc ? ? A ALA 1   N   ? ? ? 1_555 D NI  . NI ? ? A ALA 1   A NI  203 1_555 ? ? ? ? ? ? ? 2.024 ? ? 
metalc2  metalc ? ? A ALA 1   O   ? ? ? 1_555 D NI  . NI ? ? A ALA 1   A NI  203 1_555 ? ? ? ? ? ? ? 1.999 ? ? 
metalc3  metalc ? ? A MET 7   SD  ? ? ? 1_555 F HEC . FE ? ? A MET 7   A HEC 205 1_555 ? ? ? ? ? ? ? 2.380 ? ? 
metalc4  metalc ? ? A ASP 39  OD2 ? ? ? 1_555 D NI  . NI ? ? A ASP 39  A NI  203 1_555 ? ? ? ? ? ? ? 2.142 ? ? 
metalc5  metalc ? ? A HIS 59  NE2 ? ? ? 1_555 B NI  . NI ? ? A HIS 59  A NI  201 1_555 ? ? ? ? ? ? ? 2.068 ? ? 
metalc6  metalc ? ? A HIS 59  NE2 ? ? ? 1_555 B NI  . NI ? ? A HIS 59  A NI  201 8_544 ? ? ? ? ? ? ? 2.068 ? ? 
metalc7  metalc ? ? A HIS 63  NE2 ? ? ? 1_555 B NI  . NI ? ? A HIS 63  A NI  201 1_555 ? ? ? ? ? ? ? 2.137 ? ? 
metalc8  metalc ? ? A HIS 63  NE2 ? ? ? 1_555 B NI  . NI ? ? A HIS 63  A NI  201 8_544 ? ? ? ? ? ? ? 2.137 ? ? 
metalc9  metalc ? ? A HIS 73  NE2 ? ? ? 1_555 C NI  . NI ? ? A HIS 73  A NI  202 1_555 ? ? ? ? ? ? ? 2.125 ? ? 
metalc10 metalc ? ? A HIS 73  NE2 ? ? ? 1_555 C NI  . NI ? ? A HIS 73  A NI  202 8_544 ? ? ? ? ? ? ? 2.125 ? ? 
metalc11 metalc ? ? A HIS 77  NE2 ? ? ? 1_555 C NI  . NI ? ? A HIS 77  A NI  202 1_555 ? ? ? ? ? ? ? 2.135 ? ? 
metalc12 metalc ? ? A HIS 77  NE2 ? ? ? 1_555 C NI  . NI ? ? A HIS 77  A NI  202 8_544 ? ? ? ? ? ? ? 2.135 ? ? 
metalc13 metalc ? ? A HIS 102 NE2 ? ? ? 1_555 F HEC . FE ? ? A HIS 102 A HEC 205 1_555 ? ? ? ? ? ? ? 2.112 ? ? 
metalc14 metalc ? ? D NI  .   NI  ? ? ? 1_555 E TRS . O2 ? ? A NI  203 A TRS 204 1_555 ? ? ? ? ? ? ? 2.015 ? ? 
metalc15 metalc ? ? D NI  .   NI  ? ? ? 1_555 E TRS . N  ? ? A NI  203 A TRS 204 1_555 ? ? ? ? ? ? ? 2.074 ? ? 
metalc16 metalc ? ? D NI  .   NI  ? ? ? 1_555 E TRS . O3 ? ? A NI  203 A TRS 204 1_555 ? ? ? ? ? ? ? 2.166 ? ? 
# 
_struct_conn_type.id          metalc 
_struct_conn_type.criteria    ? 
_struct_conn_type.reference   ? 
# 
_atom_sites.entry_id                    7RWU 
_atom_sites.Cartn_transf_matrix[1][1]   ? 
_atom_sites.Cartn_transf_matrix[1][2]   ? 
_atom_sites.Cartn_transf_matrix[1][3]   ? 
_atom_sites.Cartn_transf_matrix[2][1]   ? 
_atom_sites.Cartn_transf_matrix[2][2]   ? 
_atom_sites.Cartn_transf_matrix[2][3]   ? 
_atom_sites.Cartn_transf_matrix[3][1]   ? 
_atom_sites.Cartn_transf_matrix[3][2]   ? 
_atom_sites.Cartn_transf_matrix[3][3]   ? 
_atom_sites.Cartn_transf_vector[1]      ? 
_atom_sites.Cartn_transf_vector[2]      ? 
_atom_sites.Cartn_transf_vector[3]      ? 
_atom_sites.fract_transf_matrix[1][1]   -0.00750328 
_atom_sites.fract_transf_matrix[1][2]   0.00608912 
_atom_sites.fract_transf_matrix[1][3]   -0.00437884 
_atom_sites.fract_transf_matrix[2][1]   0.00597565 
_atom_sites.fract_transf_matrix[2][2]   0.00859662 
_atom_sites.fract_transf_matrix[2][3]   0.00171482 
_atom_sites.fract_transf_matrix[3][1]   0.00453248 
_atom_sites.fract_transf_matrix[3][2]   -0.00125362 
_atom_sites.fract_transf_matrix[3][3]   -0.00950978 
_atom_sites.fract_transf_vector[1]      0.219966 
_atom_sites.fract_transf_vector[2]      -0.126863 
_atom_sites.fract_transf_vector[3]      -0.177468 
_atom_sites.solution_primary            ? 
_atom_sites.solution_secondary          ? 
_atom_sites.solution_hydrogens          ? 
_atom_sites.special_details             ? 
# 
loop_
_atom_type.symbol 
_atom_type.scat_dispersion_real 
_atom_type.scat_dispersion_imag 
_atom_type.scat_Cromer_Mann_a1 
_atom_type.scat_Cromer_Mann_a2 
_atom_type.scat_Cromer_Mann_a3 
_atom_type.scat_Cromer_Mann_a4 
_atom_type.scat_Cromer_Mann_b1 
_atom_type.scat_Cromer_Mann_b2 
_atom_type.scat_Cromer_Mann_b3 
_atom_type.scat_Cromer_Mann_b4 
_atom_type.scat_Cromer_Mann_c 
_atom_type.scat_source 
_atom_type.scat_dispersion_source 
C    ? ? 3.54356  2.42580 ? ? 25.62398 1.50364  ? ? 0.0 
;2-Gaussian fit: Grosse-Kunstleve RW, Sauter NK, Adams PD: Newsletter of the IUCr Commission on Crystallographic Computing 2004, 3, 22-31.
;
? 
CL   ? ? ?        ?       ? ? ?        ?        ? ? ?   ? ? 
CL1- ? ? 10.45091 7.48833 ? ? 1.54457  31.67128 ? ? 0.0 
;2-Gaussian fit: Grosse-Kunstleve RW, Sauter NK, Adams PD: Newsletter of the IUCr Commission on Crystallographic Computing 2004, 3, 22-31.
;
? 
FE   ? ? 20.90327 4.99816 ? ? 2.55100  38.46870 ? ? 0.0 
;2-Gaussian fit: Grosse-Kunstleve RW, Sauter NK, Adams PD: Newsletter of the IUCr Commission on Crystallographic Computing 2004, 3, 22-31.
;
? 
H    ? ? 0.51345  0.48472 ? ? 24.73122 6.32584  ? ? 0.0 
;2-Gaussian fit: Grosse-Kunstleve RW, Sauter NK, Adams PD: Newsletter of the IUCr Commission on Crystallographic Computing 2004, 3, 22-31.
;
? 
N    ? ? 4.01032  2.96436 ? ? 19.97189 1.75589  ? ? 0.0 
;2-Gaussian fit: Grosse-Kunstleve RW, Sauter NK, Adams PD: Newsletter of the IUCr Commission on Crystallographic Computing 2004, 3, 22-31.
;
? 
NI   ? ? 22.93579 4.97432 ? ? 2.39430  34.99046 ? ? 0.0 
;2-Gaussian fit: Grosse-Kunstleve RW, Sauter NK, Adams PD: Newsletter of the IUCr Commission on Crystallographic Computing 2004, 3, 22-31.
;
? 
O    ? ? 4.49882  3.47563 ? ? 15.80542 1.70748  ? ? 0.0 
;2-Gaussian fit: Grosse-Kunstleve RW, Sauter NK, Adams PD: Newsletter of the IUCr Commission on Crystallographic Computing 2004, 3, 22-31.
;
? 
S    ? ? 9.55732  6.39887 ? ? 1.23737  29.19336 ? ? 0.0 
;2-Gaussian fit: Grosse-Kunstleve RW, Sauter NK, Adams PD: Newsletter of the IUCr Commission on Crystallographic Computing 2004, 3, 22-31.
;
? 
# 
loop_
_atom_site.group_PDB 
_atom_site.id 
_atom_site.type_symbol 
_atom_site.label_atom_id 
_atom_site.label_alt_id 
_atom_site.label_comp_id 
_atom_site.label_asym_id 
_atom_site.label_entity_id 
_atom_site.label_seq_id 
_atom_site.pdbx_PDB_ins_code 
_atom_site.Cartn_x 
_atom_site.Cartn_y 
_atom_site.Cartn_z 
_atom_site.occupancy 
_atom_site.B_iso_or_equiv 
_atom_site.pdbx_formal_charge 
_atom_site.auth_seq_id 
_atom_site.auth_comp_id 
_atom_site.auth_asym_id 
_atom_site.auth_atom_id 
_atom_site.pdbx_PDB_model_num 
ATOM   1    N  N    . ALA A 1 1   ? 6.79170   0.21144   13.17559  1.000 18.86383 ?  1   ALA A N    1 
ATOM   2    C  CA   . ALA A 1 1   ? 7.67171   1.14664   12.46546  1.000 15.65647 ?  1   ALA A CA   1 
ATOM   3    C  C    . ALA A 1 1   ? 6.94451   2.46523   12.24461  1.000 14.60973 ?  1   ALA A C    1 
ATOM   4    O  O    . ALA A 1 1   ? 5.70472   2.53040   12.37186  1.000 16.84974 ?  1   ALA A O    1 
ATOM   5    C  CB   . ALA A 1 1   ? 8.12681   0.55312   11.12249  1.000 20.86440 ?  1   ALA A CB   1 
ATOM   6    N  N    . ASP A 1 2   ? 7.70222   3.52098   11.94791  1.000 14.68949 ?  2   ASP A N    1 
ATOM   7    C  CA   . ASP A 1 2   ? 7.04383   4.79573   11.74445  1.000 15.96693 ?  2   ASP A CA   1 
ATOM   8    C  C    . ASP A 1 2   ? 6.52873   4.90827   10.30560  1.000 15.22515 ?  2   ASP A C    1 
ATOM   9    O  O    . ASP A 1 2   ? 6.77817   4.05164   9.45574   1.000 14.87796 ?  2   ASP A O    1 
ATOM   10   C  CB   . ASP A 1 2   ? 7.96454   5.96152   12.14488  1.000 19.50511 ?  2   ASP A CB   1 
ATOM   11   C  CG   . ASP A 1 2   ? 9.12560   6.21574   11.18171  1.000 28.15370 ?  2   ASP A CG   1 
ATOM   12   O  OD1  . ASP A 1 2   ? 9.19613   5.66064   10.06189  1.000 19.81048 ?  2   ASP A OD1  1 
ATOM   13   O  OD2  . ASP A 1 2   ? 9.99090   7.03485   11.55873  1.000 32.52623 ?  2   ASP A OD2  1 
ATOM   14   N  N    A LEU A 1 3   ? 5.75689   5.96845   10.06384  0.290 16.90326 ?  3   LEU A N    1 
ATOM   15   N  N    B LEU A 1 3   ? 5.75987   5.96821   10.06083  0.710 16.85916 ?  3   LEU A N    1 
ATOM   16   C  CA   A LEU A 1 3   ? 5.07635   6.12378   8.78144   0.290 17.43620 ?  3   LEU A CA   1 
ATOM   17   C  CA   B LEU A 1 3   ? 5.07285   6.11164   8.78024   0.710 17.51512 ?  3   LEU A CA   1 
ATOM   18   C  C    A LEU A 1 3   ? 6.06451   6.12280   7.62192   0.290 15.63130 ?  3   LEU A C    1 
ATOM   19   C  C    B LEU A 1 3   ? 6.05617   6.13002   7.61476   0.710 15.58908 ?  3   LEU A C    1 
ATOM   20   O  O    A LEU A 1 3   ? 5.87220   5.41757   6.62283   0.290 16.06527 ?  3   LEU A O    1 
ATOM   21   O  O    B LEU A 1 3   ? 5.85267   5.44237   6.60356   0.710 16.20597 ?  3   LEU A O    1 
ATOM   22   C  CB   A LEU A 1 3   ? 4.25072   7.41082   8.79446   0.290 17.00741 ?  3   LEU A CB   1 
ATOM   23   C  CB   B LEU A 1 3   ? 4.22066   7.38085   8.80189   0.710 16.95042 ?  3   LEU A CB   1 
ATOM   24   C  CG   A LEU A 1 3   ? 3.39773   7.74170   7.57188   0.290 17.11354 ?  3   LEU A CG   1 
ATOM   25   C  CG   B LEU A 1 3   ? 3.23792   7.63879   7.66641   0.710 17.17853 ?  3   LEU A CG   1 
ATOM   26   C  CD1  A LEU A 1 3   ? 2.48039   6.58130   7.21921   0.290 16.38602 ?  3   LEU A CD1  1 
ATOM   27   C  CD1  B LEU A 1 3   ? 2.35456   6.42484   7.38943   0.710 16.29547 ?  3   LEU A CD1  1 
ATOM   28   C  CD2  A LEU A 1 3   ? 2.59205   9.00681   7.84722   0.290 19.36859 ?  3   LEU A CD2  1 
ATOM   29   C  CD2  B LEU A 1 3   ? 2.39362   8.85434   8.03359   0.710 19.59985 ?  3   LEU A CD2  1 
ATOM   30   N  N    . GLU A 1 4   ? 7.13559   6.90973   7.74208   1.000 13.54951 ?  4   GLU A N    1 
ATOM   31   C  CA   A GLU A 1 4   ? 8.10552   7.00941   6.65439   0.600 16.46349 ?  4   GLU A CA   1 
ATOM   32   C  CA   B GLU A 1 4   ? 8.08972   7.00517   6.64406   0.400 16.49458 ?  4   GLU A CA   1 
ATOM   33   C  C    . GLU A 1 4   ? 8.75337   5.66364   6.36785   1.000 16.01293 ?  4   GLU A C    1 
ATOM   34   O  O    . GLU A 1 4   ? 8.98544   5.31999   5.20927   1.000 14.19475 ?  4   GLU A O    1 
ATOM   35   C  CB   A GLU A 1 4   ? 9.18099   8.05188   6.98641   0.600 18.88150 ?  4   GLU A CB   1 
ATOM   36   C  CB   B GLU A 1 4   ? 9.13821   8.07481   6.94624   0.400 18.93735 ?  4   GLU A CB   1 
ATOM   37   C  CG   A GLU A 1 4   ? 8.70838   9.49390   6.89319   0.600 26.07743 ?  4   GLU A CG   1 
ATOM   38   C  CG   B GLU A 1 4   ? 9.92063   7.82840   8.21334   0.400 22.15507 ?  4   GLU A CG   1 
ATOM   39   C  CD   A GLU A 1 4   ? 9.83949   10.51251  7.06521   0.600 33.49916 ?  4   GLU A CD   1 
ATOM   40   C  CD   B GLU A 1 4   ? 10.71438  9.04434   8.63698   0.400 29.83559 ?  4   GLU A CD   1 
ATOM   41   O  OE1  A GLU A 1 4   ? 11.02780  10.11016  7.04462   0.600 17.91597 ?  4   GLU A OE1  1 
ATOM   42   O  OE1  B GLU A 1 4   ? 10.15004  9.90638   9.34366   0.400 19.79250 ?  4   GLU A OE1  1 
ATOM   43   O  OE2  A GLU A 1 4   ? 9.53200   11.71622  7.20812   0.600 35.24803 ?  4   GLU A OE2  1 
ATOM   44   O  OE2  B GLU A 1 4   ? 11.89563  9.14239   8.23613   0.400 29.10595 ?  4   GLU A OE2  1 
ATOM   45   N  N    . ASP A 1 5   ? 9.07011   4.89185   7.41237   1.000 12.58739 ?  5   ASP A N    1 
ATOM   46   C  CA   . ASP A 1 5   ? 9.67442   3.58790   7.16651   1.000 13.29383 ?  5   ASP A CA   1 
ATOM   47   C  C    . ASP A 1 5   ? 8.69563   2.66164   6.45480   1.000 12.04290 ?  5   ASP A C    1 
ATOM   48   O  O    . ASP A 1 5   ? 9.09016   1.90414   5.56189   1.000 11.25321 ?  5   ASP A O    1 
ATOM   49   C  CB   . ASP A 1 5   ? 10.14168  2.95234   8.48147   1.000 13.28769 ?  5   ASP A CB   1 
ATOM   50   C  CG   . ASP A 1 5   ? 11.43248  3.57923   9.00309   1.000 25.11763 ?  5   ASP A CG   1 
ATOM   51   O  OD1  . ASP A 1 5   ? 12.11287  4.26330   8.21832   1.000 25.20103 ?  5   ASP A OD1  1 
ATOM   52   O  OD2  . ASP A 1 5   ? 11.76251  3.37325   10.18844  1.000 28.72973 ?  5   ASP A OD2  1 
ATOM   53   N  N    . ASN A 1 6   ? 7.41724   2.69755   6.84975   1.000 12.59561 ?  6   ASN A N    1 
ATOM   54   C  CA   . ASN A 1 6   ? 6.42947   1.86626   6.15701   1.000 10.79998 ?  6   ASN A CA   1 
ATOM   55   C  C    . ASN A 1 6   ? 6.25898   2.31551   4.70684   1.000 11.39750 ?  6   ASN A C    1 
ATOM   56   O  O    . ASN A 1 6   ? 6.04973   1.48762   3.80613   1.000 12.09539 ?  6   ASN A O    1 
ATOM   57   C  CB   . ASN A 1 6   ? 5.10548   1.89675   6.90357   1.000 9.81664  ?  6   ASN A CB   1 
ATOM   58   C  CG   . ASN A 1 6   ? 5.15621   1.07217   8.19738   1.000 14.05286 ?  6   ASN A CG   1 
ATOM   59   O  OD1  . ASN A 1 6   ? 5.68176   -0.04083  8.22586   1.000 11.90854 ?  6   ASN A OD1  1 
ATOM   60   N  ND2  . ASN A 1 6   ? 4.61345   1.64005   9.26979   1.000 11.34712 ?  6   ASN A ND2  1 
ATOM   61   N  N    . MET A 1 7   ? 6.34127   3.63006   4.45444   1.000 10.43828 ?  7   MET A N    1 
ATOM   62   C  CA   . MET A 1 7   ? 6.22786   4.10551   3.07606   1.000 9.44659  ?  7   MET A CA   1 
ATOM   63   C  C    . MET A 1 7   ? 7.41914   3.64934   2.24162   1.000 13.12239 ?  7   MET A C    1 
ATOM   64   O  O    . MET A 1 7   ? 7.26240   3.29285   1.06540   1.000 10.83864 ?  7   MET A O    1 
ATOM   65   C  CB   . MET A 1 7   ? 6.08220   5.62786   3.03798   1.000 9.73185  ?  7   MET A CB   1 
ATOM   66   C  CG   . MET A 1 7   ? 4.76536   6.12037   3.62698   1.000 10.27645 ?  7   MET A CG   1 
ATOM   67   S  SD   . MET A 1 7   ? 3.38226   5.47579   2.61398   1.000 11.42866 ?  7   MET A SD   1 
ATOM   68   C  CE   . MET A 1 7   ? 2.10153   5.49844   3.82295   1.000 12.04530 ?  7   MET A CE   1 
ATOM   69   N  N    . GLU A 1 8   ? 8.61596   3.64846   2.82966   1.000 11.40294 ?  8   GLU A N    1 
ATOM   70   C  CA   A GLU A 1 8   ? 9.77493   3.12669   2.11447   0.480 13.70042 ?  8   GLU A CA   1 
ATOM   71   C  CA   B GLU A 1 8   ? 9.78497   3.11615   2.12623   0.520 13.70337 ?  8   GLU A CA   1 
ATOM   72   C  C    . GLU A 1 8   ? 9.57487   1.65447   1.76340   1.000 13.89876 ?  8   GLU A C    1 
ATOM   73   O  O    . GLU A 1 8   ? 9.91224   1.22556   0.65955   1.000 13.23619 ?  8   GLU A O    1 
ATOM   74   C  CB   A GLU A 1 8   ? 11.03945  3.35273   2.95502   0.480 16.18029 ?  8   GLU A CB   1 
ATOM   75   C  CB   B GLU A 1 8   ? 11.04995  3.26845   2.98223   0.520 16.14752 ?  8   GLU A CB   1 
ATOM   76   C  CG   A GLU A 1 8   ? 11.34727  4.84407   3.16978   0.480 20.90045 ?  8   GLU A CG   1 
ATOM   77   C  CG   B GLU A 1 8   ? 12.28219  2.60590   2.35283   0.520 16.09533 ?  8   GLU A CG   1 
ATOM   78   C  CD   A GLU A 1 8   ? 12.41364  5.10609   4.22793   0.480 31.62032 ?  8   GLU A CD   1 
ATOM   79   C  CD   B GLU A 1 8   ? 13.55881  2.77441   3.17991   0.520 27.26531 ?  8   GLU A CD   1 
ATOM   80   O  OE1  A GLU A 1 8   ? 12.69477  4.19031   5.02440   0.480 27.12898 ?  8   GLU A OE1  1 
ATOM   81   O  OE1  B GLU A 1 8   ? 13.48125  2.77372   4.42612   0.520 24.69268 ?  8   GLU A OE1  1 
ATOM   82   O  OE2  A GLU A 1 8   ? 12.96617  6.22736   4.27215   0.480 25.73318 ?  8   GLU A OE2  1 
ATOM   83   O  OE2  B GLU A 1 8   ? 14.63984  2.90556   2.57292   0.520 22.87766 ?  8   GLU A OE2  1 
ATOM   84   N  N    . THR A 1 9   ? 9.00098   0.86984   2.68135   1.000 11.87674 ?  9   THR A N    1 
ATOM   85   C  CA   . THR A 1 9   ? 8.73432   -0.53760  2.39153   1.000 11.87571 ?  9   THR A CA   1 
ATOM   86   C  C    . THR A 1 9   ? 7.73179   -0.67894  1.24874   1.000 11.50019 ?  9   THR A C    1 
ATOM   87   O  O    . THR A 1 9   ? 7.89479   -1.53492  0.36869   1.000 12.24472 ?  9   THR A O    1 
ATOM   88   C  CB   . THR A 1 9   ? 8.22219   -1.23807  3.65484   1.000 15.95387 ?  9   THR A CB   1 
ATOM   89   O  OG1  . THR A 1 9   ? 9.22343   -1.14611  4.68522   1.000 13.84493 ?  9   THR A OG1  1 
ATOM   90   C  CG2  . THR A 1 9   ? 7.89135   -2.71436  3.37691   1.000 15.67169 ?  9   THR A CG2  1 
ATOM   91   N  N    . LEU A 1 10  ? 6.67867   0.13662   1.26296   1.000 11.39712 ?  10  LEU A N    1 
ATOM   92   C  CA   . LEU A 1 10  ? 5.69907   0.10215   0.17847   1.000 8.81342  ?  10  LEU A CA   1 
ATOM   93   C  C    . LEU A 1 10  ? 6.36043   0.45967   -1.14607  1.000 12.61067 ?  10  LEU A C    1 
ATOM   94   O  O    . LEU A 1 10  ? 6.19145   -0.23456  -2.15778  1.000 13.05973 ?  10  LEU A O    1 
ATOM   95   C  CB   . LEU A 1 10  ? 4.55043   1.07207   0.48615   1.000 8.97489  ?  10  LEU A CB   1 
ATOM   96   C  CG   . LEU A 1 10  ? 3.56733   0.64562   1.58807   1.000 10.05483 ?  10  LEU A CG   1 
ATOM   97   C  CD1  . LEU A 1 10  ? 2.64025   1.80301   1.94121   1.000 10.68306 ?  10  LEU A CD1  1 
ATOM   98   C  CD2  . LEU A 1 10  ? 2.76102   -0.59521  1.09810   1.000 11.16542 ?  10  LEU A CD2  1 
ATOM   99   N  N    . ASN A 1 11  ? 7.15212   1.52983   -1.13946  1.000 9.74436  ?  11  ASN A N    1 
ATOM   100  C  CA   . ASN A 1 11  ? 7.80245   1.99291   -2.36148  1.000 10.62789 ?  11  ASN A CA   1 
ATOM   101  C  C    . ASN A 1 11  ? 8.76832   0.94128   -2.90301  1.000 15.35579 ?  11  ASN A C    1 
ATOM   102  O  O    . ASN A 1 11  ? 8.76978   0.62932   -4.10440  1.000 14.87400 ?  11  ASN A O    1 
ATOM   103  C  CB   . ASN A 1 11  ? 8.53427   3.30377   -2.06799  1.000 9.62840  ?  11  ASN A CB   1 
ATOM   104  C  CG   . ASN A 1 11  ? 8.91843   4.04059   -3.32795  1.000 18.01240 ?  11  ASN A CG   1 
ATOM   105  O  OD1  . ASN A 1 11  ? 8.07156   4.33494   -4.16122  1.000 22.84620 ?  11  ASN A OD1  1 
ATOM   106  N  ND2  . ASN A 1 11  ? 10.19006  4.36951   -3.45148  1.000 18.62320 ?  11  ASN A ND2  1 
ATOM   107  N  N    . ASP A 1 12  ? 9.59987   0.38390   -2.02137  1.000 10.67083 ?  12  ASP A N    1 
ATOM   108  C  CA   . ASP A 1 12  ? 10.59850  -0.58719  -2.45627  1.000 14.16745 ?  12  ASP A CA   1 
ATOM   109  C  C    . ASP A 1 12  ? 9.93802   -1.82133  -3.04155  1.000 17.56454 ?  12  ASP A C    1 
ATOM   110  O  O    . ASP A 1 12  ? 10.36566  -2.33585  -4.07994  1.000 14.96080 ?  12  ASP A O    1 
ATOM   111  C  CB   . ASP A 1 12  ? 11.48662  -1.00422  -1.29490  1.000 14.23554 ?  12  ASP A CB   1 
ATOM   112  C  CG   . ASP A 1 12  ? 12.47053  0.08773   -0.86802  1.000 21.22740 ?  12  ASP A CG   1 
ATOM   113  O  OD1  . ASP A 1 12  ? 12.57130  1.12154   -1.54455  1.000 25.16038 ?  12  ASP A OD1  1 
ATOM   114  O  OD2  . ASP A 1 12  ? 13.13837  -0.11083  0.16293   1.000 29.61825 ?  12  ASP A OD2  1 
ATOM   115  N  N    . ASN A 1 13  ? 8.89928   -2.31811  -2.38765  1.000 13.08965 ?  13  ASN A N    1 
ATOM   116  C  CA   . ASN A 1 13  ? 8.29718   -3.55698  -2.83733  1.000 13.97146 ?  13  ASN A CA   1 
ATOM   117  C  C    . ASN A 1 13  ? 7.42607   -3.38221  -4.07376  1.000 15.04286 ?  13  ASN A C    1 
ATOM   118  O  O    . ASN A 1 13  ? 7.27137   -4.33959  -4.84332  1.000 17.65301 ?  13  ASN A O    1 
ATOM   119  C  CB   . ASN A 1 13  ? 7.52836   -4.17875  -1.68118  1.000 13.38184 ?  13  ASN A CB   1 
ATOM   120  C  CG   . ASN A 1 13  ? 8.46651   -4.89535  -0.73115  1.000 16.65197 ?  13  ASN A CG   1 
ATOM   121  O  OD1  . ASN A 1 13  ? 8.95450   -5.96404  -1.04662  1.000 18.03328 ?  13  ASN A OD1  1 
ATOM   122  N  ND2  . ASN A 1 13  ? 8.77519   -4.27681  0.39620   1.000 14.06569 ?  13  ASN A ND2  1 
ATOM   123  N  N    . LEU A 1 14  ? 6.90152   -2.18198  -4.30734  1.000 12.49042 ?  14  LEU A N    1 
ATOM   124  C  CA   . LEU A 1 14  ? 6.24426   -1.93000  -5.58015  1.000 15.06321 ?  14  LEU A CA   1 
ATOM   125  C  C    . LEU A 1 14  ? 7.22750   -2.12117  -6.73383  1.000 18.91955 ?  14  LEU A C    1 
ATOM   126  O  O    . LEU A 1 14  ? 6.87205   -2.66289  -7.78089  1.000 20.74801 ?  14  LEU A O    1 
ATOM   127  C  CB   . LEU A 1 14  ? 5.64131   -0.52440  -5.57570  1.000 21.50318 ?  14  LEU A CB   1 
ATOM   128  C  CG   . LEU A 1 14  ? 4.46522   -0.16883  -6.46700  1.000 24.98444 ?  14  LEU A CG   1 
ATOM   129  C  CD1  . LEU A 1 14  ? 3.32949   -1.16449  -6.30615  1.000 23.73230 ?  14  LEU A CD1  1 
ATOM   130  C  CD2  . LEU A 1 14  ? 3.99896   1.26096   -6.13271  1.000 23.47566 ?  14  LEU A CD2  1 
ATOM   131  N  N    . LYS A 1 15  ? 8.48167   -1.70937  -6.54518  1.000 18.42339 ?  15  LYS A N    1 
ATOM   132  C  CA   . LYS A 1 15  ? 9.47821   -1.88210  -7.59674  1.000 20.41547 ?  15  LYS A CA   1 
ATOM   133  C  C    . LYS A 1 15  ? 9.87535   -3.34720  -7.74294  1.000 24.33702 ?  15  LYS A C    1 
ATOM   134  O  O    . LYS A 1 15  ? 10.11602  -3.81341  -8.86128  1.000 23.27941 ?  15  LYS A O    1 
ATOM   135  C  CB   . LYS A 1 15  ? 10.70784  -1.01656  -7.30967  1.000 21.74293 ?  15  LYS A CB   1 
ATOM   136  C  CG   . LYS A 1 15  ? 10.38416  0.45640   -7.18634  1.000 19.30429 ?  15  LYS A CG   1 
ATOM   137  C  CD   . LYS A 1 15  ? 11.64023  1.27338   -6.93941  1.000 27.94453 ?  15  LYS A CD   1 
ATOM   138  C  CE   . LYS A 1 15  ? 11.31874  2.75353   -6.71781  1.000 31.81090 ?  15  LYS A CE   1 
ATOM   139  N  NZ   . LYS A 1 15  ? 12.54519  3.47401   -6.28045  1.000 35.34421 ?  15  LYS A NZ   1 
ATOM   140  N  N    . VAL A 1 16  ? 9.95964   -4.07821  -6.62614  1.000 18.69558 ?  16  VAL A N    1 
ATOM   141  C  CA   . VAL A 1 16  ? 10.18842  -5.52377  -6.68678  1.000 24.19593 ?  16  VAL A CA   1 
ATOM   142  C  C    . VAL A 1 16  ? 9.11951   -6.19564  -7.53732  1.000 22.42826 ?  16  VAL A C    1 
ATOM   143  O  O    . VAL A 1 16  ? 9.41984   -7.05956  -8.37310  1.000 24.22551 ?  16  VAL A O    1 
ATOM   144  C  CB   . VAL A 1 16  ? 10.23069  -6.13268  -5.27018  1.000 16.79863 ?  16  VAL A CB   1 
ATOM   145  C  CG1  . VAL A 1 16  ? 10.26463  -7.66608  -5.34423  1.000 21.47487 ?  16  VAL A CG1  1 
ATOM   146  C  CG2  . VAL A 1 16  ? 11.42477  -5.62058  -4.48066  1.000 23.85225 ?  16  VAL A CG2  1 
ATOM   147  N  N    . ILE A 1 17  ? 7.85555   -5.81973  -7.33178  1.000 16.56918 ?  17  ILE A N    1 
ATOM   148  C  CA   . ILE A 1 17  ? 6.76690   -6.41148  -8.10742  1.000 19.79844 ?  17  ILE A CA   1 
ATOM   149  C  C    . ILE A 1 17  ? 6.93918   -6.09349  -9.59102  1.000 32.46944 ?  17  ILE A C    1 
ATOM   150  O  O    . ILE A 1 17  ? 6.76302   -6.96246  -10.45048 1.000 24.21253 ?  17  ILE A O    1 
ATOM   151  C  CB   . ILE A 1 17  ? 5.40561   -5.93237  -7.57469  1.000 20.92177 ?  17  ILE A CB   1 
ATOM   152  C  CG1  . ILE A 1 17  ? 5.14515   -6.53111  -6.18229  1.000 13.51132 ?  17  ILE A CG1  1 
ATOM   153  C  CG2  . ILE A 1 17  ? 4.27901   -6.29735  -8.54431  1.000 21.20844 ?  17  ILE A CG2  1 
ATOM   154  C  CD1  . ILE A 1 17  ? 3.99010   -5.82682  -5.41886  1.000 15.09602 ?  17  ILE A CD1  1 
ATOM   155  N  N    . GLU A 1 18  ? 7.30084   -4.85098  -9.91599  1.000 25.03809 ?  18  GLU A N    1 
ATOM   156  C  CA   A GLU A 1 18  ? 7.46315   -4.46816  -11.31912 0.680 29.79936 ?  18  GLU A CA   1 
ATOM   157  C  CA   B GLU A 1 18  ? 7.45217   -4.47848  -11.32190 0.320 29.76482 ?  18  GLU A CA   1 
ATOM   158  C  C    . GLU A 1 18  ? 8.53900   -5.29920  -12.00667 1.000 26.61993 ?  18  GLU A C    1 
ATOM   159  O  O    . GLU A 1 18  ? 8.40632   -5.65446  -13.18607 1.000 35.50394 ?  18  GLU A O    1 
ATOM   160  C  CB   A GLU A 1 18  ? 7.79469   -2.97676  -11.42108 0.680 27.64144 ?  18  GLU A CB   1 
ATOM   161  C  CB   B GLU A 1 18  ? 7.75369   -2.98142  -11.45900 0.320 27.77213 ?  18  GLU A CB   1 
ATOM   162  C  CG   A GLU A 1 18  ? 6.66707   -2.06353  -11.00779 0.680 26.59942 ?  18  GLU A CG   1 
ATOM   163  C  CG   B GLU A 1 18  ? 7.60787   -2.47628  -12.89803 0.320 32.50449 ?  18  GLU A CG   1 
ATOM   164  C  CD   A GLU A 1 18  ? 7.12927   -0.61857  -10.81927 0.680 32.84682 ?  18  GLU A CD   1 
ATOM   165  C  CD   B GLU A 1 18  ? 8.56141   -1.34966  -13.24780 0.320 31.90466 ?  18  GLU A CD   1 
ATOM   166  O  OE1  A GLU A 1 18  ? 8.27146   -0.30040  -11.21069 0.680 36.39848 ?  18  GLU A OE1  1 
ATOM   167  O  OE1  B GLU A 1 18  ? 9.09555   -0.70115  -12.32472 0.320 38.61278 ?  18  GLU A OE1  1 
ATOM   168  O  OE2  A GLU A 1 18  ? 6.36170   0.18845   -10.26708 0.680 25.43002 ?  18  GLU A OE2  1 
ATOM   169  O  OE2  B GLU A 1 18  ? 8.78914   -1.11811  -14.45483 0.320 33.32886 ?  18  GLU A OE2  1 
ATOM   170  N  N    . LYS A 1 19  ? 9.61704   -5.61490  -11.30127 1.000 26.49773 ?  19  LYS A N    1 
ATOM   171  C  CA   . LYS A 1 19  ? 10.72537  -6.33390  -11.91547 1.000 34.11112 ?  19  LYS A CA   1 
ATOM   172  C  C    . LYS A 1 19  ? 10.59122  -7.84492  -11.82052 1.000 37.88146 ?  19  LYS A C    1 
ATOM   173  O  O    . LYS A 1 19  ? 11.45455  -8.56490  -12.33839 1.000 32.73293 ?  19  LYS A O    1 
ATOM   174  C  CB   . LYS A 1 19  ? 12.04693  -5.89149  -11.28137 1.000 27.66859 ?  19  LYS A CB   1 
ATOM   175  C  CG   . LYS A 1 19  ? 12.30409  -4.41255  -11.50087 1.000 46.47011 ?  19  LYS A CG   1 
ATOM   176  C  CD   . LYS A 1 19  ? 11.86806  -4.02506  -12.91124 1.000 47.02652 ?  19  LYS A CD   1 
ATOM   177  C  CE   . LYS A 1 19  ? 11.58042  -2.54170  -13.03874 1.000 43.41190 ?  19  LYS A CE   1 
ATOM   178  N  NZ   . LYS A 1 19  ? 11.11444  -2.16719  -14.40368 1.000 48.75323 ?  19  LYS A NZ   1 
ATOM   179  N  N    . ALA A 1 20  ? 9.53600   -8.34250  -11.18554 1.000 26.18402 ?  20  ALA A N    1 
ATOM   180  C  CA   . ALA A 1 20  ? 9.44207   -9.76402  -10.90682 1.000 19.10955 ?  20  ALA A CA   1 
ATOM   181  C  C    . ALA A 1 20  ? 9.18450   -10.54786 -12.18672 1.000 20.66309 ?  20  ALA A C    1 
ATOM   182  O  O    . ALA A 1 20  ? 8.54031   -10.06271 -13.11675 1.000 23.44896 ?  20  ALA A O    1 
ATOM   183  C  CB   . ALA A 1 20  ? 8.30743   -10.04622 -9.91397  1.000 21.41644 ?  20  ALA A CB   1 
ATOM   184  N  N    . ASP A 1 21  ? 9.67338   -11.78631 -12.19945 1.000 23.50610 ?  21  ASP A N    1 
ATOM   185  C  CA   . ASP A 1 21  ? 9.34513   -12.73973 -13.24986 1.000 31.14579 ?  21  ASP A CA   1 
ATOM   186  C  C    . ASP A 1 21  ? 8.19211   -13.67100 -12.89482 1.000 27.72308 ?  21  ASP A C    1 
ATOM   187  O  O    . ASP A 1 21  ? 7.41146   -14.03589 -13.78861 1.000 24.92998 ?  21  ASP A O    1 
ATOM   188  C  CB   . ASP A 1 21  ? 10.56962  -13.59823 -13.58838 1.000 27.49457 ?  21  ASP A CB   1 
ATOM   189  C  CG   . ASP A 1 21  ? 11.61030  -12.83836 -14.38630 1.000 35.70211 ?  21  ASP A CG   1 
ATOM   190  O  OD1  . ASP A 1 21  ? 12.81446  -13.08995 -14.18588 1.000 40.68691 ?  21  ASP A OD1  1 
ATOM   191  O  OD2  . ASP A 1 21  ? 11.21607  -11.97126 -15.19465 1.000 41.26667 ?  21  ASP A OD2  1 
ATOM   192  N  N    . ASN A 1 22  ? 8.03571   -14.03961 -11.62016 1.000 23.21840 ?  22  ASN A N    1 
ATOM   193  C  CA   . ASN A 1 22  ? 7.10362   -15.10564 -11.27144 1.000 23.49435 ?  22  ASN A CA   1 
ATOM   194  C  C    . ASN A 1 22  ? 6.24884   -14.70526 -10.07383 1.000 25.24648 ?  22  ASN A C    1 
ATOM   195  O  O    . ASN A 1 22  ? 6.49338   -13.69580 -9.40768  1.000 22.06600 ?  22  ASN A O    1 
ATOM   196  C  CB   . ASN A 1 22  ? 7.83708   -16.43043 -11.01666 1.000 24.57689 ?  22  ASN A CB   1 
ATOM   197  C  CG   . ASN A 1 22  ? 8.81430   -16.36874 -9.84426  1.000 33.94760 ?  22  ASN A CG   1 
ATOM   198  O  OD1  . ASN A 1 22  ? 8.49111   -15.88408 -8.75992  1.000 26.36331 ?  22  ASN A OD1  1 
ATOM   199  N  ND2  . ASN A 1 22  ? 10.01821  -16.88274 -10.06370 1.000 33.31300 ?  22  ASN A ND2  1 
ATOM   200  N  N    . ALA A 1 23  ? 5.21149   -15.51083 -9.82956  1.000 23.91557 ?  23  ALA A N    1 
ATOM   201  C  CA   . ALA A 1 23  ? 4.20890   -15.15759 -8.82686  1.000 21.73907 ?  23  ALA A CA   1 
ATOM   202  C  C    . ALA A 1 23  ? 4.75358   -15.25027 -7.41109  1.000 19.92128 ?  23  ALA A C    1 
ATOM   203  O  O    . ALA A 1 23  ? 4.30864   -14.49888 -6.53474  1.000 17.99243 ?  23  ALA A O    1 
ATOM   204  C  CB   . ALA A 1 23  ? 2.97719   -16.04932 -8.98207  1.000 22.29551 ?  23  ALA A CB   1 
ATOM   205  N  N    . ALA A 1 24  ? 5.69662   -16.16932 -7.15522  1.000 18.60261 ?  24  ALA A N    1 
ATOM   206  C  CA   . ALA A 1 24  ? 6.30481   -16.25280 -5.83308  1.000 25.31317 ?  24  ALA A CA   1 
ATOM   207  C  C    . ALA A 1 24  ? 6.96617   -14.93698 -5.45558  1.000 19.50242 ?  24  ALA A C    1 
ATOM   208  O  O    . ALA A 1 24  ? 6.83134   -14.46492 -4.31428  1.000 19.47525 ?  24  ALA A O    1 
ATOM   209  C  CB   . ALA A 1 24  ? 7.32803   -17.38877 -5.78833  1.000 28.39611 ?  24  ALA A CB   1 
ATOM   210  N  N    . GLN A 1 25  ? 7.69899   -14.33994 -6.40028  1.000 19.51326 ?  25  GLN A N    1 
ATOM   211  C  CA   . GLN A 1 25  ? 8.34958   -13.05984 -6.14598  1.000 19.79304 ?  25  GLN A CA   1 
ATOM   212  C  C    . GLN A 1 25  ? 7.31764   -11.96826 -5.92016  1.000 17.89197 ?  25  GLN A C    1 
ATOM   213  O  O    . GLN A 1 25  ? 7.46733   -11.14375 -5.01173  1.000 19.17440 ?  25  GLN A O    1 
ATOM   214  C  CB   . GLN A 1 25  ? 9.24812   -12.68912 -7.32335  1.000 22.29496 ?  25  GLN A CB   1 
ATOM   215  C  CG   . GLN A 1 25  ? 10.32533  -13.72009 -7.65154  1.000 28.37055 ?  25  GLN A CG   1 
ATOM   216  C  CD   . GLN A 1 25  ? 10.97365  -13.46891 -8.99738  1.000 31.31024 ?  25  GLN A CD   1 
ATOM   217  O  OE1  . GLN A 1 25  ? 10.30923  -13.09106 -9.94979  1.000 26.12451 ?  25  GLN A OE1  1 
ATOM   218  N  NE2  . GLN A 1 25  ? 12.28239  -13.66034 -9.07182  1.000 46.99206 ?  25  GLN A NE2  1 
ATOM   219  N  N    . VAL A 1 26  ? 6.27150   -11.95048 -6.74535  1.000 14.22674 ?  26  VAL A N    1 
ATOM   220  C  CA   . VAL A 1 26  ? 5.22204   -10.95095 -6.60287  1.000 14.82031 ?  26  VAL A CA   1 
ATOM   221  C  C    . VAL A 1 26  ? 4.51652   -11.12601 -5.26641  1.000 18.25787 ?  26  VAL A C    1 
ATOM   222  O  O    . VAL A 1 26  ? 4.22409   -10.14770 -4.57352  1.000 15.70517 ?  26  VAL A O    1 
ATOM   223  C  CB   . VAL A 1 26  ? 4.22467   -11.03800 -7.77598  1.000 16.22878 ?  26  VAL A CB   1 
ATOM   224  C  CG1  . VAL A 1 26  ? 2.98016   -10.21420 -7.46590  1.000 16.85088 ?  26  VAL A CG1  1 
ATOM   225  C  CG2  . VAL A 1 26  ? 4.86473   -10.57761 -9.09070  1.000 17.45875 ?  26  VAL A CG2  1 
ATOM   226  N  N    . LYS A 1 27  ? 4.21962   -12.37253 -4.89327  1.000 14.60588 ?  27  LYS A N    1 
ATOM   227  C  CA   . LYS A 1 27  ? 3.50713   -12.62577 -3.64138  1.000 14.06219 ?  27  LYS A CA   1 
ATOM   228  C  C    . LYS A 1 27  ? 4.33961   -12.22200 -2.43115  1.000 15.51186 ?  27  LYS A C    1 
ATOM   229  O  O    . LYS A 1 27  ? 3.81587   -11.63305 -1.48074  1.000 17.60601 ?  27  LYS A O    1 
ATOM   230  C  CB   . LYS A 1 27  ? 3.10997   -14.09975 -3.55294  1.000 15.56881 ?  27  LYS A CB   1 
ATOM   231  C  CG   . LYS A 1 27  ? 2.40319   -14.42263 -2.25015  1.000 22.47342 ?  27  LYS A CG   1 
ATOM   232  C  CD   . LYS A 1 27  ? 1.86360   -15.84301 -2.25011  1.000 27.03690 ?  27  LYS A CD   1 
ATOM   233  C  CE   . LYS A 1 27  ? 1.15392   -16.15258 -0.93594  1.000 24.66889 ?  27  LYS A CE   1 
ATOM   234  N  NZ   . LYS A 1 27  ? 0.21830   -17.27615 -1.15041  1.000 32.60270 ?  27  LYS A NZ   1 
ATOM   235  N  N    . ASP A 1 28  ? 5.63406   -12.53228 -2.43547  1.000 16.27016 ?  28  ASP A N    1 
ATOM   236  C  CA   . ASP A 1 28  ? 6.48146   -12.13875 -1.31831  1.000 16.35206 ?  28  ASP A CA   1 
ATOM   237  C  C    . ASP A 1 28  ? 6.47961   -10.62427 -1.14390  1.000 18.02643 ?  28  ASP A C    1 
ATOM   238  O  O    . ASP A 1 28  ? 6.34733   -10.12988 -0.02440  1.000 16.40157 ?  28  ASP A O    1 
ATOM   239  C  CB   . ASP A 1 28  ? 7.90145   -12.67692 -1.51291  1.000 21.08692 ?  28  ASP A CB   1 
ATOM   240  C  CG   . ASP A 1 28  ? 8.87075   -12.19265 -0.43984  1.000 33.29870 ?  28  ASP A CG   1 
ATOM   241  O  OD1  . ASP A 1 28  ? 9.63904   -11.24542 -0.71169  1.000 38.15639 ?  28  ASP A OD1  1 
ATOM   242  O  OD2  . ASP A 1 28  ? 8.85519   -12.74914 0.68119   1.000 37.24795 ?  28  ASP A OD2  1 
ATOM   243  N  N    . ALA A 1 29  ? 6.57257   -9.87797  -2.24284  1.000 13.37230 ?  29  ALA A N    1 
ATOM   244  C  CA   . ALA A 1 29  ? 6.53007   -8.41571  -2.16577  1.000 15.37446 ?  29  ALA A CA   1 
ATOM   245  C  C    . ALA A 1 29  ? 5.17326   -7.91046  -1.68678  1.000 16.25244 ?  29  ALA A C    1 
ATOM   246  O  O    . ALA A 1 29  ? 5.10443   -6.98707  -0.85989  1.000 12.21425 ?  29  ALA A O    1 
ATOM   247  C  CB   . ALA A 1 29  ? 6.87488   -7.82053  -3.53084  1.000 16.45806 ?  29  ALA A CB   1 
ATOM   248  N  N    . LEU A 1 30  ? 4.07797   -8.49253  -2.18567  1.000 12.39638 ?  30  LEU A N    1 
ATOM   249  C  CA   . LEU A 1 30  ? 2.75473   -8.04679  -1.74758  1.000 11.85262 ?  30  LEU A CA   1 
ATOM   250  C  C    . LEU A 1 30  ? 2.54818   -8.30808  -0.26209  1.000 13.51932 ?  30  LEU A C    1 
ATOM   251  O  O    . LEU A 1 30  ? 1.88967   -7.52365  0.42544   1.000 12.51412 ?  30  LEU A O    1 
ATOM   252  C  CB   . LEU A 1 30  ? 1.66368   -8.73567  -2.55959  1.000 12.80605 ?  30  LEU A CB   1 
ATOM   253  C  CG   . LEU A 1 30  ? 1.45883   -8.26464  -3.99330  1.000 11.82657 ?  30  LEU A CG   1 
ATOM   254  C  CD1  . LEU A 1 30  ? 0.53003   -9.24320  -4.71559  1.000 15.44597 ?  30  LEU A CD1  1 
ATOM   255  C  CD2  . LEU A 1 30  ? 0.88674   -6.82800  -4.02283  1.000 12.37092 ?  30  LEU A CD2  1 
ATOM   256  N  N    . THR A 1 31  ? 3.06336   -9.43160  0.23704   1.000 11.51161 ?  31  THR A N    1 
ATOM   257  C  CA   . THR A 1 31  ? 2.93923   -9.73966  1.65194   1.000 13.01110 ?  31  THR A CA   1 
ATOM   258  C  C    . THR A 1 31  ? 3.64096   -8.68434  2.49456   1.000 15.61203 ?  31  THR A C    1 
ATOM   259  O  O    . THR A 1 31  ? 3.10657   -8.24022  3.50908   1.000 13.82718 ?  31  THR A O    1 
ATOM   260  C  CB   . THR A 1 31  ? 3.50585   -11.14089 1.92414   1.000 18.77846 ?  31  THR A CB   1 
ATOM   261  O  OG1  . THR A 1 31  ? 2.70607   -12.10870 1.21851   1.000 17.15015 ?  31  THR A OG1  1 
ATOM   262  C  CG2  . THR A 1 31  ? 3.47559   -11.47435 3.41172   1.000 21.60043 ?  31  THR A CG2  1 
ATOM   263  N  N    . LYS A 1 32  ? 4.81983   -8.24404  2.06222   1.000 13.27217 ?  32  LYS A N    1 
ATOM   264  C  CA   . LYS A 1 32  ? 5.52493   -7.18650  2.78344   1.000 11.52091 ?  32  LYS A CA   1 
ATOM   265  C  C    . LYS A 1 32  ? 4.77324   -5.86347  2.69313   1.000 14.52841 ?  32  LYS A C    1 
ATOM   266  O  O    . LYS A 1 32  ? 4.75052   -5.09210  3.65122   1.000 12.39796 ?  32  LYS A O    1 
ATOM   267  C  CB   . LYS A 1 32  ? 6.94790   -7.03381  2.24532   1.000 12.30265 ?  32  LYS A CB   1 
ATOM   268  C  CG   . LYS A 1 32  ? 7.82255   -8.23214  2.57434   1.000 18.27143 ?  32  LYS A CG   1 
ATOM   269  C  CD   . LYS A 1 32  ? 9.17247   -8.12732  1.89383   1.000 24.56084 ?  32  LYS A CD   1 
ATOM   270  C  CE   . LYS A 1 32  ? 9.99990   -9.37471  2.13868   1.000 35.36934 ?  32  LYS A CE   1 
ATOM   271  N  NZ   . LYS A 1 32  ? 11.13266  -9.43247  1.18057   1.000 37.80231 ?  32  LYS A NZ   1 
ATOM   272  N  N    . MET A 1 33  ? 4.16947   -5.56921  1.53516   1.000 8.58883  ?  33  MET A N    1 
ATOM   273  C  CA   . MET A 1 33  ? 3.35395   -4.36605  1.40221   1.000 9.86064  ?  33  MET A CA   1 
ATOM   274  C  C    . MET A 1 33  ? 2.14948   -4.40623  2.32777   1.000 11.57358 ?  33  MET A C    1 
ATOM   275  O  O    . MET A 1 33  ? 1.80501   -3.39623  2.95040   1.000 10.51226 ?  33  MET A O    1 
ATOM   276  C  CB   . MET A 1 33  ? 2.89807   -4.17950  -0.05712  1.000 8.94121  ?  33  MET A CB   1 
ATOM   277  C  CG   . MET A 1 33  ? 4.06333   -3.81441  -0.98485  1.000 9.46085  ?  33  MET A CG   1 
ATOM   278  S  SD   . MET A 1 33  ? 3.47756   -3.56150  -2.68893  1.000 14.13819 ?  33  MET A SD   1 
ATOM   279  C  CE   . MET A 1 33  ? 2.77828   -1.90856  -2.57542  1.000 15.52392 ?  33  MET A CE   1 
ATOM   280  N  N    . ALA A 1 34  ? 1.46794   -5.55174  2.39587   1.000 11.50330 ?  34  ALA A N    1 
ATOM   281  C  CA   . ALA A 1 34  ? 0.31962   -5.68114  3.28293   1.000 12.27431 ?  34  ALA A CA   1 
ATOM   282  C  C    . ALA A 1 34  ? 0.70727   -5.38770  4.73159   1.000 11.82364 ?  34  ALA A C    1 
ATOM   283  O  O    . ALA A 1 34  ? -0.01543  -4.68016  5.44654   1.000 12.42950 ?  34  ALA A O    1 
ATOM   284  C  CB   . ALA A 1 34  ? -0.27205  -7.08575  3.15676   1.000 14.61452 ?  34  ALA A CB   1 
ATOM   285  N  N    . ALA A 1 35  ? 1.84134   -5.92934  5.18204   1.000 11.20921 ?  35  ALA A N    1 
ATOM   286  C  CA   . ALA A 1 35  ? 2.29503   -5.68079  6.55206   1.000 12.14575 ?  35  ALA A CA   1 
ATOM   287  C  C    . ALA A 1 35  ? 2.63215   -4.20884  6.77443   1.000 13.90353 ?  35  ALA A C    1 
ATOM   288  O  O    . ALA A 1 35  ? 2.28494   -3.63978  7.81616   1.000 13.45752 ?  35  ALA A O    1 
ATOM   289  C  CB   . ALA A 1 35  ? 3.50014   -6.55105  6.88198   1.000 15.65138 ?  35  ALA A CB   1 
ATOM   290  N  N    . ALA A 1 36  ? 3.30116   -3.57951  5.80954   1.000 11.38302 ?  36  ALA A N    1 
ATOM   291  C  CA   . ALA A 1 36  ? 3.63666   -2.15989  5.93535   1.000 11.78849 ?  36  ALA A CA   1 
ATOM   292  C  C    . ALA A 1 36  ? 2.38440   -1.29482  5.95515   1.000 12.82725 ?  36  ALA A C    1 
ATOM   293  O  O    . ALA A 1 36  ? 2.28380   -0.35087  6.74634   1.000 13.50208 ?  36  ALA A O    1 
ATOM   294  C  CB   . ALA A 1 36  ? 4.56279   -1.74208  4.79064   1.000 12.78293 ?  36  ALA A CB   1 
ATOM   295  N  N    . ALA A 1 37  ? 1.41605   -1.59897  5.09437   1.000 9.81687  ?  37  ALA A N    1 
ATOM   296  C  CA   . ALA A 1 37  ? 0.18542   -0.81083  5.05982   1.000 10.34268 ?  37  ALA A CA   1 
ATOM   297  C  C    . ALA A 1 37  ? -0.59962  -0.97059  6.35521   1.000 11.16491 ?  37  ALA A C    1 
ATOM   298  O  O    . ALA A 1 37  ? -1.13262  0.01271   6.88354   1.000 13.64615 ?  37  ALA A O    1 
ATOM   299  C  CB   . ALA A 1 37  ? -0.66257  -1.23021  3.85205   1.000 11.23718 ?  37  ALA A CB   1 
ATOM   300  N  N    . ALA A 1 38  ? -0.71219  -2.20264  6.86129   1.000 14.66968 ?  38  ALA A N    1 
ATOM   301  C  CA   . ALA A 1 38  ? -1.39886  -2.41736  8.13941   1.000 13.73290 ?  38  ALA A CA   1 
ATOM   302  C  C    . ALA A 1 38  ? -0.73942  -1.63005  9.26589   1.000 13.79411 ?  38  ALA A C    1 
ATOM   303  O  O    . ALA A 1 38  ? -1.41552  -1.09780  10.15882  1.000 15.80612 ?  38  ALA A O    1 
ATOM   304  C  CB   . ALA A 1 38  ? -1.41204  -3.90329  8.47851   1.000 12.80582 ?  38  ALA A CB   1 
ATOM   305  N  N    . ASP A 1 39  ? 0.58370   -1.55138  9.24659   1.000 11.98981 ?  39  ASP A N    1 
ATOM   306  C  CA   . ASP A 1 39  ? 1.27496   -0.81208  10.29301  1.000 13.96108 ?  39  ASP A CA   1 
ATOM   307  C  C    . ASP A 1 39  ? 1.15715   0.69988   10.10556  1.000 16.48015 ?  39  ASP A C    1 
ATOM   308  O  O    . ASP A 1 39  ? 1.06303   1.43765   11.09088  1.000 19.14544 ?  39  ASP A O    1 
ATOM   309  C  CB   . ASP A 1 39  ? 2.73811   -1.23970  10.32097  1.000 9.92982  ?  39  ASP A CB   1 
ATOM   310  C  CG   . ASP A 1 39  ? 3.40688   -0.87857  11.63384  1.000 18.56779 ?  39  ASP A CG   1 
ATOM   311  O  OD1  . ASP A 1 39  ? 3.10151   -1.53359  12.64956  1.000 20.57358 ?  39  ASP A OD1  1 
ATOM   312  O  OD2  . ASP A 1 39  ? 4.18164   0.08634   11.63948  1.000 14.90599 ?  39  ASP A OD2  1 
ATOM   313  N  N    . ALA A 1 40  ? 1.10622   1.17198   8.86009   1.000 12.62763 ?  40  ALA A N    1 
ATOM   314  C  CA   . ALA A 1 40  ? 0.95422   2.60105   8.61364   1.000 12.86944 ?  40  ALA A CA   1 
ATOM   315  C  C    . ALA A 1 40  ? -0.43978  3.08468   8.99068   1.000 12.38132 ?  40  ALA A C    1 
ATOM   316  O  O    . ALA A 1 40  ? -0.61824  4.25795   9.34980   1.000 14.99203 ?  40  ALA A O    1 
ATOM   317  C  CB   . ALA A 1 40  ? 1.26509   2.91258   7.13789   1.000 13.38895 ?  40  ALA A CB   1 
ATOM   318  N  N    . TRP A 1 41  ? -1.42751  2.19814   8.90661   1.000 12.28383 ?  41  TRP A N    1 
ATOM   319  C  CA   . TRP A 1 41  ? -2.81871  2.54590   9.17003   1.000 11.54292 ?  41  TRP A CA   1 
ATOM   320  C  C    . TRP A 1 41  ? -2.99259  3.15778   10.55555  1.000 15.86540 ?  41  TRP A C    1 
ATOM   321  O  O    . TRP A 1 41  ? -3.89250  3.97213   10.76577  1.000 15.11856 ?  41  TRP A O    1 
ATOM   322  C  CB   . TRP A 1 41  ? -3.67751  1.29140   8.98594   1.000 15.29266 ?  41  TRP A CB   1 
ATOM   323  C  CG   . TRP A 1 41  ? -5.04567  1.30466   9.63893   1.000 17.50879 ?  41  TRP A CG   1 
ATOM   324  C  CD1  . TRP A 1 41  ? -6.23939  1.65316   9.06594   1.000 19.43747 ?  41  TRP A CD1  1 
ATOM   325  C  CD2  . TRP A 1 41  ? -5.34272  0.91984   10.98918  1.000 17.67778 ?  41  TRP A CD2  1 
ATOM   326  N  NE1  . TRP A 1 41  ? -7.26505  1.50803   9.99464   1.000 17.53859 ?  41  TRP A NE1  1 
ATOM   327  C  CE2  . TRP A 1 41  ? -6.73368  1.05255   11.17378  0.950 22.31700 ?  41  TRP A CE2  1 
ATOM   328  C  CE3  . TRP A 1 41  ? -4.55935  0.45746   12.05629  1.000 17.05317 ?  41  TRP A CE3  1 
ATOM   329  C  CZ2  . TRP A 1 41  ? -7.36349  0.76353   12.39172  0.810 24.46068 ?  41  TRP A CZ2  1 
ATOM   330  C  CZ3  . TRP A 1 41  ? -5.19382  0.16049   13.28086  0.850 18.82023 ?  41  TRP A CZ3  1 
ATOM   331  C  CH2  . TRP A 1 41  ? -6.57877  0.31512   13.42750  0.680 17.18846 ?  41  TRP A CH2  1 
ATOM   332  N  N    . SER A 1 42  ? -2.12714  2.81299   11.50248  1.000 16.10530 ?  42  SER A N    1 
ATOM   333  C  CA   . SER A 1 42  ? -2.23663  3.36704   12.84263  1.000 17.41180 ?  42  SER A CA   1 
ATOM   334  C  C    . SER A 1 42  ? -1.48474  4.67661   13.01755  1.000 18.60337 ?  42  SER A C    1 
ATOM   335  O  O    . SER A 1 42  ? -1.46255  5.20888   14.13330  1.000 24.57645 ?  42  SER A O    1 
ATOM   336  C  CB   . SER A 1 42  ? -1.72593  2.35889   13.87792  1.000 19.69366 ?  42  SER A CB   1 
ATOM   337  O  OG   . SER A 1 42  ? -0.37522  2.02221   13.61939  1.000 21.02767 ?  42  SER A OG   1 
ATOM   338  N  N    . ALA A 1 43  ? -0.87835  5.21408   11.96454  1.000 17.85145 ?  43  ALA A N    1 
ATOM   339  C  CA   . ALA A 1 43  ? -0.08118  6.42503   12.09925  1.000 15.60520 ?  43  ALA A CA   1 
ATOM   340  C  C    . ALA A 1 43  ? -0.95584  7.67500   12.09150  1.000 14.89382 ?  43  ALA A C    1 
ATOM   341  O  O    . ALA A 1 43  ? -2.03019  7.71173   11.47909  1.000 18.46582 ?  43  ALA A O    1 
ATOM   342  C  CB   . ALA A 1 43  ? 0.95226   6.52233   10.96966  1.000 16.59953 ?  43  ALA A CB   1 
ATOM   343  N  N    . THR A 1 44  ? -0.48292  8.71449   12.78348  1.000 16.66026 ?  44  THR A N    1 
ATOM   344  C  CA   . THR A 1 44  ? -1.01520  10.05878  12.57195  1.000 14.34567 ?  44  THR A CA   1 
ATOM   345  C  C    . THR A 1 44  ? -0.02534  10.83736  11.72724  1.000 18.41426 ?  44  THR A C    1 
ATOM   346  O  O    . THR A 1 44  ? 1.10988   11.06243  12.17036  1.000 17.27279 ?  44  THR A O    1 
ATOM   347  C  CB   . THR A 1 44  ? -1.27239  10.78173  13.90091  1.000 16.87159 ?  44  THR A CB   1 
ATOM   348  O  OG1  . THR A 1 44  ? -2.21627  10.03326  14.66989  1.000 18.87129 ?  44  THR A OG1  1 
ATOM   349  C  CG2  . THR A 1 44  ? -1.83813  12.15909  13.64007  1.000 20.01843 ?  44  THR A CG2  1 
ATOM   350  N  N    . PRO A 1 45  ? -0.39579  11.24450  10.51521  1.000 15.37902 ?  45  PRO A N    1 
ATOM   351  C  CA   . PRO A 1 45  ? 0.54510   11.93944  9.63577   1.000 14.81399 ?  45  PRO A CA   1 
ATOM   352  C  C    . PRO A 1 45  ? 0.80316   13.34780  10.12331  1.000 18.57526 ?  45  PRO A C    1 
ATOM   353  O  O    . PRO A 1 45  ? -0.03626  13.93615  10.83388  1.000 21.80388 ?  45  PRO A O    1 
ATOM   354  C  CB   . PRO A 1 45  ? -0.18537  11.94668  8.28646   1.000 16.96917 ?  45  PRO A CB   1 
ATOM   355  C  CG   . PRO A 1 45  ? -1.61979  11.96796  8.66688   1.000 17.65223 ?  45  PRO A CG   1 
ATOM   356  C  CD   . PRO A 1 45  ? -1.75273  11.15633  9.93494   1.000 16.05243 ?  45  PRO A CD   1 
ATOM   357  N  N    . PRO A 1 46  ? 1.95311   13.93881  9.77792   1.000 19.10775 ?  46  PRO A N    1 
ATOM   358  C  CA   . PRO A 1 46  ? 2.25897   15.29319  10.27080  1.000 22.24965 ?  46  PRO A CA   1 
ATOM   359  C  C    . PRO A 1 46  ? 1.16249   16.31518  10.00184  1.000 26.86381 ?  46  PRO A C    1 
ATOM   360  O  O    . PRO A 1 46  ? 0.83829   17.11375  10.88947  1.000 28.09183 ?  46  PRO A O    1 
ATOM   361  C  CB   . PRO A 1 46  ? 3.55915   15.63734  9.52848   1.000 23.05007 ?  46  PRO A CB   1 
ATOM   362  C  CG   . PRO A 1 46  ? 4.22796   14.31879  9.37223   1.000 28.44680 ?  46  PRO A CG   1 
ATOM   363  C  CD   . PRO A 1 46  ? 3.10068   13.35050  9.06491   1.000 20.94318 ?  46  PRO A CD   1 
ATOM   364  N  N    . LYS A 1 47  ? 0.56782   16.31270  8.81569   1.000 20.38091 ?  47  LYS A N    1 
ATOM   365  C  CA   . LYS A 1 47  ? -0.42528  17.34170  8.54160   1.000 27.00231 ?  47  LYS A CA   1 
ATOM   366  C  C    . LYS A 1 47  ? -1.73543  17.14524  9.29550   1.000 26.68754 ?  47  LYS A C    1 
ATOM   367  O  O    . LYS A 1 47  ? -2.59665  18.02492  9.21773   1.000 33.44627 ?  47  LYS A O    1 
ATOM   368  C  CB   . LYS A 1 47  ? -0.67916  17.43229  7.03393   1.000 23.43879 ?  47  LYS A CB   1 
ATOM   369  C  CG   . LYS A 1 47  ? 0.56509   17.83042  6.25896   1.000 34.73129 ?  47  LYS A CG   1 
ATOM   370  C  CD   . LYS A 1 47  ? 0.27791   18.08234  4.78788   1.000 29.59826 ?  47  LYS A CD   1 
ATOM   371  C  CE   . LYS A 1 47  ? 1.49412   18.67570  4.08999   1.000 44.46591 ?  47  LYS A CE   1 
ATOM   372  N  NZ   . LYS A 1 47  ? 1.21252   18.99664  2.66164   1.000 41.88300 ?  47  LYS A NZ   1 
ATOM   373  N  N    . LEU A 1 48  ? -1.92054  16.05104  10.04235  1.000 19.96360 ?  48  LEU A N    1 
ATOM   374  C  CA   . LEU A 1 48  ? -3.13245  15.86810  10.83802  1.000 27.55898 ?  48  LEU A CA   1 
ATOM   375  C  C    . LEU A 1 48  ? -2.84628  15.77457  12.33471  1.000 28.17861 ?  48  LEU A C    1 
ATOM   376  O  O    . LEU A 1 48  ? -3.69655  15.30743  13.09922  1.000 30.13531 ?  48  LEU A O    1 
ATOM   377  C  CB   . LEU A 1 48  ? -3.89556  14.61979  10.37746  1.000 20.90017 ?  48  LEU A CB   1 
ATOM   378  C  CG   . LEU A 1 48  ? -4.26658  14.51197  8.89901   1.000 20.35494 ?  48  LEU A CG   1 
ATOM   379  C  CD1  . LEU A 1 48  ? -4.96591  13.17766  8.64083   1.000 25.85007 ?  48  LEU A CD1  1 
ATOM   380  C  CD2  . LEU A 1 48  ? -5.16067  15.67204  8.42180   1.000 27.80596 ?  48  LEU A CD2  1 
ATOM   381  N  N    . GLU A 1 49  ? -1.66502  16.20013  12.78133  1.000 31.60044 ?  49  GLU A N    1 
ATOM   382  C  CA   . GLU A 1 49  ? -1.25044  15.89059  14.14781  1.000 31.36012 ?  49  GLU A CA   1 
ATOM   383  C  C    . GLU A 1 49  ? -2.16353  16.50929  15.19637  1.000 37.85654 ?  49  GLU A C    1 
ATOM   384  O  O    . GLU A 1 49  ? -2.31902  15.95515  16.29160  1.000 44.24400 ?  49  GLU A O    1 
ATOM   385  C  CB   . GLU A 1 49  ? 0.18587   16.35389  14.37202  1.000 36.24282 ?  49  GLU A CB   1 
ATOM   386  C  CG   . GLU A 1 49  ? 1.17637   15.21991  14.39085  1.000 40.58092 ?  49  GLU A CG   1 
ATOM   387  C  CD   . GLU A 1 49  ? 2.58915   15.71991  14.47628  1.000 31.78019 ?  49  GLU A CD   1 
ATOM   388  O  OE1  . GLU A 1 49  ? 3.48357   15.05185  13.92402  1.000 37.99176 ?  49  GLU A OE1  1 
ATOM   389  O  OE2  . GLU A 1 49  ? 2.79581   16.79209  15.08376  1.000 32.88314 ?  49  GLU A OE2  1 
ATOM   390  N  N    . ASP A 1 50  ? -2.75315  17.64974  14.90163  1.000 29.47029 ?  50  ASP A N    1 
ATOM   391  C  CA   . ASP A 1 50  ? -3.60418  18.33398  15.85741  1.000 51.62480 ?  50  ASP A CA   1 
ATOM   392  C  C    . ASP A 1 50  ? -5.04205  17.84701  15.81855  1.000 63.02402 ?  50  ASP A C    1 
ATOM   393  O  O    . ASP A 1 50  ? -5.71115  17.83632  16.86074  1.000 53.75978 ?  50  ASP A O    1 
ATOM   394  C  CB   . ASP A 1 50  ? -3.57504  19.83928  15.58812  1.000 50.68152 ?  50  ASP A CB   1 
ATOM   395  C  CG   . ASP A 1 50  ? -3.86266  20.16198  14.14103  1.000 60.10132 ?  50  ASP A CG   1 
ATOM   396  O  OD1  . ASP A 1 50  ? -3.86138  19.21370  13.32755  1.000 52.93590 ?  50  ASP A OD1  1 
ATOM   397  O  OD2  . ASP A 1 50  ? -4.09212  21.34803  13.81805  1.000 74.37725 ?  50  ASP A OD2  1 
ATOM   398  N  N    . LYS A 1 51  ? -5.51794  17.43594  14.64110  1.000 56.36113 ?  51  LYS A N    1 
ATOM   399  C  CA   . LYS A 1 51  ? -6.90214  17.01782  14.47267  1.000 48.68773 ?  51  LYS A CA   1 
ATOM   400  C  C    . LYS A 1 51  ? -7.29514  16.01426  15.54915  1.000 48.71379 ?  51  LYS A C    1 
ATOM   401  O  O    . LYS A 1 51  ? -6.46499  15.26223  16.07068  1.000 43.57198 ?  51  LYS A O    1 
ATOM   402  C  CB   . LYS A 1 51  ? -7.11178  16.40807  13.08124  1.000 42.11136 ?  51  LYS A CB   1 
ATOM   403  C  CG   . LYS A 1 51  ? -6.79337  17.34147  11.92369  1.000 44.80630 ?  51  LYS A CG   1 
ATOM   404  C  CD   . LYS A 1 51  ? -7.85161  18.41506  11.71420  1.000 49.08936 ?  51  LYS A CD   1 
ATOM   405  C  CE   . LYS A 1 51  ? -7.61695  19.13937  10.38787  1.000 54.19184 ?  51  LYS A CE   1 
ATOM   406  N  NZ   . LYS A 1 51  ? -8.43107  20.38110  10.22375  1.000 66.80537 ?  51  LYS A NZ   1 
ATOM   407  N  N    . SER A 1 52  ? -8.57933  16.01775  15.89203  1.000 43.34207 ?  52  SER A N    1 
ATOM   408  C  CA   . SER A 1 52  ? -9.08507  15.05647  16.85225  1.000 40.99189 ?  52  SER A CA   1 
ATOM   409  C  C    . SER A 1 52  ? -8.97992  13.64694  16.27600  1.000 50.37265 ?  52  SER A C    1 
ATOM   410  O  O    . SER A 1 52  ? -9.18473  13.44543  15.07773  1.000 43.21994 ?  52  SER A O    1 
ATOM   411  C  CB   . SER A 1 52  ? -10.53671 15.36133  17.21294  1.000 41.71067 ?  52  SER A CB   1 
ATOM   412  O  OG   . SER A 1 52  ? -10.65857 16.65208  17.78117  1.000 74.34815 ?  52  SER A OG   1 
ATOM   413  N  N    . PRO A 1 53  ? -8.63979  12.65443  17.09729  1.000 59.29663 ?  53  PRO A N    1 
ATOM   414  C  CA   . PRO A 1 53  ? -8.63102  11.27121  16.59434  1.000 53.33577 ?  53  PRO A CA   1 
ATOM   415  C  C    . PRO A 1 53  ? -9.99155  10.81482  16.08516  1.000 51.11309 ?  53  PRO A C    1 
ATOM   416  O  O    . PRO A 1 53  ? -10.05215 9.89047   15.26803  1.000 49.20300 ?  53  PRO A O    1 
ATOM   417  C  CB   . PRO A 1 53  ? -8.17117  10.45257  17.80813  1.000 54.76608 ?  53  PRO A CB   1 
ATOM   418  C  CG   . PRO A 1 53  ? -8.46160  11.32849  18.99965  1.000 49.40617 ?  53  PRO A CG   1 
ATOM   419  C  CD   . PRO A 1 53  ? -8.26299  12.73746  18.51925  1.000 48.46053 ?  53  PRO A CD   1 
ATOM   420  N  N    . ASP A 1 54  ? -11.07922 11.43800  16.53321  1.000 57.64210 ?  54  ASP A N    1 
ATOM   421  C  CA   . ASP A 1 54  ? -12.41146 11.17241  16.00807  1.000 52.04558 ?  54  ASP A CA   1 
ATOM   422  C  C    . ASP A 1 54  ? -12.75662 12.05718  14.81803  1.000 40.61539 ?  54  ASP A C    1 
ATOM   423  O  O    . ASP A 1 54  ? -13.92399 12.11911  14.41456  1.000 41.25661 ?  54  ASP A O    1 
ATOM   424  C  CB   . ASP A 1 54  ? -13.46094 11.35219  17.10932  1.000 55.40789 ?  54  ASP A CB   1 
ATOM   425  C  CG   . ASP A 1 54  ? -13.43013 10.23130  18.13454  1.000 74.43365 ?  54  ASP A CG   1 
ATOM   426  O  OD1  . ASP A 1 54  ? -13.04317 9.09964   17.76906  1.000 71.14864 ?  54  ASP A OD1  1 
ATOM   427  O  OD2  . ASP A 1 54  ? -13.79445 10.48207  19.30355  1.000 83.58747 ?  54  ASP A OD2  1 
ATOM   428  N  N    . SER A 1 55  ? -11.78411 12.74103  14.25417  1.000 32.06085 ?  55  SER A N    1 
ATOM   429  C  CA   . SER A 1 55  ? -12.10079 13.68333  13.20184  1.000 30.48821 ?  55  SER A CA   1 
ATOM   430  C  C    . SER A 1 55  ? -12.39537 12.96933  11.88619  1.000 30.66790 ?  55  SER A C    1 
ATOM   431  O  O    . SER A 1 55  ? -11.91742 11.85645  11.64760  1.000 25.90515 ?  55  SER A O    1 
ATOM   432  C  CB   . SER A 1 55  ? -10.94814 14.65223  12.99901  1.000 32.30328 ?  55  SER A CB   1 
ATOM   433  O  OG   . SER A 1 55  ? -9.78167  13.94996  12.61120  1.000 30.37049 ?  55  SER A OG   1 
ATOM   434  N  N    . PRO A 1 56  ? -13.18405 13.59963  11.01545  1.000 28.71333 ?  56  PRO A N    1 
ATOM   435  C  CA   . PRO A 1 56  ? -13.35685 13.05470  9.66548   1.000 27.44301 ?  56  PRO A CA   1 
ATOM   436  C  C    . PRO A 1 56  ? -12.04937 12.87923  8.91776   1.000 24.77030 ?  56  PRO A C    1 
ATOM   437  O  O    . PRO A 1 56  ? -11.92249 11.93113  8.13632   1.000 19.94469 ?  56  PRO A O    1 
ATOM   438  C  CB   . PRO A 1 56  ? -14.26274 14.09526  8.98183   1.000 34.96444 ?  56  PRO A CB   1 
ATOM   439  C  CG   . PRO A 1 56  ? -14.14471 15.33194  9.83900   1.000 34.43241 ?  56  PRO A CG   1 
ATOM   440  C  CD   . PRO A 1 56  ? -13.98045 14.82110  11.22397  1.000 34.02883 ?  56  PRO A CD   1 
ATOM   441  N  N    . GLU A 1 57  ? -11.06075 13.75490  9.12085   1.000 22.80855 ?  57  GLU A N    1 
ATOM   442  C  CA   . GLU A 1 57  ? -9.81759  13.62285  8.36686   1.000 22.43765 ?  57  GLU A CA   1 
ATOM   443  C  C    . GLU A 1 57  ? -9.03197  12.38835  8.79091   1.000 16.57019 ?  57  GLU A C    1 
ATOM   444  O  O    . GLU A 1 57  ? -8.46894  11.69759  7.94177   1.000 14.57082 ?  57  GLU A O    1 
ATOM   445  C  CB   . GLU A 1 57  ? -8.95109  14.87121  8.53646   1.000 28.64949 ?  57  GLU A CB   1 
ATOM   446  C  CG   . GLU A 1 57  ? -9.56322  16.13032  7.93647   1.000 35.90014 ?  57  GLU A CG   1 
ATOM   447  C  CD   . GLU A 1 57  ? -10.50584 16.83901  8.89667   1.000 43.52062 ?  57  GLU A CD   1 
ATOM   448  O  OE1  . GLU A 1 57  ? -10.82373 16.27943  9.97200   1.000 40.83608 ?  57  GLU A OE1  1 
ATOM   449  O  OE2  . GLU A 1 57  ? -10.91787 17.97300  8.57928   1.000 52.89748 ?  57  GLU A OE2  1 
ATOM   450  N  N    . MET A 1 58  ? -8.92680  12.13489  10.09945  1.000 19.46792 ?  58  MET A N    1 
ATOM   451  C  CA   . MET A 1 58  ? -8.24201  10.92657  10.53889  1.000 19.45705 ?  58  MET A CA   1 
ATOM   452  C  C    . MET A 1 58  ? -8.99566  9.68245   10.08005  1.000 14.45592 ?  58  MET A C    1 
ATOM   453  O  O    . MET A 1 58  ? -8.38321  8.69010   9.69124   1.000 15.12185 ?  58  MET A O    1 
ATOM   454  C  CB   . MET A 1 58  ? -8.06256  10.92851  12.05805  1.000 20.91352 ?  58  MET A CB   1 
ATOM   455  C  CG   . MET A 1 58  ? -6.87465  11.78374  12.55975  1.000 20.73461 ?  58  MET A CG   1 
ATOM   456  S  SD   . MET A 1 58  ? -5.30257  11.38838  11.76519  1.000 23.40620 ?  58  MET A SD   1 
ATOM   457  C  CE   . MET A 1 58  ? -5.08109  9.68250   12.25402  1.000 21.76196 ?  58  MET A CE   1 
ATOM   458  N  N    . HIS A 1 59  ? -10.33178 9.71156   10.12365  1.000 12.75103 ?  59  HIS A N    1 
ATOM   459  C  CA   . HIS A 1 59  ? -11.08550 8.55144   9.64597   1.000 11.72090 ?  59  HIS A CA   1 
ATOM   460  C  C    . HIS A 1 59  ? -10.84496 8.30325   8.15980   1.000 14.04974 ?  59  HIS A C    1 
ATOM   461  O  O    . HIS A 1 59  ? -10.73868 7.14610   7.72396   1.000 12.12128 ?  59  HIS A O    1 
ATOM   462  C  CB   . HIS A 1 59  ? -12.57715 8.74389   9.89965   1.000 14.26358 ?  59  HIS A CB   1 
ATOM   463  C  CG   . HIS A 1 59  ? -13.36809 7.48328   9.72644   1.000 15.07101 ?  59  HIS A CG   1 
ATOM   464  N  ND1  . HIS A 1 59  ? -13.18327 6.38076   10.53265  1.000 19.60209 ?  59  HIS A ND1  1 
ATOM   465  C  CD2  . HIS A 1 59  ? -14.32416 7.13977   8.82869   1.000 15.52476 ?  59  HIS A CD2  1 
ATOM   466  C  CE1  . HIS A 1 59  ? -13.98776 5.40967   10.13093  1.000 20.53334 ?  59  HIS A CE1  1 
ATOM   467  N  NE2  . HIS A 1 59  ? -14.69241 5.84715   9.10019   1.000 15.02985 ?  59  HIS A NE2  1 
ATOM   468  N  N    . ASP A 1 60  ? -10.82100 9.38199   7.36485   1.000 14.77615 ?  60  ASP A N    1 
ATOM   469  C  CA   . ASP A 1 60  ? -10.58829 9.27622   5.92769   1.000 16.22907 ?  60  ASP A CA   1 
ATOM   470  C  C    . ASP A 1 60  ? -9.18596  8.76172   5.62672   1.000 13.76005 ?  60  ASP A C    1 
ATOM   471  O  O    . ASP A 1 60  ? -8.99977  7.95552   4.70101   1.000 13.07606 ?  60  ASP A O    1 
ATOM   472  C  CB   . ASP A 1 60  ? -10.81379 10.64200  5.27843   1.000 16.35701 ?  60  ASP A CB   1 
ATOM   473  C  CG   . ASP A 1 60  ? -10.69460 10.59866  3.76888   1.000 21.72910 ?  60  ASP A CG   1 
ATOM   474  O  OD1  . ASP A 1 60  ? -11.48374 9.87140   3.12494   1.000 22.27724 ?  60  ASP A OD1  1 
ATOM   475  O  OD2  . ASP A 1 60  ? -9.81120  11.30634  3.22855   1.000 23.59785 ?  60  ASP A OD2  1 
ATOM   476  N  N    . PHE A 1 61  ? -8.18484  9.25823   6.36190   1.000 14.07244 ?  61  PHE A N    1 
ATOM   477  C  CA   . PHE A 1 61  ? -6.81911  8.74354   6.25661   1.000 13.33638 ?  61  PHE A CA   1 
ATOM   478  C  C    . PHE A 1 61  ? -6.79835  7.23271   6.45449   1.000 11.68738 ?  61  PHE A C    1 
ATOM   479  O  O    . PHE A 1 61  ? -6.22567  6.48487   5.64756   1.000 13.72505 ?  61  PHE A O    1 
ATOM   480  C  CB   . PHE A 1 61  ? -5.94345  9.44119   7.30946   1.000 14.80943 ?  61  PHE A CB   1 
ATOM   481  C  CG   . PHE A 1 61  ? -4.49126  9.06993   7.26010   1.000 12.24058 ?  61  PHE A CG   1 
ATOM   482  C  CD1  . PHE A 1 61  ? -3.66478  9.57781   6.26355   1.000 13.62724 ?  61  PHE A CD1  1 
ATOM   483  C  CD2  . PHE A 1 61  ? -3.92977  8.27876   8.25549   1.000 14.63149 ?  61  PHE A CD2  1 
ATOM   484  C  CE1  . PHE A 1 61  ? -2.30902  9.23884   6.22085   1.000 14.19588 ?  61  PHE A CE1  1 
ATOM   485  C  CE2  . PHE A 1 61  ? -2.58649  7.94163   8.22221   1.000 18.13295 ?  61  PHE A CE2  1 
ATOM   486  C  CZ   . PHE A 1 61  ? -1.77520  8.44431   7.20570   1.000 14.99824 ?  61  PHE A CZ   1 
ATOM   487  N  N    . ARG A 1 62  ? -7.45540  6.75098   7.50949   1.000 9.97184  ?  62  ARG A N    1 
ATOM   488  C  CA   . ARG A 1 62  ? -7.48927  5.30913   7.73698   1.000 10.11701 ?  62  ARG A CA   1 
ATOM   489  C  C    . ARG A 1 62  ? -8.23690  4.58267   6.61846   1.000 13.07475 ?  62  ARG A C    1 
ATOM   490  O  O    . ARG A 1 62  ? -7.82858  3.49572   6.20823   1.000 13.04391 ?  62  ARG A O    1 
ATOM   491  C  CB   . ARG A 1 62  ? -8.11145  4.99944   9.09962   1.000 14.83983 ?  62  ARG A CB   1 
ATOM   492  C  CG   . ARG A 1 62  ? -7.10060  5.17897   10.25700  1.000 20.08059 ?  62  ARG A CG   1 
ATOM   493  C  CD   . ARG A 1 62  ? -7.65386  4.63872   11.57117  1.000 24.45887 ?  62  ARG A CD   1 
ATOM   494  N  NE   . ARG A 1 62  ? -8.55586  5.59749   12.21336  1.000 28.66494 ?  62  ARG A NE   1 
ATOM   495  C  CZ   . ARG A 1 62  ? -8.13322  6.64612   12.91698  1.000 34.03089 ?  62  ARG A CZ   1 
ATOM   496  N  NH1  . ARG A 1 62  ? -6.82685  6.87798   13.05929  1.000 35.42416 ?  62  ARG A NH1  1 
ATOM   497  N  NH2  . ARG A 1 62  ? -9.00665  7.47257   13.47411  1.000 42.62687 ?  62  ARG A NH2  1 
ATOM   498  N  N    . HIS A 1 63  ? -9.33401  5.15462   6.12255   1.000 10.51825 ?  63  HIS A N    1 
ATOM   499  C  CA   . HIS A 1 63  ? -10.02095 4.53082   4.98942   1.000 11.86589 ?  63  HIS A CA   1 
ATOM   500  C  C    . HIS A 1 63  ? -9.10024  4.41417   3.77269   1.000 15.68769 ?  63  HIS A C    1 
ATOM   501  O  O    . HIS A 1 63  ? -9.21124  3.45658   3.00059   1.000 12.33360 ?  63  HIS A O    1 
ATOM   502  C  CB   . HIS A 1 63  ? -11.28550 5.33321   4.65006   1.000 12.46081 ?  63  HIS A CB   1 
ATOM   503  C  CG   . HIS A 1 63  ? -12.52320 4.80977   5.31962   1.000 14.77126 ?  63  HIS A CG   1 
ATOM   504  N  ND1  . HIS A 1 63  ? -13.38619 3.93339   4.69680   1.000 25.40535 ?  63  HIS A ND1  1 
ATOM   505  C  CD2  . HIS A 1 63  ? -13.04082 5.03444   6.55277   1.000 16.00135 ?  63  HIS A CD2  1 
ATOM   506  C  CE1  . HIS A 1 63  ? -14.37338 3.62784   5.52318   1.000 19.22916 ?  63  HIS A CE1  1 
ATOM   507  N  NE2  . HIS A 1 63  ? -14.18518 4.28090   6.65546   1.000 16.25757 ?  63  HIS A NE2  1 
ATOM   508  N  N    . GLY A 1 64  ? -8.17459  5.35591   3.59899   1.000 13.15414 ?  64  GLY A N    1 
ATOM   509  C  CA   . GLY A 1 64  ? -7.21442  5.23420   2.51109   1.000 11.90780 ?  64  GLY A CA   1 
ATOM   510  C  C    . GLY A 1 64  ? -6.38066  3.97222   2.61584   1.000 14.12735 ?  64  GLY A C    1 
ATOM   511  O  O    . GLY A 1 64  ? -6.04950  3.34410   1.60432   1.000 13.34780 ?  64  GLY A O    1 
ATOM   512  N  N    . PHE A 1 65  ? -6.00905  3.58672   3.83899   1.000 11.07602 ?  65  PHE A N    1 
ATOM   513  C  CA   . PHE A 1 65  ? -5.27198  2.34703   3.99507   1.000 13.83167 ?  65  PHE A CA   1 
ATOM   514  C  C    . PHE A 1 65  ? -6.16932  1.12802   3.79799   1.000 12.77475 ?  65  PHE A C    1 
ATOM   515  O  O    . PHE A 1 65  ? -5.72596  0.10916   3.25274   1.000 12.83680 ?  65  PHE A O    1 
ATOM   516  C  CB   . PHE A 1 65  ? -4.56369  2.32865   5.34753   1.000 14.35258 ?  65  PHE A CB   1 
ATOM   517  C  CG   . PHE A 1 65  ? -3.34387  3.19913   5.36037   1.000 10.70198 ?  65  PHE A CG   1 
ATOM   518  C  CD1  . PHE A 1 65  ? -3.30533  4.35175   6.13036   1.000 15.04966 ?  65  PHE A CD1  1 
ATOM   519  C  CD2  . PHE A 1 65  ? -2.26572  2.89476   4.54799   1.000 13.64978 ?  65  PHE A CD2  1 
ATOM   520  C  CE1  . PHE A 1 65  ? -2.17785  5.16063   6.11167   1.000 15.46497 ?  65  PHE A CE1  1 
ATOM   521  C  CE2  . PHE A 1 65  ? -1.14006  3.70776   4.52121   1.000 12.19834 ?  65  PHE A CE2  1 
ATOM   522  C  CZ   . PHE A 1 65  ? -1.09293  4.82865   5.29052   1.000 13.90800 ?  65  PHE A CZ   1 
ATOM   523  N  N    . TRP A 1 66  ? -7.43418  1.20228   4.21333   1.000 14.42861 ?  66  TRP A N    1 
ATOM   524  C  CA   . TRP A 1 66  ? -8.35960  0.12272   3.87300   1.000 14.39311 ?  66  TRP A CA   1 
ATOM   525  C  C    . TRP A 1 66  ? -8.40593  -0.11804  2.35830   1.000 10.86776 ?  66  TRP A C    1 
ATOM   526  O  O    . TRP A 1 66  ? -8.38731  -1.26170  1.90005   1.000 15.46371 ?  66  TRP A O    1 
ATOM   527  C  CB   . TRP A 1 66  ? -9.75614  0.43268   4.40548   1.000 21.43880 ?  66  TRP A CB   1 
ATOM   528  C  CG   . TRP A 1 66  ? -9.89634  0.08573   5.84236   1.000 21.95273 ?  66  TRP A CG   1 
ATOM   529  C  CD1  . TRP A 1 66  ? -9.98997  0.94836   6.89858   1.000 22.23135 ?  66  TRP A CD1  1 
ATOM   530  C  CD2  . TRP A 1 66  ? -9.93510  -1.23678  6.39664   1.000 32.69033 ?  66  TRP A CD2  1 
ATOM   531  N  NE1  . TRP A 1 66  ? -10.11525 0.24345   8.06927   1.000 26.02167 ?  66  TRP A NE1  1 
ATOM   532  C  CE2  . TRP A 1 66  ? -10.07372 -1.09911  7.79197   1.000 29.31280 ?  66  TRP A CE2  1 
ATOM   533  C  CE3  . TRP A 1 66  ? -9.87286  -2.52279  5.84510   1.000 34.84776 ?  66  TRP A CE3  1 
ATOM   534  C  CZ2  . TRP A 1 66  ? -10.15353 -2.19998  8.64461   1.000 38.03682 ?  66  TRP A CZ2  1 
ATOM   535  C  CZ3  . TRP A 1 66  ? -9.95000  -3.61478  6.69339   1.000 41.78908 ?  66  TRP A CZ3  1 
ATOM   536  C  CH2  . TRP A 1 66  ? -10.09010 -3.44541  8.07716   1.000 39.98905 ?  66  TRP A CH2  1 
ATOM   537  N  N    . ILE A 1 67  ? -8.47660  0.95502   1.57471   1.000 11.89387 ?  67  ILE A N    1 
ATOM   538  C  CA   . ILE A 1 67  ? -8.50533  0.81024   0.11719   1.000 13.34470 ?  67  ILE A CA   1 
ATOM   539  C  C    . ILE A 1 67  ? -7.22143  0.15324   -0.36778  1.000 17.73144 ?  67  ILE A C    1 
ATOM   540  O  O    . ILE A 1 67  ? -7.24044  -0.77477  -1.18132  1.000 14.42596 ?  67  ILE A O    1 
ATOM   541  C  CB   . ILE A 1 67  ? -8.70573  2.17844   -0.55721  1.000 14.87697 ?  67  ILE A CB   1 
ATOM   542  C  CG1  . ILE A 1 67  ? -10.07642 2.78408   -0.24194  1.000 21.46588 ?  67  ILE A CG1  1 
ATOM   543  C  CG2  . ILE A 1 67  ? -8.43346  2.07415   -2.06495  1.000 18.60351 ?  67  ILE A CG2  1 
ATOM   544  C  CD1  . ILE A 1 67  ? -10.19929 4.22498   -0.74717  1.000 26.33781 ?  67  ILE A CD1  1 
ATOM   545  N  N    . LEU A 1 68  ? -6.07895  0.66002   0.09097   1.000 11.23692 ?  68  LEU A N    1 
ATOM   546  C  CA   . LEU A 1 68  ? -4.80656  0.10777   -0.34740  1.000 9.74083  ?  68  LEU A CA   1 
ATOM   547  C  C    . LEU A 1 68  ? -4.70782  -1.36954  0.01050   1.000 14.39620 ?  68  LEU A C    1 
ATOM   548  O  O    . LEU A 1 68  ? -4.33801  -2.20255  -0.82629  1.000 12.34214 ?  68  LEU A O    1 
ATOM   549  C  CB   . LEU A 1 68  ? -3.65224  0.88624   0.28447   1.000 11.17294 ?  68  LEU A CB   1 
ATOM   550  C  CG   . LEU A 1 68  ? -2.27084  0.48597   -0.24341  1.000 10.72088 ?  68  LEU A CG   1 
ATOM   551  C  CD1  . LEU A 1 68  ? -2.14869  1.00061   -1.68522  1.000 18.57238 ?  68  LEU A CD1  1 
ATOM   552  C  CD2  . LEU A 1 68  ? -1.16402  1.08366   0.63048   1.000 11.38558 ?  68  LEU A CD2  1 
ATOM   553  N  N    . ILE A 1 69  ? -5.05569  -1.71082  1.25157   1.000 12.12500 ?  69  ILE A N    1 
ATOM   554  C  CA   . ILE A 1 69  ? -4.95150  -3.09953  1.70869   1.000 12.75024 ?  69  ILE A CA   1 
ATOM   555  C  C    . ILE A 1 69  ? -5.88662  -4.00220  0.90650   1.000 11.65775 ?  69  ILE A C    1 
ATOM   556  O  O    . ILE A 1 69  ? -5.53169  -5.14057  0.56232   1.000 12.13903 ?  69  ILE A O    1 
ATOM   557  C  CB   . ILE A 1 69  ? -5.25376  -3.16946  3.21713   1.000 15.75037 ?  69  ILE A CB   1 
ATOM   558  C  CG1  . ILE A 1 69  ? -4.08035  -2.56929  4.01426   1.000 18.33540 ?  69  ILE A CG1  1 
ATOM   559  C  CG2  . ILE A 1 69  ? -5.57659  -4.59518  3.64492   1.000 24.50891 ?  69  ILE A CG2  1 
ATOM   560  C  CD1  . ILE A 1 69  ? -4.45589  -2.16301  5.46214   1.000 21.15618 ?  69  ILE A CD1  1 
ATOM   561  N  N    . GLY A 1 70  ? -7.10301  -3.52734  0.63752   1.000 12.06289 ?  70  GLY A N    1 
ATOM   562  C  CA   . GLY A 1 70  ? -8.01269  -4.28852  -0.20789  1.000 11.90538 ?  70  GLY A CA   1 
ATOM   563  C  C    . GLY A 1 70  ? -7.44025  -4.56045  -1.58611  1.000 15.31630 ?  70  GLY A C    1 
ATOM   564  O  O    . GLY A 1 70  ? -7.57440  -5.66016  -2.11633  1.000 12.55343 ?  70  GLY A O    1 
ATOM   565  N  N    . GLN A 1 71  ? -6.79359  -3.56585  -2.18441  1.000 12.57999 ?  71  GLN A N    1 
ATOM   566  C  CA   . GLN A 1 71  ? -6.23517  -3.74333  -3.52367  1.000 13.68201 ?  71  GLN A CA   1 
ATOM   567  C  C    . GLN A 1 71  ? -5.03378  -4.66440  -3.50017  1.000 13.67482 ?  71  GLN A C    1 
ATOM   568  O  O    . GLN A 1 71  ? -4.83533  -5.46580  -4.41843  1.000 12.76946 ?  71  GLN A O    1 
ATOM   569  C  CB   . GLN A 1 71  ? -5.85312  -2.38630  -4.12171  1.000 11.43558 ?  71  GLN A CB   1 
ATOM   570  C  CG   . GLN A 1 71  ? -7.05956  -1.51636  -4.35293  1.000 15.90176 ?  71  GLN A CG   1 
ATOM   571  C  CD   . GLN A 1 71  ? -6.67758  -0.14611  -4.90587  1.000 20.12005 ?  71  GLN A CD   1 
ATOM   572  O  OE1  . GLN A 1 71  ? -5.85733  0.55840   -4.31776  1.000 19.11222 ?  71  GLN A OE1  1 
ATOM   573  N  NE2  . GLN A 1 71  ? -7.24682  0.21504   -6.04943  1.000 27.52083 ?  71  GLN A NE2  1 
ATOM   574  N  N    . ILE A 1 72  ? -4.20053  -4.54822  -2.45830  1.000 11.85312 ?  72  ILE A N    1 
ATOM   575  C  CA   . ILE A 1 72  ? -3.10615  -5.48564  -2.27171  1.000 10.08460 ?  72  ILE A CA   1 
ATOM   576  C  C    . ILE A 1 72  ? -3.64528  -6.89949  -2.16407  1.000 11.62203 ?  72  ILE A C    1 
ATOM   577  O  O    . ILE A 1 72  ? -3.08147  -7.83159  -2.73462  1.000 12.90544 ?  72  ILE A O    1 
ATOM   578  C  CB   . ILE A 1 72  ? -2.27894  -5.10788  -1.03046  1.000 11.36752 ?  72  ILE A CB   1 
ATOM   579  C  CG1  . ILE A 1 72  ? -1.48887  -3.81747  -1.28668  1.000 10.87522 ?  72  ILE A CG1  1 
ATOM   580  C  CG2  . ILE A 1 72  ? -1.37732  -6.27539  -0.63459  1.000 13.26700 ?  72  ILE A CG2  1 
ATOM   581  C  CD1  . ILE A 1 72  ? -0.89427  -3.16251  -0.01983  1.000 10.37179 ?  72  ILE A CD1  1 
ATOM   582  N  N    . HIS A 1 73  ? -4.74552  -7.08474  -1.42973  1.000 12.14075 ?  73  HIS A N    1 
ATOM   583  C  CA   . HIS A 1 73  ? -5.28887  -8.42866  -1.26855  1.000 12.19933 ?  73  HIS A CA   1 
ATOM   584  C  C    . HIS A 1 73  ? -5.78202  -8.99010  -2.59631  1.000 14.64251 ?  73  HIS A C    1 
ATOM   585  O  O    . HIS A 1 73  ? -5.60063  -10.18376 -2.88217  1.000 14.89024 ?  73  HIS A O    1 
ATOM   586  C  CB   . HIS A 1 73  ? -6.43241  -8.43397  -0.24149  1.000 11.74042 ?  73  HIS A CB   1 
ATOM   587  C  CG   . HIS A 1 73  ? -6.83347  -9.82527  0.16228   1.000 12.68467 ?  73  HIS A CG   1 
ATOM   588  N  ND1  . HIS A 1 73  ? -5.99644  -10.66748 0.86406   1.000 13.90316 ?  73  HIS A ND1  1 
ATOM   589  C  CD2  . HIS A 1 73  ? -7.95122  -10.53911 -0.10579  1.000 12.90798 ?  73  HIS A CD2  1 
ATOM   590  C  CE1  . HIS A 1 73  ? -6.59770  -11.83195 1.04437   1.000 13.51449 ?  73  HIS A CE1  1 
ATOM   591  N  NE2  . HIS A 1 73  ? -7.77621  -11.79009 0.44073   1.000 11.50651 ?  73  HIS A NE2  1 
ATOM   592  N  N    . ALA A 1 74  ? -6.41316  -8.14837  -3.41176  1.000 10.96602 ?  74  ALA A N    1 
ATOM   593  C  CA   . ALA A 1 74  ? -6.83288  -8.58474  -4.73760  1.000 14.15519 ?  74  ALA A CA   1 
ATOM   594  C  C    . ALA A 1 74  ? -5.63447  -8.99213  -5.59401  1.000 15.15463 ?  74  ALA A C    1 
ATOM   595  O  O    . ALA A 1 74  ? -5.68367  -10.01269 -6.30271  1.000 13.37882 ?  74  ALA A O    1 
ATOM   596  C  CB   . ALA A 1 74  ? -7.64934  -7.47841  -5.41285  1.000 16.74780 ?  74  ALA A CB   1 
ATOM   597  N  N    . ALA A 1 75  ? -4.56139  -8.19275  -5.57381  1.000 12.96549 ?  75  ALA A N    1 
ATOM   598  C  CA   . ALA A 1 75  ? -3.35797  -8.56598  -6.31626  1.000 13.84951 ?  75  ALA A CA   1 
ATOM   599  C  C    . ALA A 1 75  ? -2.78284  -9.87979  -5.80153  1.000 16.73867 ?  75  ALA A C    1 
ATOM   600  O  O    . ALA A 1 75  ? -2.27896  -10.69595 -6.57096  1.000 14.48650 ?  75  ALA A O    1 
ATOM   601  C  CB   . ALA A 1 75  ? -2.31452  -7.44868  -6.23473  1.000 14.33784 ?  75  ALA A CB   1 
ATOM   602  N  N    . LEU A 1 76  ? -2.85229  -10.09995 -4.49143  1.000 12.98169 ?  76  LEU A N    1 
ATOM   603  C  CA   . LEU A 1 76  ? -2.35818  -11.34742 -3.92252  1.000 13.47664 ?  76  LEU A CA   1 
ATOM   604  C  C    . LEU A 1 76  ? -3.17408  -12.53762 -4.42259  1.000 14.18105 ?  76  LEU A C    1 
ATOM   605  O  O    . LEU A 1 76  ? -2.61985  -13.59830 -4.72424  1.000 14.20033 ?  76  LEU A O    1 
ATOM   606  C  CB   . LEU A 1 76  ? -2.40961  -11.24513 -2.39392  1.000 14.83438 ?  76  LEU A CB   1 
ATOM   607  C  CG   . LEU A 1 76  ? -2.00517  -12.38635 -1.46555  1.000 26.82288 ?  76  LEU A CG   1 
ATOM   608  C  CD1  . LEU A 1 76  ? -3.07867  -13.43734 -1.42283  1.000 30.86442 ?  76  LEU A CD1  1 
ATOM   609  C  CD2  . LEU A 1 76  ? -0.65233  -12.96985 -1.83576  1.000 36.76136 ?  76  LEU A CD2  1 
ATOM   610  N  N    . HIS A 1 77  ? -4.49458  -12.37331 -4.52315  1.000 13.09990 ?  77  HIS A N    1 
ATOM   611  C  CA   . HIS A 1 77  ? -5.32014  -13.44147 -5.08177  1.000 11.68915 ?  77  HIS A CA   1 
ATOM   612  C  C    . HIS A 1 77  ? -4.88907  -13.77128 -6.50647  1.000 20.36711 ?  77  HIS A C    1 
ATOM   613  O  O    . HIS A 1 77  ? -4.73013  -14.94392 -6.86271  1.000 16.91236 ?  77  HIS A O    1 
ATOM   614  C  CB   . HIS A 1 77  ? -6.80006  -13.04254 -5.01914  1.000 12.17401 ?  77  HIS A CB   1 
ATOM   615  C  CG   . HIS A 1 77  ? -7.47445  -13.49597 -3.76189  1.000 15.98188 ?  77  HIS A CG   1 
ATOM   616  N  ND1  . HIS A 1 77  ? -8.26065  -14.62742 -3.70318  1.000 18.21172 ?  77  HIS A ND1  1 
ATOM   617  C  CD2  . HIS A 1 77  ? -7.45820  -12.98421 -2.50459  1.000 12.98386 ?  77  HIS A CD2  1 
ATOM   618  C  CE1  . HIS A 1 77  ? -8.69901  -14.79207 -2.46373  1.000 13.64715 ?  77  HIS A CE1  1 
ATOM   619  N  NE2  . HIS A 1 77  ? -8.20825  -13.82298 -1.71608  1.000 14.09066 ?  77  HIS A NE2  1 
ATOM   620  N  N    . LEU A 1 78  ? -4.68042  -12.74093 -7.33636  1.000 17.86733 ?  78  LEU A N    1 
ATOM   621  C  CA   . LEU A 1 78  ? -4.20673  -12.97338 -8.69881  1.000 17.27596 ?  78  LEU A CA   1 
ATOM   622  C  C    . LEU A 1 78  ? -2.87476  -13.71098 -8.69505  1.000 17.87611 ?  78  LEU A C    1 
ATOM   623  O  O    . LEU A 1 78  ? -2.69416  -14.67040 -9.45830  1.000 20.19975 ?  78  LEU A O    1 
ATOM   624  C  CB   . LEU A 1 78  ? -4.09755  -11.64518 -9.45790  1.000 14.32441 ?  78  LEU A CB   1 
ATOM   625  C  CG   . LEU A 1 78  ? -5.43176  -10.95970 -9.74823  1.000 16.91238 ?  78  LEU A CG   1 
ATOM   626  C  CD1  . LEU A 1 78  ? -5.24002  -9.52005  -10.23480 1.000 16.94861 ?  78  LEU A CD1  1 
ATOM   627  C  CD2  . LEU A 1 78  ? -6.20413  -11.78810 -10.77704 1.000 23.90414 ?  78  LEU A CD2  1 
ATOM   628  N  N    . ALA A 1 79  ? -1.93803  -13.30158 -7.82521  1.000 16.44432 ?  79  ALA A N    1 
ATOM   629  C  CA   . ALA A 1 79  ? -0.65303  -13.98556 -7.74154  1.000 13.69339 ?  79  ALA A CA   1 
ATOM   630  C  C    . ALA A 1 79  ? -0.82423  -15.44229 -7.33330  1.000 18.93947 ?  79  ALA A C    1 
ATOM   631  O  O    . ALA A 1 79  ? -0.13360  -16.32912 -7.85483  1.000 20.40767 ?  79  ALA A O    1 
ATOM   632  C  CB   . ALA A 1 79  ? 0.27112   -13.26939 -6.74608  1.000 16.91599 ?  79  ALA A CB   1 
ATOM   633  N  N    . ASN A 1 80  ? -1.71542  -15.70560 -6.37291  1.000 17.26595 ?  80  ASN A N    1 
ATOM   634  C  CA   . ASN A 1 80  ? -1.96854  -17.08181 -5.94737  1.000 17.50449 ?  80  ASN A CA   1 
ATOM   635  C  C    . ASN A 1 80  ? -2.47040  -17.94595 -7.09457  1.000 15.16931 ?  80  ASN A C    1 
ATOM   636  O  O    . ASN A 1 80  ? -2.28692  -19.16258 -7.06958  1.000 22.94477 ?  80  ASN A O    1 
ATOM   637  C  CB   . ASN A 1 80  ? -2.98752  -17.11527 -4.80473  1.000 15.09199 ?  80  ASN A CB   1 
ATOM   638  C  CG   . ASN A 1 80  ? -2.38529  -16.71005 -3.46915  1.000 21.47940 ?  80  ASN A CG   1 
ATOM   639  O  OD1  . ASN A 1 80  ? -1.17285  -16.74411 -3.28102  1.000 23.02664 ?  80  ASN A OD1  1 
ATOM   640  N  ND2  . ASN A 1 80  ? -3.23575  -16.31387 -2.53672  1.000 25.42560 ?  80  ASN A ND2  1 
ATOM   641  N  N    . GLU A 1 81  ? -3.14576  -17.35274 -8.06814  1.000 19.86156 ?  81  GLU A N    1 
ATOM   642  C  CA   . GLU A 1 81  ? -3.61062  -18.10054 -9.22854  1.000 24.33022 ?  81  GLU A CA   1 
ATOM   643  C  C    . GLU A 1 81  ? -2.56571  -18.17812 -10.32528 1.000 21.43357 ?  81  GLU A C    1 
ATOM   644  O  O    . GLU A 1 81  ? -2.86609  -18.69361 -11.41086 1.000 22.64429 ?  81  GLU A O    1 
ATOM   645  C  CB   . GLU A 1 81  ? -4.88802  -17.47104 -9.78122  1.000 24.62797 ?  81  GLU A CB   1 
ATOM   646  C  CG   . GLU A 1 81  ? -5.89611  -17.20841 -8.70121  1.000 31.27832 ?  81  GLU A CG   1 
ATOM   647  C  CD   . GLU A 1 81  ? -7.22497  -16.77697 -9.24468  1.000 40.64025 ?  81  GLU A CD   1 
ATOM   648  O  OE1  . GLU A 1 81  ? -8.20379  -17.49881 -8.98680  1.000 56.69219 ?  81  GLU A OE1  1 
ATOM   649  O  OE2  . GLU A 1 81  ? -7.28981  -15.73079 -9.93269  1.000 38.85384 ?  81  GLU A OE2  1 
ATOM   650  N  N    . GLY A 1 82  ? -1.36182  -17.67631 -10.07311 1.000 20.61778 ?  82  GLY A N    1 
ATOM   651  C  CA   . GLY A 1 82  ? -0.31978  -17.67190 -11.07040 1.000 24.20664 ?  82  GLY A CA   1 
ATOM   652  C  C    . GLY A 1 82  ? -0.49607  -16.66133 -12.17401 1.000 18.81398 ?  82  GLY A C    1 
ATOM   653  O  O    . GLY A 1 82  ? 0.19589   -16.74921 -13.19127 1.000 27.44882 ?  82  GLY A O    1 
ATOM   654  N  N    . LYS A 1 83  ? -1.40715  -15.69896 -12.01753 1.000 19.82360 ?  83  LYS A N    1 
ATOM   655  C  CA   . LYS A 1 83  ? -1.63685  -14.69441 -13.04767 1.000 18.17059 ?  83  LYS A CA   1 
ATOM   656  C  C    . LYS A 1 83  ? -0.66296  -13.55371 -12.79262 1.000 23.65213 ?  83  LYS A C    1 
ATOM   657  O  O    . LYS A 1 83  ? -1.01879  -12.48484 -12.28914 1.000 22.94502 ?  83  LYS A O    1 
ATOM   658  C  CB   . LYS A 1 83  ? -3.08721  -14.24278 -13.03028 1.000 19.84436 ?  83  LYS A CB   1 
ATOM   659  C  CG   . LYS A 1 83  ? -4.07711  -15.38963 -13.31001 1.000 21.03560 ?  83  LYS A CG   1 
ATOM   660  C  CD   . LYS A 1 83  ? -5.50465  -14.90880 -13.37595 1.000 28.51524 ?  83  LYS A CD   1 
ATOM   661  C  CE   . LYS A 1 83  ? -6.45397  -16.08351 -13.66948 1.000 38.61984 ?  83  LYS A CE   1 
ATOM   662  N  NZ   . LYS A 1 83  ? -7.87561  -15.65297 -13.75725 1.000 39.53992 ?  83  LYS A NZ   1 
ATOM   663  N  N    . VAL A 1 84  ? 0.59729   -13.79519 -13.15144 1.000 20.80890 ?  84  VAL A N    1 
ATOM   664  C  CA   . VAL A 1 84  ? 1.65792   -12.85218 -12.81347 1.000 19.98194 ?  84  VAL A CA   1 
ATOM   665  C  C    . VAL A 1 84  ? 1.40001   -11.49475 -13.45031 1.000 25.01886 ?  84  VAL A C    1 
ATOM   666  O  O    . VAL A 1 84  ? 1.42780   -10.46238 -12.77569 1.000 21.16692 ?  84  VAL A O    1 
ATOM   667  C  CB   . VAL A 1 84  ? 3.03484   -13.40167 -13.22128 1.000 21.34427 ?  84  VAL A CB   1 
ATOM   668  C  CG1  . VAL A 1 84  ? 4.11865   -12.36173 -12.92400 1.000 23.63380 ?  84  VAL A CG1  1 
ATOM   669  C  CG2  . VAL A 1 84  ? 3.32869   -14.68255 -12.49364 1.000 23.53950 ?  84  VAL A CG2  1 
ATOM   670  N  N    . LYS A 1 85  ? 1.16220   -11.46274 -14.76412 1.000 27.86500 ?  85  LYS A N    1 
ATOM   671  C  CA   . LYS A 1 85  ? 0.99801   -10.16651 -15.41405 1.000 21.58951 ?  85  LYS A CA   1 
ATOM   672  C  C    . LYS A 1 85  ? -0.25556  -9.44496  -14.92529 1.000 19.24753 ?  85  LYS A C    1 
ATOM   673  O  O    . LYS A 1 85  ? -0.25806  -8.21540  -14.79195 1.000 23.68397 ?  85  LYS A O    1 
ATOM   674  C  CB   . LYS A 1 85  ? 1.01258   -10.33945 -16.93647 1.000 32.27370 ?  85  LYS A CB   1 
ATOM   675  C  CG   . LYS A 1 85  ? 2.38051   -10.83921 -17.40753 1.000 31.15626 ?  85  LYS A CG   1 
ATOM   676  C  CD   . LYS A 1 85  ? 2.47456   -11.03191 -18.90951 1.000 51.42352 ?  85  LYS A CD   1 
ATOM   677  C  CE   . LYS A 1 85  ? 3.89706   -11.42960 -19.30319 1.000 52.90241 ?  85  LYS A CE   1 
ATOM   678  N  NZ   . LYS A 1 85  ? 4.89046   -10.37475 -18.92717 1.000 50.41811 ?  85  LYS A NZ   1 
ATOM   679  N  N    A GLU A 1 86  ? -1.31375  -10.20075 -14.62944 0.460 20.66267 ?  86  GLU A N    1 
ATOM   680  N  N    B GLU A 1 86  ? -1.33233  -10.18268 -14.63063 0.540 20.64829 ?  86  GLU A N    1 
ATOM   681  C  CA   A GLU A 1 86  ? -2.52360  -9.61917  -14.06130 0.460 18.77600 ?  86  GLU A CA   1 
ATOM   682  C  CA   B GLU A 1 86  ? -2.50597  -9.51681  -14.06072 0.540 18.78100 ?  86  GLU A CA   1 
ATOM   683  C  C    A GLU A 1 86  ? -2.26759  -9.05878  -12.65802 0.460 17.36188 ?  86  GLU A C    1 
ATOM   684  C  C    B GLU A 1 86  ? -2.22255  -9.00317  -12.64826 0.540 17.27216 ?  86  GLU A C    1 
ATOM   685  O  O    A GLU A 1 86  ? -2.79262  -7.99502  -12.30043 0.460 19.57222 ?  86  GLU A O    1 
ATOM   686  O  O    B GLU A 1 86  ? -2.70201  -7.92660  -12.26616 0.540 19.62945 ?  86  GLU A O    1 
ATOM   687  C  CB   A GLU A 1 86  ? -3.62711  -10.67775 -14.04307 0.460 24.86274 ?  86  GLU A CB   1 
ATOM   688  C  CB   B GLU A 1 86  ? -3.71382  -10.45158 -14.04045 0.540 24.17634 ?  86  GLU A CB   1 
ATOM   689  C  CG   A GLU A 1 86  ? -4.06367  -11.16538 -15.44276 0.460 25.92070 ?  86  GLU A CG   1 
ATOM   690  C  CG   B GLU A 1 86  ? -4.38360  -10.62544 -15.39174 0.540 25.43694 ?  86  GLU A CG   1 
ATOM   691  C  CD   A GLU A 1 86  ? -3.19292  -12.27398 -16.07242 0.460 27.47609 ?  86  GLU A CD   1 
ATOM   692  C  CD   B GLU A 1 86  ? -5.62953  -11.47904 -15.31214 0.540 28.55804 ?  86  GLU A CD   1 
ATOM   693  O  OE1  A GLU A 1 86  ? -2.00867  -12.48898 -15.70221 0.460 14.75944 ?  86  GLU A OE1  1 
ATOM   694  O  OE1  B GLU A 1 86  ? -5.75387  -12.42986 -16.11494 0.540 29.96546 ?  86  GLU A OE1  1 
ATOM   695  O  OE2  A GLU A 1 86  ? -3.71683  -12.95003 -16.98589 0.460 35.37297 ?  86  GLU A OE2  1 
ATOM   696  O  OE2  B GLU A 1 86  ? -6.47829  -11.19636 -14.44100 0.540 27.84557 ?  86  GLU A OE2  1 
ATOM   697  N  N    . ALA A 1 87  ? -1.46615  -9.76077  -11.85547 1.000 20.13684 ?  87  ALA A N    1 
ATOM   698  C  CA   . ALA A 1 87  ? -1.09355  -9.26980  -10.52803 1.000 19.19853 ?  87  ALA A CA   1 
ATOM   699  C  C    . ALA A 1 87  ? -0.23317  -8.01385  -10.64018 1.000 19.01466 ?  87  ALA A C    1 
ATOM   700  O  O    . ALA A 1 87  ? -0.43506  -7.03189  -9.91572  1.000 16.18705 ?  87  ALA A O    1 
ATOM   701  C  CB   . ALA A 1 87  ? -0.35757  -10.35442 -9.75011  1.000 18.10726 ?  87  ALA A CB   1 
ATOM   702  N  N    . GLN A 1 88  ? 0.75121   -8.03386  -11.54351 1.000 16.62783 ?  88  GLN A N    1 
ATOM   703  C  CA   . GLN A 1 88  ? 1.58859   -6.85528  -11.76249 1.000 21.19048 ?  88  GLN A CA   1 
ATOM   704  C  C    . GLN A 1 88  ? 0.76459   -5.65498  -12.22158 1.000 19.28915 ?  88  GLN A C    1 
ATOM   705  O  O    . GLN A 1 88  ? 1.04391   -4.51123  -11.83538 1.000 22.21099 ?  88  GLN A O    1 
ATOM   706  C  CB   . GLN A 1 88  ? 2.69617   -7.17310  -12.76994 1.000 17.17677 ?  88  GLN A CB   1 
ATOM   707  C  CG   . GLN A 1 88  ? 3.77515   -8.01856  -12.18212 1.000 19.06353 ?  88  GLN A CG   1 
ATOM   708  C  CD   . GLN A 1 88  ? 4.79835   -8.48791  -13.18766 1.000 28.34900 ?  88  GLN A CD   1 
ATOM   709  O  OE1  . GLN A 1 88  ? 4.46032   -8.93426  -14.28465 1.000 26.62085 ?  88  GLN A OE1  1 
ATOM   710  N  NE2  . GLN A 1 88  ? 6.05959   -8.42628  -12.80245 1.000 23.31090 ?  88  GLN A NE2  1 
ATOM   711  N  N    . ALA A 1 89  ? -0.26395  -5.88286  -13.04521 1.000 25.60071 ?  89  ALA A N    1 
ATOM   712  C  CA   . ALA A 1 89  ? -1.10151  -4.76056  -13.48047 1.000 21.17869 ?  89  ALA A CA   1 
ATOM   713  C  C    . ALA A 1 89  ? -1.94188  -4.21573  -12.32726 1.000 22.64610 ?  89  ALA A C    1 
ATOM   714  O  O    . ALA A 1 89  ? -2.17415  -3.00585  -12.22959 1.000 22.23067 ?  89  ALA A O    1 
ATOM   715  C  CB   . ALA A 1 89  ? -2.00359  -5.16068  -14.64628 1.000 27.48857 ?  89  ALA A CB   1 
ATOM   716  N  N    . ALA A 1 90  ? -2.47790  -5.09726  -11.47562 1.000 21.09133 ?  90  ALA A N    1 
ATOM   717  C  CA   . ALA A 1 90  ? -3.20279  -4.59670  -10.31059 1.000 20.43184 ?  90  ALA A CA   1 
ATOM   718  C  C    . ALA A 1 90  ? -2.27266  -3.79181  -9.40313  1.000 12.67936 ?  90  ALA A C    1 
ATOM   719  O  O    . ALA A 1 90  ? -2.66036  -2.73508  -8.87645  1.000 20.56286 ?  90  ALA A O    1 
ATOM   720  C  CB   . ALA A 1 90  ? -3.86776  -5.75146  -9.54493  1.000 16.81034 ?  90  ALA A CB   1 
ATOM   721  N  N    . ALA A 1 91  ? -1.04202  -4.26437  -9.21356  1.000 16.68857 ?  91  ALA A N    1 
ATOM   722  C  CA   . ALA A 1 91  ? -0.10339  -3.53290  -8.36940  1.000 20.72899 ?  91  ALA A CA   1 
ATOM   723  C  C    . ALA A 1 91  ? 0.23835   -2.19375  -8.99103  1.000 27.08171 ?  91  ALA A C    1 
ATOM   724  O  O    . ALA A 1 91  ? 0.30528   -1.17837  -8.29327  1.000 22.89430 ?  91  ALA A O    1 
ATOM   725  C  CB   . ALA A 1 91  ? 1.16102   -4.35667  -8.13219  1.000 18.61315 ?  91  ALA A CB   1 
ATOM   726  N  N    . GLU A 1 92  ? 0.44636   -2.17697  -10.30764 1.000 20.54749 ?  92  GLU A N    1 
ATOM   727  C  CA   . GLU A 1 92  ? 0.67808   -0.91150  -10.99332 1.000 25.39601 ?  92  GLU A CA   1 
ATOM   728  C  C    . GLU A 1 92  ? -0.45466  0.07232   -10.71782 1.000 22.11437 ?  92  GLU A C    1 
ATOM   729  O  O    . GLU A 1 92  ? -0.20799  1.25835   -10.45428 1.000 24.11432 ?  92  GLU A O    1 
ATOM   730  C  CB   . GLU A 1 92  ? 0.85182   -1.16909  -12.49675 1.000 22.99514 ?  92  GLU A CB   1 
ATOM   731  C  CG   . GLU A 1 92  ? 0.92131   0.08805   -13.33017 1.000 23.46457 ?  92  GLU A CG   1 
ATOM   732  C  CD   . GLU A 1 92  ? 2.13528   0.92094   -13.02286 1.000 23.56832 ?  92  GLU A CD   1 
ATOM   733  O  OE1  . GLU A 1 92  ? 3.14811   0.35814   -12.53936 1.000 27.44529 ?  92  GLU A OE1  1 
ATOM   734  O  OE2  . GLU A 1 92  ? 2.07751   2.14837   -13.26040 1.000 25.61156 ?  92  GLU A OE2  1 
ATOM   735  N  N    . GLN A 1 93  ? -1.69514  -0.40856  -10.71348 1.000 23.29383 ?  93  GLN A N    1 
ATOM   736  C  CA   . GLN A 1 93  ? -2.84135  0.45876   -10.48715 1.000 23.45534 ?  93  GLN A CA   1 
ATOM   737  C  C    . GLN A 1 93  ? -3.03395  0.87398   -9.02789  1.000 26.59606 ?  93  GLN A C    1 
ATOM   738  O  O    . GLN A 1 93  ? -3.81206  1.80146   -8.76990  1.000 24.68203 ?  93  GLN A O    1 
ATOM   739  C  CB   . GLN A 1 93  ? -4.10957  -0.20993  -11.00143 1.000 30.92261 ?  93  GLN A CB   1 
ATOM   740  C  CG   . GLN A 1 93  ? -4.12625  -0.32181  -12.53561 1.000 33.54097 ?  93  GLN A CG   1 
ATOM   741  C  CD   . GLN A 1 93  ? -3.93166  1.02861   -13.23341 1.000 41.89320 ?  93  GLN A CD   1 
ATOM   742  O  OE1  . GLN A 1 93  ? -4.61238  2.00314   -12.91947 1.000 37.66265 ?  93  GLN A OE1  1 
ATOM   743  N  NE2  . GLN A 1 93  ? -2.99038  1.08717   -14.17653 1.000 34.48097 ?  93  GLN A NE2  1 
ATOM   744  N  N    A LEU A 1 94  ? -2.36428  0.18894   -8.08739  0.750 23.56430 ?  94  LEU A N    1 
ATOM   745  N  N    B LEU A 1 94  ? -2.37765  0.23701   -8.06549  0.250 23.48316 ?  94  LEU A N    1 
ATOM   746  C  CA   A LEU A 1 94  ? -2.30902  0.65616   -6.69965  0.750 21.34913 ?  94  LEU A CA   1 
ATOM   747  C  CA   B LEU A 1 94  ? -2.53928  0.77913   -6.72524  0.250 20.89154 ?  94  LEU A CA   1 
ATOM   748  C  C    A LEU A 1 94  ? -1.86337  2.10120   -6.63283  0.750 19.35634 ?  94  LEU A C    1 
ATOM   749  C  C    B LEU A 1 94  ? -1.77918  2.08976   -6.55322  0.250 19.20165 ?  94  LEU A C    1 
ATOM   750  O  O    A LEU A 1 94  ? -2.31394  2.86520   -5.77532  0.750 15.06565 ?  94  LEU A O    1 
ATOM   751  O  O    B LEU A 1 94  ? -1.94959  2.75757   -5.52707  0.250 15.35202 ?  94  LEU A O    1 
ATOM   752  C  CB   A LEU A 1 94  ? -1.33035  -0.19766  -5.88858  0.750 19.94593 ?  94  LEU A CB   1 
ATOM   753  C  CB   B LEU A 1 94  ? -2.10901  -0.25026  -5.68092  0.250 24.61277 ?  94  LEU A CB   1 
ATOM   754  C  CG   A LEU A 1 94  ? -1.69816  -1.60910  -5.43170  0.750 17.86551 ?  94  LEU A CG   1 
ATOM   755  C  CG   B LEU A 1 94  ? -0.63304  -0.62592  -5.56883  0.250 19.39882 ?  94  LEU A CG   1 
ATOM   756  C  CD1  A LEU A 1 94  ? -0.45373  -2.29717  -4.86030  0.750 24.05729 ?  94  LEU A CD1  1 
ATOM   757  C  CD1  B LEU A 1 94  ? 0.13434   0.50376   -4.96794  0.250 22.45845 ?  94  LEU A CD1  1 
ATOM   758  C  CD2  A LEU A 1 94  ? -2.77809  -1.54529  -4.37888  0.750 19.83605 ?  94  LEU A CD2  1 
ATOM   759  C  CD2  B LEU A 1 94  ? -0.45689  -1.90684  -4.75341  0.250 24.36633 ?  94  LEU A CD2  1 
ATOM   760  N  N    . LYS A 1 95  ? -0.95478  2.47921   -7.53635  1.000 14.65338 ?  95  LYS A N    1 
ATOM   761  C  CA   . LYS A 1 95  ? -0.35010  3.80257   -7.49931  1.000 18.74850 ?  95  LYS A CA   1 
ATOM   762  C  C    . LYS A 1 95  ? -1.39304  4.90084   -7.45369  1.000 11.68360 ?  95  LYS A C    1 
ATOM   763  O  O    . LYS A 1 95  ? -1.14670  5.95463   -6.85498  1.000 14.95979 ?  95  LYS A O    1 
ATOM   764  C  CB   . LYS A 1 95  ? 0.55317   3.97729   -8.72461  1.000 17.69309 ?  95  LYS A CB   1 
ATOM   765  C  CG   . LYS A 1 95  ? 1.78569   3.05053   -8.70669  1.000 18.57227 ?  95  LYS A CG   1 
ATOM   766  C  CD   . LYS A 1 95  ? 2.64357   3.18694   -9.97764  1.000 22.07257 ?  95  LYS A CD   1 
ATOM   767  C  CE   . LYS A 1 95  ? 3.78960   2.16897   -9.97455  1.000 30.36994 ?  95  LYS A CE   1 
ATOM   768  N  NZ   . LYS A 1 95  ? 4.70374   2.26971   -11.16377 1.000 24.77734 ?  95  LYS A NZ   1 
ATOM   769  N  N    . CYS A 1 96  ? -2.56320  4.68335   -8.06622  1.000 15.79868 ?  96  CYS A N    1 
ATOM   770  C  CA   . CYS A 1 96  ? -3.62894  5.67840   -7.99897  1.000 12.96782 ?  96  CYS A CA   1 
ATOM   771  C  C    . CYS A 1 96  ? -4.02555  5.96205   -6.56182  1.000 13.61882 ?  96  CYS A C    1 
ATOM   772  O  O    . CYS A 1 96  ? -4.32299  7.10769   -6.20677  1.000 14.33364 ?  96  CYS A O    1 
ATOM   773  C  CB   . CYS A 1 96  ? -4.85374  5.21266   -8.77799  1.000 20.85044 ?  96  CYS A CB   1 
ATOM   774  S  SG   . CYS A 1 96  ? -4.51667  5.14218   -10.53148 1.000 26.92237 ?  96  CYS A SG   1 
ATOM   775  N  N    . THR A 1 97  ? -4.05088  4.91878   -5.72978  1.000 15.76311 ?  97  THR A N    1 
ATOM   776  C  CA   . THR A 1 97  ? -4.38202  5.09748   -4.31568  1.000 14.32007 ?  97  THR A CA   1 
ATOM   777  C  C    . THR A 1 97  ? -3.25303  5.77604   -3.54668  1.000 11.66342 ?  97  THR A C    1 
ATOM   778  O  O    . THR A 1 97  ? -3.50860  6.64088   -2.69189  1.000 13.08123 ?  97  THR A O    1 
ATOM   779  C  CB   . THR A 1 97  ? -4.71035  3.73490   -3.70355  1.000 13.48012 ?  97  THR A CB   1 
ATOM   780  O  OG1  . THR A 1 97  ? -5.73319  3.10943   -4.50805  1.000 14.26271 ?  97  THR A OG1  1 
ATOM   781  C  CG2  . THR A 1 97  ? -5.19215  3.88266   -2.25352  1.000 13.08260 ?  97  THR A CG2  1 
ATOM   782  N  N    . CYS A 1 98  ? -2.00711  5.36281   -3.78047  1.000 12.15725 ?  98  CYS A N    1 
ATOM   783  C  CA   . CYS A 1 98  ? -0.88289  6.06262   -3.16270  1.000 11.92404 ?  98  CYS A CA   1 
ATOM   784  C  C    . CYS A 1 98  ? -0.96826  7.55263   -3.47015  1.000 15.65617 ?  98  CYS A C    1 
ATOM   785  O  O    . CYS A 1 98  ? -0.89300  8.39730   -2.57086  1.000 12.52474 ?  98  CYS A O    1 
ATOM   786  C  CB   . CYS A 1 98  ? 0.46313   5.50020   -3.66390  1.000 12.93041 ?  98  CYS A CB   1 
ATOM   787  S  SG   . CYS A 1 98  ? 0.60568   3.70667   -3.94882  1.000 16.74503 ?  98  CYS A SG   1 
ATOM   788  N  N    . ASN A 1 99  ? -1.13828  7.88706   -4.74883  1.000 13.57608 ?  99  ASN A N    1 
ATOM   789  C  CA   . ASN A 1 99  ? -1.12818  9.29194   -5.14683  1.000 13.44757 ?  99  ASN A CA   1 
ATOM   790  C  C    . ASN A 1 99  ? -2.29884  10.04596  -4.53460  1.000 14.33866 ?  99  ASN A C    1 
ATOM   791  O  O    . ASN A 1 99  ? -2.14003  11.19030  -4.10335  1.000 13.57388 ?  99  ASN A O    1 
ATOM   792  C  CB   . ASN A 1 99  ? -1.15295  9.41028   -6.68157  1.000 13.45845 ?  99  ASN A CB   1 
ATOM   793  C  CG   . ASN A 1 99  ? 0.12913   8.88868   -7.33133  1.000 17.23348 ?  99  ASN A CG   1 
ATOM   794  O  OD1  . ASN A 1 99  ? 1.19850   8.91461   -6.72506  1.000 20.53723 ?  99  ASN A OD1  1 
ATOM   795  N  ND2  . ASN A 1 99  ? 0.02389   8.42643   -8.58292  1.000 21.59361 ?  99  ASN A ND2  1 
ATOM   796  N  N    . ALA A 1 100 ? -3.48624  9.43300   -4.50436  1.000 15.50544 ?  100 ALA A N    1 
ATOM   797  C  CA   . ALA A 1 100 ? -4.65443  10.13264  -3.98649  1.000 15.99752 ?  100 ALA A CA   1 
ATOM   798  C  C    . ALA A 1 100 ? -4.47166  10.48081  -2.52005  1.000 15.47580 ?  100 ALA A C    1 
ATOM   799  O  O    . ALA A 1 100 ? -4.80713  11.59322  -2.09512  1.000 15.32672 ?  100 ALA A O    1 
ATOM   800  C  CB   . ALA A 1 100 ? -5.91243  9.27903   -4.17932  1.000 17.73067 ?  100 ALA A CB   1 
ATOM   801  N  N    . CYS A 1 101 ? -3.94551  9.54400   -1.72216  1.000 12.90372 ?  101 CYS A N    1 
ATOM   802  C  CA   . CYS A 1 101 ? -3.70634  9.88471   -0.32155  1.000 11.80444 ?  101 CYS A CA   1 
ATOM   803  C  C    . CYS A 1 101 ? -2.63053  10.95402  -0.19262  1.000 11.49241 ?  101 CYS A C    1 
ATOM   804  O  O    . CYS A 1 101 ? -2.75789  11.87812  0.62410   1.000 14.67841 ?  101 CYS A O    1 
ATOM   805  C  CB   . CYS A 1 101 ? -3.30665  8.64345   0.47596   1.000 12.62154 ?  101 CYS A CB   1 
ATOM   806  S  SG   . CYS A 1 101 ? -3.09801  9.09043   2.22186   1.000 14.70905 ?  101 CYS A SG   1 
ATOM   807  N  N    . HIS A 1 102 ? -1.55576  10.83255  -0.97032  1.000 11.68654 ?  102 HIS A N    1 
ATOM   808  C  CA   . HIS A 1 102 ? -0.48254  11.82580  -0.92080  1.000 14.35840 ?  102 HIS A CA   1 
ATOM   809  C  C    . HIS A 1 102 ? -0.99102  13.22071  -1.23361  1.000 15.88956 ?  102 HIS A C    1 
ATOM   810  O  O    . HIS A 1 102 ? -0.61001  14.19272  -0.56995  1.000 16.49536 ?  102 HIS A O    1 
ATOM   811  C  CB   . HIS A 1 102 ? 0.62780   11.45752  -1.90136  1.000 13.92737 ?  102 HIS A CB   1 
ATOM   812  C  CG   . HIS A 1 102 ? 1.39273   10.24738  -1.49037  1.000 13.03091 ?  102 HIS A CG   1 
ATOM   813  N  ND1  . HIS A 1 102 ? 2.21939   9.56283   -2.35397  1.000 12.48611 ?  102 HIS A ND1  1 
ATOM   814  C  CD2  . HIS A 1 102 ? 1.41797   9.57122   -0.31968  1.000 12.54835 ?  102 HIS A CD2  1 
ATOM   815  C  CE1  . HIS A 1 102 ? 2.74023   8.52236   -1.72246  1.000 13.86914 ?  102 HIS A CE1  1 
ATOM   816  N  NE2  . HIS A 1 102 ? 2.25421   8.50566   -0.49613  1.000 12.40580 ?  102 HIS A NE2  1 
ATOM   817  N  N    . GLN A 1 103 ? -1.85952  13.33794  -2.23475  1.000 17.28833 ?  103 GLN A N    1 
ATOM   818  C  CA   . GLN A 1 103 ? -2.40054  14.64899  -2.58891  1.000 22.86436 ?  103 GLN A CA   1 
ATOM   819  C  C    . GLN A 1 103 ? -3.14454  15.30061  -1.42826  1.000 23.24687 ?  103 GLN A C    1 
ATOM   820  O  O    . GLN A 1 103 ? -3.11596  16.52570  -1.28174  1.000 20.14828 ?  103 GLN A O    1 
ATOM   821  C  CB   . GLN A 1 103 ? -3.32280  14.52297  -3.80922  1.000 17.63993 ?  103 GLN A CB   1 
ATOM   822  C  CG   . GLN A 1 103 ? -2.57142  14.31625  -5.09829  1.000 26.93488 ?  103 GLN A CG   1 
ATOM   823  C  CD   . GLN A 1 103 ? -1.76828  15.54552  -5.47639  1.000 44.35326 ?  103 GLN A CD   1 
ATOM   824  O  OE1  . GLN A 1 103 ? -2.29051  16.65482  -5.47938  1.000 34.44988 ?  103 GLN A OE1  1 
ATOM   825  N  NE2  . GLN A 1 103 ? -0.48355  15.35666  -5.77017  1.000 40.11266 ?  103 GLN A NE2  1 
ATOM   826  N  N    . LYS A 1 104 ? -3.81770  14.51686  -0.59575  1.000 18.55709 ?  104 LYS A N    1 
ATOM   827  C  CA   . LYS A 1 104 ? -4.57301  15.09616  0.50316   1.000 17.39396 ?  104 LYS A CA   1 
ATOM   828  C  C    . LYS A 1 104 ? -3.75292  15.29073  1.76613   1.000 19.39770 ?  104 LYS A C    1 
ATOM   829  O  O    . LYS A 1 104 ? -3.93798  16.28619  2.47566   1.000 25.12115 ?  104 LYS A O    1 
ATOM   830  C  CB   . LYS A 1 104 ? -5.78169  14.21384  0.83749   1.000 19.36958 ?  104 LYS A CB   1 
ATOM   831  C  CG   . LYS A 1 104 ? -6.90061  14.29028  -0.17628  1.000 28.66300 ?  104 LYS A CG   1 
ATOM   832  C  CD   . LYS A 1 104 ? -8.18289  13.65617  0.36265   1.000 29.08142 ?  104 LYS A CD   1 
ATOM   833  C  CE   . LYS A 1 104 ? -8.14727  12.16440  0.21030   1.000 31.64310 ?  104 LYS A CE   1 
ATOM   834  N  NZ   . LYS A 1 104 ? -9.47986  11.56171  0.54481   1.000 30.75723 ?  104 LYS A NZ   1 
ATOM   835  N  N    . TYR A 1 105 ? -2.85672  14.35789  2.08069   1.000 15.95489 ?  105 TYR A N    1 
ATOM   836  C  CA   . TYR A 1 105 ? -2.32014  14.25090  3.44202   1.000 14.76668 ?  105 TYR A CA   1 
ATOM   837  C  C    . TYR A 1 105 ? -0.80391  14.24593  3.55932   1.000 17.50477 ?  105 TYR A C    1 
ATOM   838  O  O    . TYR A 1 105 ? -0.30679  14.25735  4.68770   1.000 20.72345 ?  105 TYR A O    1 
ATOM   839  C  CB   . TYR A 1 105 ? -2.84273  12.97457  4.12419   1.000 12.61281 ?  105 TYR A CB   1 
ATOM   840  C  CG   . TYR A 1 105 ? -4.35085  12.96764  4.24775   1.000 17.10029 ?  105 TYR A CG   1 
ATOM   841  C  CD1  . TYR A 1 105 ? -5.12044  11.94425  3.69659   1.000 20.51953 ?  105 TYR A CD1  1 
ATOM   842  C  CD2  . TYR A 1 105 ? -5.00506  14.01403  4.88738   1.000 17.87085 ?  105 TYR A CD2  1 
ATOM   843  C  CE1  . TYR A 1 105 ? -6.51333  11.95615  3.81354   1.000 17.79739 ?  105 TYR A CE1  1 
ATOM   844  C  CE2  . TYR A 1 105 ? -6.37821  14.03524  5.01252   1.000 20.92840 ?  105 TYR A CE2  1 
ATOM   845  C  CZ   . TYR A 1 105 ? -7.12600  13.00407  4.46163   1.000 21.95033 ?  105 TYR A CZ   1 
ATOM   846  O  OH   . TYR A 1 105 ? -8.49498  13.05531  4.58260   1.000 20.50827 ?  105 TYR A OH   1 
ATOM   847  N  N    . ARG A 1 106 ? -0.06031  14.18359  2.46964   1.000 22.53203 ?  106 ARG A N    1 
ATOM   848  C  CA   . ARG A 1 106 ? 1.39769   14.13636  2.57473   1.000 23.83176 ?  106 ARG A CA   1 
ATOM   849  C  C    . ARG A 1 106 ? 1.98777   15.53765  2.46405   1.000 31.93241 ?  106 ARG A C    1 
ATOM   850  O  O    . ARG A 1 106 ? 1.42392   16.40095  1.80062   1.000 28.60985 ?  106 ARG A O    1 
ATOM   851  C  CB   . ARG A 1 106 ? 1.99894   13.23413  1.49706   1.000 17.35376 ?  106 ARG A CB   1 
ATOM   852  C  CG   . ARG A 1 106 ? 3.52725   13.25591  1.40798   1.000 16.34070 ?  106 ARG A CG   1 
ATOM   853  C  CD   . ARG A 1 106 ? 3.99305   12.17448  0.44425   1.000 19.38582 ?  106 ARG A CD   1 
ATOM   854  N  NE   . ARG A 1 106 ? 5.40363   12.28881  0.12840   1.000 23.41373 ?  106 ARG A NE   1 
ATOM   855  C  CZ   . ARG A 1 106 ? 5.99559   11.62548  -0.85334  1.000 22.98265 ?  106 ARG A CZ   1 
ATOM   856  N  NH1  . ARG A 1 106 ? 7.28195   11.81358  -1.10090  1.000 26.84800 ?  106 ARG A NH1  1 
ATOM   857  N  NH2  . ARG A 1 106 ? 5.30305   10.76816  -1.58921  1.000 23.52135 ?  106 ARG A NH2  1 
ATOM   858  O  OXT  . ARG A 1 106 ? 3.03009   15.82981  3.04818   1.000 26.77903 ?  106 ARG A OXT  1 
HETATM 859  NI NI   . NI  B 2 .   ? -15.82287 4.50015   8.01123   0.33  14.49318 ?  201 NI  A NI   1 
HETATM 860  NI NI   . NI  C 2 .   ? -8.96248  -13.54412 0.26143   0.33  13.64115 ?  202 NI  A NI   1 
HETATM 861  NI NI   . NI  D 2 .   ? 4.94577   1.00523   13.41729  1.000 16.90662 ?  203 NI  A NI   1 
HETATM 862  C  C    . TRS E 3 .   ? 3.20362   1.67233   15.23445  1.000 27.98697 ?  204 TRS A C    1 
HETATM 863  C  C1   . TRS E 3 .   ? 1.99228   2.25731   16.01575  1.000 22.49867 ?  204 TRS A C1   1 
HETATM 864  C  C2   . TRS E 3 .   ? 3.36283   0.14197   15.52769  1.000 31.77536 ?  204 TRS A C2   1 
HETATM 865  C  C3   . TRS E 3 .   ? 4.42716   2.35243   15.88859  1.000 18.29859 ?  204 TRS A C3   1 
HETATM 866  N  N    . TRS E 3 .   ? 3.05544   1.83081   13.63242  1.000 19.06783 ?  204 TRS A N    1 
HETATM 867  O  O1   . TRS E 3 .   ? 0.83199   1.46721   15.86588  1.000 22.91184 ?  204 TRS A O1   1 
HETATM 868  O  O2   . TRS E 3 .   ? 4.34477   -0.45565  14.66883  1.000 22.24366 ?  204 TRS A O2   1 
HETATM 869  O  O3   . TRS E 3 .   ? 5.58858   2.10443   15.16959  1.000 19.21662 ?  204 TRS A O3   1 
HETATM 870  H  H11  . TRS E 3 .   ? 2.24536   2.32454   17.07353  1.000 26.99840 ?  204 TRS A H11  1 
HETATM 871  H  H12  . TRS E 3 .   ? 1.78658   3.26570   15.65538  1.000 26.99840 ?  204 TRS A H12  1 
HETATM 872  H  H21  . TRS E 3 .   ? 3.65804   0.00218   16.56701  1.000 38.13043 ?  204 TRS A H21  1 
HETATM 873  H  H22  . TRS E 3 .   ? 2.40378   -0.35560  15.38161  1.000 38.13043 ?  204 TRS A H22  1 
HETATM 874  H  H31  . TRS E 3 .   ? 4.25740   3.42867   15.94136  1.000 21.95831 ?  204 TRS A H31  1 
HETATM 875  H  H32  . TRS E 3 .   ? 4.54606   1.98258   16.90768  1.000 21.95831 ?  204 TRS A H32  1 
HETATM 876  H  HN1  . TRS E 3 .   ? 2.17071   1.61875   13.18181  1.000 22.88139 ?  204 TRS A HN1  1 
HETATM 877  H  HN2  . TRS E 3 .   ? 3.64705   1.28786   13.01206  1.000 22.88139 ?  204 TRS A HN2  1 
HETATM 878  H  HN3  . TRS E 3 .   ? 3.20773   2.73397   13.19550  1.000 22.88139 ?  204 TRS A HN3  1 
HETATM 879  H  HO1  . TRS E 3 .   ? 0.05300   2.04936   15.74250  1.000 27.49421 ?  204 TRS A HO1  1 
HETATM 880  H  HO2  . TRS E 3 .   ? 4.25128   -0.09151  13.76301  1.000 26.69239 ?  204 TRS A HO2  1 
HETATM 881  H  HO3  . TRS E 3 .   ? 6.21660   1.59981   15.72732  1.000 23.05995 ?  204 TRS A HO3  1 
HETATM 882  FE FE   . HEC F 4 .   ? 2.78722   7.16407   1.04547   1.000 12.26986 ?  205 HEC A FE   1 
HETATM 883  C  CHA  . HEC F 4 .   ? 5.06693   9.36606   2.31140   1.000 15.25921 ?  205 HEC A CHA  1 
HETATM 884  C  CHB  . HEC F 4 .   ? 5.14801   5.97318   -1.13068  1.000 9.61414  ?  205 HEC A CHB  1 
HETATM 885  C  CHC  . HEC F 4 .   ? 0.56628   4.92118   -0.12123  1.000 10.02310 ?  205 HEC A CHC  1 
HETATM 886  C  CHD  . HEC F 4 .   ? 0.34635   8.49721   3.07211   1.000 12.26991 ?  205 HEC A CHD  1 
HETATM 887  N  NA   . HEC F 4 .   ? 4.72074   7.60502   0.64715   1.000 11.43770 ?  205 HEC A NA   1 
HETATM 888  C  C1A  . HEC F 4 .   ? 5.50285   8.52706   1.31114   1.000 15.12308 ?  205 HEC A C1A  1 
HETATM 889  C  C2A  . HEC F 4 .   ? 6.85209   8.45578   0.77773   1.000 12.05934 ?  205 HEC A C2A  1 
HETATM 890  C  C3A  . HEC F 4 .   ? 6.85647   7.50791   -0.16508  1.000 14.00619 ?  205 HEC A C3A  1 
HETATM 891  C  C4A  . HEC F 4 .   ? 5.52347   6.95286   -0.25423  1.000 11.19930 ?  205 HEC A C4A  1 
HETATM 892  C  CMA  . HEC F 4 .   ? 8.01472   7.02305   -1.05294  1.000 16.29311 ?  205 HEC A CMA  1 
HETATM 893  C  CAA  . HEC F 4 .   ? 8.03200   9.31901   1.25976   1.000 15.91479 ?  205 HEC A CAA  1 
HETATM 894  C  CBA  . HEC F 4 .   ? 8.76627   8.52529   2.32123   1.000 17.49118 ?  205 HEC A CBA  1 
HETATM 895  C  CGA  . HEC F 4 .   ? 9.90141   9.31507   2.93775   1.000 37.95980 ?  205 HEC A CGA  1 
HETATM 896  O  O1A  . HEC F 4 .   ? 10.97908  8.71530   3.12326   1.000 33.08293 ?  205 HEC A O1A  1 
HETATM 897  O  O2A  . HEC F 4 .   ? 9.73244   10.52327  3.23566   1.000 34.71888 ?  205 HEC A O2A  1 
HETATM 898  N  NB   . HEC F 4 .   ? 2.85944   5.75900   -0.36587  1.000 10.88065 ?  205 HEC A NB   1 
HETATM 899  C  C1B  . HEC F 4 .   ? 3.92068   5.36030   -1.13730  1.000 11.88563 ?  205 HEC A C1B  1 
HETATM 900  C  C2B  . HEC F 4 .   ? 3.53351   4.20060   -1.92420  1.000 10.81613 ?  205 HEC A C2B  1 
HETATM 901  C  C3B  . HEC F 4 .   ? 2.26145   3.93851   -1.62801  1.000 10.30853 ?  205 HEC A C3B  1 
HETATM 902  C  C4B  . HEC F 4 .   ? 1.83040   4.89960   -0.65045  1.000 9.43488  ?  205 HEC A C4B  1 
HETATM 903  C  CMB  . HEC F 4 .   ? 4.45522   3.45014   -2.90206  1.000 15.04876 ?  205 HEC A CMB  1 
HETATM 904  C  CAB  . HEC F 4 .   ? 1.34266   2.79146   -2.09208  1.000 18.19173 ?  205 HEC A CAB  1 
HETATM 905  C  CBB  . HEC F 4 .   ? 1.82196   1.65505   -2.60631  1.000 12.47596 ?  205 HEC A CBB  1 
HETATM 906  N  NC   . HEC F 4 .   ? 0.83157   6.80050   1.40519   1.000 10.34305 ?  205 HEC A NC   1 
HETATM 907  C  C1C  . HEC F 4 .   ? 0.10799   5.80520   0.80554   1.000 11.34983 ?  205 HEC A C1C  1 
HETATM 908  C  C2C  . HEC F 4 .   ? -1.24199  5.82884   1.29579   1.000 9.70350  ?  205 HEC A C2C  1 
HETATM 909  C  C3C  . HEC F 4 .   ? -1.31069  6.82082   2.19209   1.000 12.35784 ?  205 HEC A C3C  1 
HETATM 910  C  C4C  . HEC F 4 .   ? -0.00524  7.43328   2.27504   1.000 10.59607 ?  205 HEC A C4C  1 
HETATM 911  C  CMC  . HEC F 4 .   ? -2.34177  4.85385   0.82875   1.000 12.44933 ?  205 HEC A CMC  1 
HETATM 912  C  CAC  . HEC F 4 .   ? -2.52016  7.22441   3.05956   1.000 13.12838 ?  205 HEC A CAC  1 
HETATM 913  C  CBC  . HEC F 4 .   ? -3.65724  6.50053   3.13401   1.000 11.62605 ?  205 HEC A CBC  1 
HETATM 914  N  ND   . HEC F 4 .   ? 2.70626   8.60753   2.41859   1.000 9.34678  ?  205 HEC A ND   1 
HETATM 915  C  C1D  . HEC F 4 .   ? 1.60776   9.03801   3.13571   1.000 10.79118 ?  205 HEC A C1D  1 
HETATM 916  C  C2D  . HEC F 4 .   ? 2.00593   10.13265  3.98775   1.000 12.36859 ?  205 HEC A C2D  1 
HETATM 917  C  C3D  . HEC F 4 .   ? 3.31118   10.36378  3.78062   1.000 13.42509 ?  205 HEC A C3D  1 
HETATM 918  C  C4D  . HEC F 4 .   ? 3.77391   9.42774   2.78362   1.000 13.74375 ?  205 HEC A C4D  1 
HETATM 919  C  CMD  . HEC F 4 .   ? 1.09436   10.89021  4.97508   1.000 18.26144 ?  205 HEC A CMD  1 
HETATM 920  C  CAD  . HEC F 4 .   ? 4.19610   11.43569  4.46716   1.000 18.05672 ?  205 HEC A CAD  1 
HETATM 921  C  CBD  . HEC F 4 .   ? 4.97922   10.80871  5.61137   1.000 17.16823 ?  205 HEC A CBD  1 
HETATM 922  C  CGD  . HEC F 4 .   ? 5.77290   11.86487  6.36694   1.000 25.86673 ?  205 HEC A CGD  1 
HETATM 923  O  O1D  . HEC F 4 .   ? 5.88050   13.01147  5.87996   1.000 28.01473 ?  205 HEC A O1D  1 
HETATM 924  O  O2D  . HEC F 4 .   ? 6.28798   11.55367  7.46225   1.000 29.08474 ?  205 HEC A O2D  1 
HETATM 925  H  HHA  . HEC F 4 .   ? 5.72670   9.96654   2.71849   1.000 18.31105 ?  205 HEC A HHA  1 
HETATM 926  H  HHB  . HEC F 4 .   ? 5.80181   5.68870   -1.80345  1.000 11.53697 ?  205 HEC A HHB  1 
HETATM 927  H  HHC  . HEC F 4 .   ? -0.06287  4.24100   -0.43964  1.000 12.02772 ?  205 HEC A HHC  1 
HETATM 928  H  HHD  . HEC F 4 .   ? -0.35152  8.89763   3.63273   1.000 14.72389 ?  205 HEC A HHD  1 
HETATM 929  H  HMA1 . HEC F 4 .   ? 8.62215   7.76993   -1.23450  1.000 19.55173 ?  205 HEC A HMA1 1 
HETATM 930  H  HMA2 . HEC F 4 .   ? 7.65730   6.68002   -1.89874  1.000 19.55173 ?  205 HEC A HMA2 1 
HETATM 931  H  HMA3 . HEC F 4 .   ? 8.50282   6.30928   -0.59235  1.000 19.55173 ?  205 HEC A HMA3 1 
HETATM 932  H  HAA1 . HEC F 4 .   ? 7.70305   10.15036  1.63485   1.000 19.09775 ?  205 HEC A HAA1 1 
HETATM 933  H  HAA2 . HEC F 4 .   ? 8.62773   9.51077   0.51773   1.000 19.09775 ?  205 HEC A HAA2 1 
HETATM 934  H  HBA1 . HEC F 4 .   ? 9.12848   7.72103   1.91715   1.000 20.98942 ?  205 HEC A HBA1 1 
HETATM 935  H  HBA2 . HEC F 4 .   ? 8.13897   8.28131   3.02052   1.000 20.98942 ?  205 HEC A HBA2 1 
HETATM 936  H  HMB1 . HEC F 4 .   ? 4.83815   2.67832   -2.45828  1.000 18.05851 ?  205 HEC A HMB1 1 
HETATM 937  H  HMB2 . HEC F 4 .   ? 3.94033   3.15809   -3.67122  1.000 18.05851 ?  205 HEC A HMB2 1 
HETATM 938  H  HMB3 . HEC F 4 .   ? 5.16660   4.04092   -3.19534  1.000 18.05851 ?  205 HEC A HMB3 1 
HETATM 939  H  HAB  . HEC F 4 .   ? 0.39180   2.89635   -2.00800  1.000 21.83008 ?  205 HEC A HAB  1 
HETATM 940  H  HBB1 . HEC F 4 .   ? 2.78025   1.53062   -2.69878  1.000 14.97116 ?  205 HEC A HBB1 1 
HETATM 941  H  HBB2 . HEC F 4 .   ? 1.21368   0.95417   -2.88750  1.000 14.97116 ?  205 HEC A HBB2 1 
HETATM 942  H  HMC1 . HEC F 4 .   ? -2.02602  4.35477   0.05885   1.000 14.93920 ?  205 HEC A HMC1 1 
HETATM 943  H  HMC2 . HEC F 4 .   ? -3.13591  5.35429   0.58620   1.000 14.93920 ?  205 HEC A HMC2 1 
HETATM 944  H  HMC3 . HEC F 4 .   ? -2.55429  4.23751   1.54723   1.000 14.93920 ?  205 HEC A HMC3 1 
HETATM 945  H  HAC  . HEC F 4 .   ? -2.46127  8.03243   3.57348   1.000 15.75406 ?  205 HEC A HAC  1 
HETATM 946  H  HBC1 . HEC F 4 .   ? -3.74326  5.67964   2.62447   1.000 13.95126 ?  205 HEC A HBC1 1 
HETATM 947  H  HBC2 . HEC F 4 .   ? -4.38782  6.80112   3.69667   1.000 13.95126 ?  205 HEC A HBC2 1 
HETATM 948  H  HMD1 . HEC F 4 .   ? 0.19515   10.96906  4.59524   1.000 21.91373 ?  205 HEC A HMD1 1 
HETATM 949  H  HMD2 . HEC F 4 .   ? 1.46056   11.78424  5.13775   1.000 21.91373 ?  205 HEC A HMD2 1 
HETATM 950  H  HMD3 . HEC F 4 .   ? 1.04889   10.39755  5.82158   1.000 21.91373 ?  205 HEC A HMD3 1 
HETATM 951  H  HAD1 . HEC F 4 .   ? 4.81531   11.80491  3.81779   1.000 21.66806 ?  205 HEC A HAD1 1 
HETATM 952  H  HAD2 . HEC F 4 .   ? 3.63121   12.14419  4.81404   1.000 21.66806 ?  205 HEC A HAD2 1 
HETATM 953  H  HBD1 . HEC F 4 .   ? 4.35984   10.38056  6.22268   1.000 20.60188 ?  205 HEC A HBD1 1 
HETATM 954  H  HBD2 . HEC F 4 .   ? 5.59099   10.14772  5.25267   1.000 20.60188 ?  205 HEC A HBD2 1 
HETATM 955  CL CL   . CL  G 5 .   ? 4.52121   7.31183   12.66136  1.000 26.59309 -1 206 CL  A CL   1 
HETATM 956  O  O    . HOH H 6 .   ? 13.72017  4.54180   6.55618   1.000 39.82401 ?  301 HOH A O    1 
HETATM 957  O  O    . HOH H 6 .   ? -4.24543  19.42593  11.21798  1.000 40.50013 ?  302 HOH A O    1 
HETATM 958  O  O    . HOH H 6 .   ? 7.30022   -11.88572 1.98157   1.000 38.48756 ?  303 HOH A O    1 
HETATM 959  O  O    . HOH H 6 .   ? 9.73451   -11.17338 -16.61770 1.000 48.05804 ?  304 HOH A O    1 
HETATM 960  O  O    . HOH H 6 .   ? 6.81100   -5.03692  -14.58078 1.000 39.86231 ?  305 HOH A O    1 
HETATM 961  O  O    . HOH H 6 .   ? 13.13621  8.32321   3.48016   1.000 33.42484 ?  306 HOH A O    1 
HETATM 962  O  O    . HOH H 6 .   ? -5.07147  13.65741  15.42233  1.000 42.10438 ?  307 HOH A O    1 
HETATM 963  O  O    . HOH H 6 .   ? 14.78263  4.96133   1.74057   1.000 41.81230 ?  308 HOH A O    1 
HETATM 964  O  O    . HOH H 6 .   ? 13.85388  2.28525   6.64406   1.000 43.35298 ?  309 HOH A O    1 
HETATM 965  O  O    . HOH H 6 .   ? 12.41390  9.24084   5.36882   1.000 35.68493 ?  310 HOH A O    1 
HETATM 966  O  O    . HOH H 6 .   ? -7.31937  -9.13578  -13.64990 1.000 39.19837 ?  311 HOH A O    1 
HETATM 967  O  O    . HOH H 6 .   ? 13.25928  2.22557   -4.26748  1.000 43.21148 ?  312 HOH A O    1 
HETATM 968  O  O    . HOH H 6 .   ? 3.21782   12.94216  12.64780  1.000 25.60097 ?  313 HOH A O    1 
HETATM 969  O  O    . HOH H 6 .   ? 11.85928  0.09426   -13.70455 1.000 47.00217 ?  314 HOH A O    1 
HETATM 970  O  O    . HOH H 6 .   ? -11.43943 7.30654   18.43539  1.000 43.75712 ?  315 HOH A O    1 
HETATM 971  O  O    . HOH H 6 .   ? 10.60104  3.30350   12.39823  1.000 23.19575 ?  316 HOH A O    1 
HETATM 972  O  O    . HOH H 6 .   ? 13.23663  11.29169  7.19856   1.000 43.25207 ?  317 HOH A O    1 
HETATM 973  O  O    . HOH H 6 .   ? 10.23283  1.22077   -10.79507 1.000 45.59196 ?  318 HOH A O    1 
HETATM 974  O  O    . HOH H 6 .   ? 13.14705  9.95208   2.75631   1.000 32.95753 ?  319 HOH A O    1 
HETATM 975  O  O    . HOH H 6 .   ? 2.18110   -3.91529  12.68356  1.000 37.40292 ?  320 HOH A O    1 
HETATM 976  O  O    . HOH H 6 .   ? -0.58741  17.04881  0.35294   1.000 33.26382 ?  321 HOH A O    1 
HETATM 977  O  O    . HOH H 6 .   ? 8.01184   13.55587  8.15268   1.000 42.34721 ?  322 HOH A O    1 
HETATM 978  O  O    . HOH H 6 .   ? 1.46390   14.65330  6.54384   1.000 17.70703 ?  323 HOH A O    1 
HETATM 979  O  O    . HOH H 6 .   ? 2.21395   -18.41277 -13.40543 1.000 25.37493 ?  324 HOH A O    1 
HETATM 980  O  O    . HOH H 6 .   ? -12.02679 9.75448   13.21534  1.000 39.56475 ?  325 HOH A O    1 
HETATM 981  O  O    . HOH H 6 .   ? 13.84609  4.80334   10.96821  1.000 43.74485 ?  326 HOH A O    1 
HETATM 982  O  O    . HOH H 6 .   ? 7.71292   8.96894   9.78736   1.000 27.75122 ?  327 HOH A O    1 
HETATM 983  O  O    . HOH H 6 .   ? 4.97646   17.15650  1.81807   1.000 39.77810 ?  328 HOH A O    1 
HETATM 984  O  O    . HOH H 6 .   ? -5.84613  -4.74810  -6.77794  1.000 22.98918 ?  329 HOH A O    1 
HETATM 985  O  O    . HOH H 6 .   ? -10.76913 9.13168   0.65817   1.000 25.48972 ?  330 HOH A O    1 
HETATM 986  O  O    . HOH H 6 .   ? 5.56010   10.78281  9.92225   1.000 41.99391 ?  331 HOH A O    1 
HETATM 987  O  O    . HOH H 6 .   ? -1.87711  7.52112   15.55265  1.000 34.96602 ?  332 HOH A O    1 
HETATM 988  O  O    . HOH H 6 .   ? 7.61668   2.43976   -6.00779  1.000 28.30536 ?  333 HOH A O    1 
HETATM 989  O  O    . HOH H 6 .   ? -4.32589  6.36611   11.90389  1.000 20.66789 ?  334 HOH A O    1 
HETATM 990  O  O    . HOH H 6 .   ? 9.90925   -10.89602 -3.89902  1.000 30.50967 ?  335 HOH A O    1 
HETATM 991  O  O    . HOH H 6 .   ? 2.41919   10.50484  -4.88610  1.000 17.57766 ?  336 HOH A O    1 
HETATM 992  O  O    . HOH H 6 .   ? 11.18063  -7.50878  -1.17596  1.000 31.31551 ?  337 HOH A O    1 
HETATM 993  O  O    . HOH H 6 .   ? -6.91122  12.72513  -3.38072  1.000 33.70117 ?  338 HOH A O    1 
HETATM 994  O  O    . HOH H 6 .   ? 5.86598   -10.64553 -15.88601 1.000 28.82146 ?  339 HOH A O    1 
HETATM 995  O  O    . HOH H 6 .   ? 2.05454   -5.05820  10.14334  1.000 22.16163 ?  340 HOH A O    1 
HETATM 996  O  O    . HOH H 6 .   ? 7.47796   12.33174  3.74562   1.000 38.25643 ?  341 HOH A O    1 
HETATM 997  O  O    . HOH H 6 .   ? 3.36665   9.72869   11.33064  1.000 28.14793 ?  342 HOH A O    1 
HETATM 998  O  O    . HOH H 6 .   ? -8.11179  -10.81743 -7.32098  1.000 29.92954 ?  343 HOH A O    1 
HETATM 999  O  O    . HOH H 6 .   ? 3.97337   15.23231  5.58075   1.000 25.33852 ?  344 HOH A O    1 
HETATM 1000 O  O    . HOH H 6 .   ? -4.80389  9.08893   -8.07959  1.000 25.77896 ?  345 HOH A O    1 
HETATM 1001 O  O    . HOH H 6 .   ? 1.41846   -6.63902  -16.33397 1.000 28.57331 ?  346 HOH A O    1 
HETATM 1002 O  O    . HOH H 6 .   ? -13.62132 8.57134   4.31805   1.000 27.50075 ?  347 HOH A O    1 
HETATM 1003 O  O    . HOH H 6 .   ? -1.13542  2.16088   17.70380  1.000 22.71437 ?  348 HOH A O    1 
HETATM 1004 O  O    . HOH H 6 .   ? -5.08444  -6.81549  -13.34685 1.000 29.19826 ?  349 HOH A O    1 
HETATM 1005 O  O    . HOH H 6 .   ? 3.69794   -3.91209  -11.24619 1.000 26.90442 ?  350 HOH A O    1 
HETATM 1006 O  O    . HOH H 6 .   ? -5.26051  -2.44395  -7.91592  1.000 29.37520 ?  351 HOH A O    1 
HETATM 1007 O  O    . HOH H 6 .   ? 12.56279  -7.13467  1.86992   1.000 37.60182 ?  352 HOH A O    1 
HETATM 1008 O  O    . HOH H 6 .   ? 7.99318   -1.22892  7.19894   1.000 19.71261 ?  353 HOH A O    1 
HETATM 1009 O  O    . HOH H 6 .   ? -6.38684  2.62049   -7.18816  1.000 35.94941 ?  354 HOH A O    1 
HETATM 1010 O  O    . HOH H 6 .   ? 13.11428  -2.25794  -4.62799  1.000 26.29459 ?  355 HOH A O    1 
HETATM 1011 O  O    . HOH H 6 .   ? 1.16653   13.11840  -5.39482  1.000 40.26723 ?  356 HOH A O    1 
HETATM 1012 O  O    . HOH H 6 .   ? 11.83357  3.82534   -1.23770  1.000 34.63861 ?  357 HOH A O    1 
HETATM 1013 O  O    . HOH H 6 .   ? 6.04461   -13.37908 -16.15562 1.000 31.75561 ?  358 HOH A O    1 
HETATM 1014 O  O    . HOH H 6 .   ? -3.32074  11.11110  17.01968  1.000 27.32420 ?  359 HOH A O    1 
HETATM 1015 O  O    . HOH H 6 .   ? -11.15068 4.51704   12.12338  1.000 26.60029 ?  360 HOH A O    1 
HETATM 1016 O  O    . HOH H 6 .   ? 6.75408   6.72363   -4.92761  1.000 28.35979 ?  361 HOH A O    1 
HETATM 1017 O  O    . HOH H 6 .   ? 1.85084   19.32209  15.94671  1.000 42.36559 ?  362 HOH A O    1 
HETATM 1018 O  O    . HOH H 6 .   ? 11.63647  0.66005   5.45562   1.000 25.46165 ?  363 HOH A O    1 
HETATM 1019 O  O    . HOH H 6 .   ? 6.29224   -16.26907 -2.19037  1.000 32.86602 ?  364 HOH A O    1 
HETATM 1020 O  O    . HOH H 6 .   ? 4.53325   -1.56136  -14.10644 1.000 28.96783 ?  365 HOH A O    1 
HETATM 1021 O  O    . HOH H 6 .   ? 5.98274   -2.26669  9.96639   1.000 35.08307 ?  366 HOH A O    1 
HETATM 1022 O  O    . HOH H 6 .   ? 6.88249   -5.53524  5.48577   1.000 20.94902 ?  367 HOH A O    1 
HETATM 1023 O  O    . HOH H 6 .   ? 7.36742   -2.87995  -16.19075 1.000 41.12508 ?  368 HOH A O    1 
HETATM 1024 O  O    . HOH H 6 .   ? -1.01749  -0.77735  12.96767  1.000 30.77982 ?  369 HOH A O    1 
HETATM 1025 O  O    . HOH H 6 .   ? 7.37107   2.41916   -8.74823  1.000 30.53811 ?  370 HOH A O    1 
HETATM 1026 O  O    . HOH H 6 .   ? 1.79513   8.32564   14.50492  1.000 21.98526 ?  371 HOH A O    1 
HETATM 1027 O  O    . HOH H 6 .   ? 15.51086  4.65743   5.42205   1.000 43.95203 ?  372 HOH A O    1 
HETATM 1028 O  O    . HOH H 6 .   ? -2.67092  -5.67951  4.90406   1.000 36.97989 ?  373 HOH A O    1 
HETATM 1029 O  O    . HOH H 6 .   ? -11.89401 7.23225   12.97411  1.000 29.49261 ?  374 HOH A O    1 
HETATM 1030 O  O    . HOH H 6 .   ? 5.74503   4.72477   -10.04358 1.000 34.80340 ?  375 HOH A O    1 
HETATM 1031 O  O    . HOH H 6 .   ? 12.40448  -1.98713  2.25380   1.000 36.73133 ?  376 HOH A O    1 
HETATM 1032 O  O    . HOH H 6 .   ? -3.46061  -6.40023  2.16839   1.000 25.42146 ?  377 HOH A O    1 
HETATM 1033 O  O    . HOH H 6 .   ? 6.66389   9.31225   -3.70762  1.000 28.52444 ?  378 HOH A O    1 
HETATM 1034 O  O    . HOH H 6 .   ? -10.29206 1.70996   10.57664  1.000 11.84715 ?  379 HOH A O    1 
HETATM 1035 O  O    . HOH H 6 .   ? 7.69559   2.29272   -12.41898 1.000 33.46548 ?  380 HOH A O    1 
HETATM 1036 O  O    . HOH H 6 .   ? 15.01962  2.10546   -0.21649  1.000 50.08776 ?  381 HOH A O    1 
HETATM 1037 O  O    . HOH H 6 .   ? 7.23176   14.27183  1.28080   1.000 36.64759 ?  382 HOH A O    1 
HETATM 1038 O  O    . HOH H 6 .   ? -10.56287 17.90567  14.83878  1.000 35.14682 ?  383 HOH A O    1 
HETATM 1039 O  O    . HOH H 6 .   ? 1.56033   -9.50809  5.69626   1.000 28.12500 ?  384 HOH A O    1 
HETATM 1040 O  O    . HOH H 6 .   ? 15.02697  3.76820   8.43563   1.000 40.94022 ?  385 HOH A O    1 
HETATM 1041 O  O    . HOH H 6 .   ? 8.96923   -7.87837  -15.08300 1.000 48.32885 ?  386 HOH A O    1 
HETATM 1042 O  O    . HOH H 6 .   ? 1.04944   5.84042   15.59271  1.000 24.89295 ?  387 HOH A O    1 
HETATM 1043 O  O    . HOH H 6 .   ? 3.36491   3.81287   10.88920  1.000 17.92397 ?  388 HOH A O    1 
HETATM 1044 O  O    . HOH H 6 .   ? 13.06284  -15.50245 -12.41583 1.000 46.01241 ?  389 HOH A O    1 
HETATM 1045 O  O    . HOH H 6 .   ? 3.89585   7.65483   -7.11545  1.000 22.59543 ?  390 HOH A O    1 
HETATM 1046 O  O    . HOH H 6 .   ? -6.11087  -17.16133 -2.82016  1.000 19.95489 ?  391 HOH A O    1 
HETATM 1047 O  O    . HOH H 6 .   ? -6.96221  -16.67752 -5.81762  1.000 30.87085 ?  392 HOH A O    1 
HETATM 1048 O  O    . HOH H 6 .   ? -1.50583  -0.69723  -16.10244 1.000 31.55769 ?  393 HOH A O    1 
HETATM 1049 O  O    . HOH H 6 .   ? -9.03167  -15.66794 -6.43279  1.000 24.85764 ?  394 HOH A O    1 
HETATM 1050 O  O    . HOH H 6 .   ? -3.46330  -9.35515  1.88952   1.000 27.16940 ?  395 HOH A O    1 
HETATM 1051 O  O    . HOH H 6 .   ? 14.65888  8.74572   4.19146   1.000 45.19456 ?  396 HOH A O    1 
HETATM 1052 O  O    . HOH H 6 .   ? -9.58144  -1.36699  -7.24689  1.000 41.03749 ?  397 HOH A O    1 
HETATM 1053 O  O    . HOH H 6 .   ? -8.14546  8.94379   -0.32900  1.000 31.87494 ?  398 HOH A O    1 
HETATM 1054 O  O    . HOH H 6 .   ? 13.35715  -10.92234 -11.79163 1.000 47.34581 ?  399 HOH A O    1 
HETATM 1055 O  O    . HOH H 6 .   ? 11.87298  -17.30632 -7.62794  1.000 43.87841 ?  400 HOH A O    1 
HETATM 1056 O  O    . HOH H 6 .   ? 3.16678   4.94135   13.53203  1.000 32.43415 ?  401 HOH A O    1 
HETATM 1057 O  O    . HOH H 6 .   ? 10.96148  -4.97760  2.50132   1.000 23.25338 ?  402 HOH A O    1 
HETATM 1058 O  O    . HOH H 6 .   ? 11.94749  0.24851   10.32015  1.000 43.59983 ?  403 HOH A O    1 
HETATM 1059 O  O    . HOH H 6 .   ? 4.64100   -18.12616 -11.47097 0.50  10.35757 ?  404 HOH A O    1 
HETATM 1060 O  O    . HOH H 6 .   ? 11.42913  -8.79965  -15.47925 1.000 43.34923 ?  405 HOH A O    1 
HETATM 1061 O  O    . HOH H 6 .   ? 14.18203  3.32512   -8.97382  1.000 41.56390 ?  406 HOH A O    1 
HETATM 1062 O  O    . HOH H 6 .   ? 11.89637  -9.02368  -8.47994  1.000 36.33328 ?  407 HOH A O    1 
HETATM 1063 O  O    . HOH H 6 .   ? 1.02458   -14.00619 -16.65831 1.000 27.08161 ?  408 HOH A O    1 
HETATM 1064 O  O    . HOH H 6 .   ? -0.91756  -16.93202 -16.15853 1.000 32.49157 ?  409 HOH A O    1 
HETATM 1065 O  O    . HOH H 6 .   ? -11.37849 18.37708  12.34192  1.000 48.50266 ?  410 HOH A O    1 
HETATM 1066 O  O    . HOH H 6 .   ? -14.32193 10.33971  6.54333   1.000 30.85243 ?  411 HOH A O    1 
HETATM 1067 O  O    . HOH H 6 .   ? -6.95904  17.72993  2.59234   1.000 48.99323 ?  412 HOH A O    1 
HETATM 1068 O  O    . HOH H 6 .   ? -10.56694 7.26560   1.22253   1.000 36.50547 ?  413 HOH A O    1 
HETATM 1069 O  O    . HOH H 6 .   ? -10.32944 -7.63335  -2.06845  1.000 46.97895 ?  414 HOH A O    1 
HETATM 1070 O  O    . HOH H 6 .   ? -6.32035  8.92247   15.71456  1.000 48.34426 ?  415 HOH A O    1 
HETATM 1071 O  O    . HOH H 6 .   ? -7.41500  8.94378   1.22733   1.000 40.99435 ?  416 HOH A O    1 
HETATM 1072 O  O    . HOH H 6 .   ? -12.22549 20.41620  6.45071   1.000 48.52232 ?  417 HOH A O    1 
HETATM 1073 O  O    . HOH H 6 .   ? 3.65724   7.15972   -4.90930  1.000 30.83037 ?  418 HOH A O    1 
HETATM 1074 O  O    . HOH H 6 .   ? 9.83929   2.78330   -11.96730 1.000 41.70688 ?  419 HOH A O    1 
HETATM 1075 O  O    . HOH H 6 .   ? 1.82868   12.44092  15.68304  1.000 37.65518 ?  420 HOH A O    1 
HETATM 1076 O  O    . HOH H 6 .   ? -3.79587  11.74706  -7.21773  1.000 30.78722 ?  421 HOH A O    1 
HETATM 1077 O  O    . HOH H 6 .   ? -1.31418  12.95845  -8.29081  1.000 39.31700 ?  422 HOH A O    1 
HETATM 1078 O  O    . HOH H 6 .   ? -9.47228  -13.54149 -8.06547  1.000 35.93775 ?  423 HOH A O    1 
HETATM 1079 O  O    . HOH H 6 .   ? -5.65010  -3.80602  -12.83957 1.000 41.15121 ?  424 HOH A O    1 
HETATM 1080 O  O    . HOH H 6 .   ? 10.16971  -15.55277 -3.41202  1.000 42.73944 ?  425 HOH A O    1 
HETATM 1081 O  O    . HOH H 6 .   ? 11.18308  -13.58737 -3.03082  1.000 46.39585 ?  426 HOH A O    1 
HETATM 1082 O  O    . HOH H 6 .   ? 0.36328   -8.35126  7.48330   1.000 44.84899 ?  427 HOH A O    1 
HETATM 1083 O  O    . HOH H 6 .   ? 3.24213   5.81771   -6.56569  1.000 34.85118 ?  428 HOH A O    1 
HETATM 1084 O  O    . HOH H 6 .   ? 2.18342   -4.51778  -15.48483 1.000 28.89540 ?  429 HOH A O    1 
HETATM 1085 O  O    . HOH H 6 .   ? 5.55771   11.98850  13.25286  1.000 37.24607 ?  430 HOH A O    1 
HETATM 1086 O  O    . HOH H 6 .   ? -6.85326  7.10425   -1.03580  1.000 38.42024 ?  431 HOH A O    1 
HETATM 1087 O  O    . HOH H 6 .   ? 14.48107  -0.06753  -4.57098  1.000 44.62865 ?  432 HOH A O    1 
HETATM 1088 O  O    . HOH H 6 .   ? -10.60906 -1.87865  -2.56094  1.000 46.03965 ?  433 HOH A O    1 
HETATM 1089 O  O    . HOH H 6 .   ? -9.32875  7.64705   0.24184   1.000 39.05435 ?  434 HOH A O    1 
HETATM 1090 O  O    . HOH H 6 .   ? 11.65752  5.89755   0.35862   1.000 41.98102 ?  435 HOH A O    1 
HETATM 1091 O  O    . HOH H 6 .   ? 13.87859  -3.29003  -6.99248  1.000 40.75616 ?  436 HOH A O    1 
HETATM 1092 O  O    . HOH H 6 .   ? 10.54757  -0.96204  8.49166   1.000 32.72827 ?  437 HOH A O    1 
HETATM 1093 O  O    . HOH H 6 .   ? -11.31086 -6.80437  -0.99776  1.000 55.51157 ?  438 HOH A O    1 
HETATM 1094 O  O    . HOH H 6 .   ? -7.28221  -1.31946  -9.83653  1.000 45.60765 ?  439 HOH A O    1 
HETATM 1095 O  O    . HOH H 6 .   ? 4.60561   -4.22334  -13.84488 1.000 29.67055 ?  440 HOH A O    1 
HETATM 1096 O  O    . HOH H 6 .   ? -10.22271 -12.09676 -6.27754  1.000 44.05420 ?  441 HOH A O    1 
HETATM 1097 O  O    . HOH H 6 .   ? 7.08704   -3.90227  7.70404   1.000 33.53382 ?  442 HOH A O    1 
HETATM 1098 O  O    . HOH H 6 .   ? -0.17199  -21.79024 -12.34924 1.000 41.71428 ?  443 HOH A O    1 
HETATM 1099 O  O    . HOH H 6 .   ? 12.18012  -10.71710 -6.00297  1.000 37.47898 ?  444 HOH A O    1 
HETATM 1100 O  O    . HOH H 6 .   ? 5.11436   17.57157  6.35279   1.000 36.97917 ?  445 HOH A O    1 
HETATM 1101 O  O    . HOH H 6 .   ? 3.18632   -10.58355 7.11054   1.000 39.57574 ?  446 HOH A O    1 
HETATM 1102 O  O    . HOH H 6 .   ? 5.07680   6.19007   -6.62836  1.000 39.50570 ?  447 HOH A O    1 
HETATM 1103 O  O    . HOH H 6 .   ? 15.31144  3.34840   12.77208  1.000 52.17982 ?  448 HOH A O    1 
HETATM 1104 O  O    . HOH H 6 .   ? 9.17935   -3.04238  11.28429  1.000 51.45141 ?  449 HOH A O    1 
HETATM 1105 O  O    . HOH H 6 .   ? 14.51092  -3.81514  -2.13387  1.000 43.78115 ?  450 HOH A O    1 
HETATM 1106 O  O    . HOH H 6 .   ? 9.61407   -5.69454  4.90102   1.000 29.73379 ?  451 HOH A O    1 
HETATM 1107 O  O    . HOH H 6 .   ? 11.40715  1.55221   14.37208  1.000 35.56162 ?  452 HOH A O    1 
HETATM 1108 O  O    . HOH H 6 .   ? -4.52518  -20.66762 -3.29007  1.000 45.45272 ?  453 HOH A O    1 
HETATM 1109 O  O    . HOH H 6 .   ? -9.28838  -7.02163  2.72578   1.000 47.15707 ?  454 HOH A O    1 
HETATM 1110 O  O    . HOH H 6 .   ? -5.76342  -2.80638  8.99189   1.000 43.88071 ?  455 HOH A O    1 
HETATM 1111 O  O    . HOH H 6 .   ? 7.33995   16.53435  8.59780   1.000 40.42459 ?  456 HOH A O    1 
HETATM 1112 O  O    . HOH H 6 .   ? 6.78988   -8.08923  6.62839   1.000 35.69617 ?  457 HOH A O    1 
HETATM 1113 O  O    . HOH H 6 .   ? -4.86691  -6.75712  -16.38344 1.000 41.67292 ?  458 HOH A O    1 
HETATM 1114 O  O    . HOH H 6 .   ? -5.91867  13.02978  -6.47977  1.000 28.61442 ?  459 HOH A O    1 
HETATM 1115 O  O    . HOH H 6 .   ? 2.98429   -7.62330  10.43933  1.000 46.23914 ?  460 HOH A O    1 
HETATM 1116 O  O    . HOH H 6 .   ? -6.53752  18.18084  6.08279   1.000 39.72156 ?  461 HOH A O    1 
HETATM 1117 O  O    . HOH H 6 .   ? 12.98414  -0.52554  12.77819  1.000 52.87557 ?  462 HOH A O    1 
HETATM 1118 O  O    . HOH H 6 .   ? 14.16183  -6.81351  -7.18062  1.000 48.10487 ?  463 HOH A O    1 
HETATM 1119 O  O    . HOH H 6 .   ? -10.82876 -7.44286  1.07993   1.000 57.56478 ?  464 HOH A O    1 
HETATM 1120 O  O    . HOH H 6 .   ? 0.87500   -7.50590  10.47612  1.000 50.24993 ?  465 HOH A O    1 
HETATM 1121 O  O    . HOH H 6 .   ? 10.77899  -8.12112  5.94123   1.000 44.94280 ?  466 HOH A O    1 
HETATM 1122 O  O    . HOH H 6 .   ? -11.61406 -0.84051  -3.94766  1.000 47.67424 ?  467 HOH A O    1 
HETATM 1123 O  O    . HOH H 6 .   ? -5.86925  23.33362  7.09869   0.50  43.37087 ?  468 HOH A O    1 
HETATM 1124 O  O    . HOH H 6 .   ? -10.95376 -8.30663  2.51087   0.33  43.09110 ?  469 HOH A O    1 
HETATM 1125 O  O    . HOH H 6 .   ? 9.58058   -9.27856  6.11389   1.000 48.20638 ?  470 HOH A O    1 
HETATM 1126 O  O    . HOH H 6 .   ? 5.82760   -7.97747  9.29764   1.000 43.32346 ?  471 HOH A O    1 
HETATM 1127 O  O    . HOH H 6 .   ? 14.10939  -9.20963  -4.41425  1.000 47.71779 ?  472 HOH A O    1 
HETATM 1128 O  O    . HOH H 6 .   ? 18.22896  -7.38089  -6.47596  1.000 51.62570 ?  473 HOH A O    1 
# 
loop_
_pdbx_poly_seq_scheme.asym_id 
_pdbx_poly_seq_scheme.entity_id 
_pdbx_poly_seq_scheme.seq_id 
_pdbx_poly_seq_scheme.mon_id 
_pdbx_poly_seq_scheme.ndb_seq_num 
_pdbx_poly_seq_scheme.pdb_seq_num 
_pdbx_poly_seq_scheme.auth_seq_num 
_pdbx_poly_seq_scheme.pdb_mon_id 
_pdbx_poly_seq_scheme.auth_mon_id 
_pdbx_poly_seq_scheme.pdb_strand_id 
_pdbx_poly_seq_scheme.pdb_ins_code 
_pdbx_poly_seq_scheme.hetero 
A 1 1   ALA 1   1   1   ALA ALA A . n 
A 1 2   ASP 2   2   2   ASP ASP A . n 
A 1 3   LEU 3   3   3   LEU LEU A . n 
A 1 4   GLU 4   4   4   GLU GLU A . n 
A 1 5   ASP 5   5   5   ASP ASP A . n 
A 1 6   ASN 6   6   6   ASN ASN A . n 
A 1 7   MET 7   7   7   MET MET A . n 
A 1 8   GLU 8   8   8   GLU GLU A . n 
A 1 9   THR 9   9   9   THR THR A . n 
A 1 10  LEU 10  10  10  LEU LEU A . n 
A 1 11  ASN 11  11  11  ASN ASN A . n 
A 1 12  ASP 12  12  12  ASP ASP A . n 
A 1 13  ASN 13  13  13  ASN ASN A . n 
A 1 14  LEU 14  14  14  LEU LEU A . n 
A 1 15  LYS 15  15  15  LYS LYS A . n 
A 1 16  VAL 16  16  16  VAL VAL A . n 
A 1 17  ILE 17  17  17  ILE ILE A . n 
A 1 18  GLU 18  18  18  GLU GLU A . n 
A 1 19  LYS 19  19  19  LYS LYS A . n 
A 1 20  ALA 20  20  20  ALA ALA A . n 
A 1 21  ASP 21  21  21  ASP ASP A . n 
A 1 22  ASN 22  22  22  ASN ASN A . n 
A 1 23  ALA 23  23  23  ALA ALA A . n 
A 1 24  ALA 24  24  24  ALA ALA A . n 
A 1 25  GLN 25  25  25  GLN GLN A . n 
A 1 26  VAL 26  26  26  VAL VAL A . n 
A 1 27  LYS 27  27  27  LYS LYS A . n 
A 1 28  ASP 28  28  28  ASP ASP A . n 
A 1 29  ALA 29  29  29  ALA ALA A . n 
A 1 30  LEU 30  30  30  LEU LEU A . n 
A 1 31  THR 31  31  31  THR THR A . n 
A 1 32  LYS 32  32  32  LYS LYS A . n 
A 1 33  MET 33  33  33  MET MET A . n 
A 1 34  ALA 34  34  34  ALA ALA A . n 
A 1 35  ALA 35  35  35  ALA ALA A . n 
A 1 36  ALA 36  36  36  ALA ALA A . n 
A 1 37  ALA 37  37  37  ALA ALA A . n 
A 1 38  ALA 38  38  38  ALA ALA A . n 
A 1 39  ASP 39  39  39  ASP ASP A . n 
A 1 40  ALA 40  40  40  ALA ALA A . n 
A 1 41  TRP 41  41  41  TRP TRP A . n 
A 1 42  SER 42  42  42  SER SER A . n 
A 1 43  ALA 43  43  43  ALA ALA A . n 
A 1 44  THR 44  44  44  THR THR A . n 
A 1 45  PRO 45  45  45  PRO PRO A . n 
A 1 46  PRO 46  46  46  PRO PRO A . n 
A 1 47  LYS 47  47  47  LYS LYS A . n 
A 1 48  LEU 48  48  48  LEU LEU A . n 
A 1 49  GLU 49  49  49  GLU GLU A . n 
A 1 50  ASP 50  50  50  ASP ASP A . n 
A 1 51  LYS 51  51  51  LYS LYS A . n 
A 1 52  SER 52  52  52  SER SER A . n 
A 1 53  PRO 53  53  53  PRO PRO A . n 
A 1 54  ASP 54  54  54  ASP ASP A . n 
A 1 55  SER 55  55  55  SER SER A . n 
A 1 56  PRO 56  56  56  PRO PRO A . n 
A 1 57  GLU 57  57  57  GLU GLU A . n 
A 1 58  MET 58  58  58  MET MET A . n 
A 1 59  HIS 59  59  59  HIS HIS A . n 
A 1 60  ASP 60  60  60  ASP ASP A . n 
A 1 61  PHE 61  61  61  PHE PHE A . n 
A 1 62  ARG 62  62  62  ARG ARG A . n 
A 1 63  HIS 63  63  63  HIS HIS A . n 
A 1 64  GLY 64  64  64  GLY GLY A . n 
A 1 65  PHE 65  65  65  PHE PHE A . n 
A 1 66  TRP 66  66  66  TRP TRP A . n 
A 1 67  ILE 67  67  67  ILE ILE A . n 
A 1 68  LEU 68  68  68  LEU LEU A . n 
A 1 69  ILE 69  69  69  ILE ILE A . n 
A 1 70  GLY 70  70  70  GLY GLY A . n 
A 1 71  GLN 71  71  71  GLN GLN A . n 
A 1 72  ILE 72  72  72  ILE ILE A . n 
A 1 73  HIS 73  73  73  HIS HIS A . n 
A 1 74  ALA 74  74  74  ALA ALA A . n 
A 1 75  ALA 75  75  75  ALA ALA A . n 
A 1 76  LEU 76  76  76  LEU LEU A . n 
A 1 77  HIS 77  77  77  HIS HIS A . n 
A 1 78  LEU 78  78  78  LEU LEU A . n 
A 1 79  ALA 79  79  79  ALA ALA A . n 
A 1 80  ASN 80  80  80  ASN ASN A . n 
A 1 81  GLU 81  81  81  GLU GLU A . n 
A 1 82  GLY 82  82  82  GLY GLY A . n 
A 1 83  LYS 83  83  83  LYS LYS A . n 
A 1 84  VAL 84  84  84  VAL VAL A . n 
A 1 85  LYS 85  85  85  LYS LYS A . n 
A 1 86  GLU 86  86  86  GLU GLU A . n 
A 1 87  ALA 87  87  87  ALA ALA A . n 
A 1 88  GLN 88  88  88  GLN GLN A . n 
A 1 89  ALA 89  89  89  ALA ALA A . n 
A 1 90  ALA 90  90  90  ALA ALA A . n 
A 1 91  ALA 91  91  91  ALA ALA A . n 
A 1 92  GLU 92  92  92  GLU GLU A . n 
A 1 93  GLN 93  93  93  GLN GLN A . n 
A 1 94  LEU 94  94  94  LEU LEU A . n 
A 1 95  LYS 95  95  95  LYS LYS A . n 
A 1 96  CYS 96  96  96  CYS CYS A . n 
A 1 97  THR 97  97  97  THR THR A . n 
A 1 98  CYS 98  98  98  CYS CYS A . n 
A 1 99  ASN 99  99  99  ASN ASN A . n 
A 1 100 ALA 100 100 100 ALA ALA A . n 
A 1 101 CYS 101 101 101 CYS CYS A . n 
A 1 102 HIS 102 102 102 HIS HIS A . n 
A 1 103 GLN 103 103 103 GLN GLN A . n 
A 1 104 LYS 104 104 104 LYS LYS A . n 
A 1 105 TYR 105 105 105 TYR TYR A . n 
A 1 106 ARG 106 106 106 ARG ARG A . n 
# 
loop_
_pdbx_nonpoly_scheme.asym_id 
_pdbx_nonpoly_scheme.entity_id 
_pdbx_nonpoly_scheme.mon_id 
_pdbx_nonpoly_scheme.ndb_seq_num 
_pdbx_nonpoly_scheme.pdb_seq_num 
_pdbx_nonpoly_scheme.auth_seq_num 
_pdbx_nonpoly_scheme.pdb_mon_id 
_pdbx_nonpoly_scheme.auth_mon_id 
_pdbx_nonpoly_scheme.pdb_strand_id 
_pdbx_nonpoly_scheme.pdb_ins_code 
B 2 NI  1   201 2   NI  NI  A . 
C 2 NI  1   202 3   NI  NI  A . 
D 2 NI  1   203 4   NI  NI  A . 
E 3 TRS 1   204 1   TRS TRS A . 
F 4 HEC 1   205 1   HEC HEM A . 
G 5 CL  1   206 1   CL  CL  A . 
H 6 HOH 1   301 160 HOH HOH A . 
H 6 HOH 2   302 142 HOH HOH A . 
H 6 HOH 3   303 84  HOH HOH A . 
H 6 HOH 4   304 46  HOH HOH A . 
H 6 HOH 5   305 105 HOH HOH A . 
H 6 HOH 6   306 159 HOH HOH A . 
H 6 HOH 7   307 122 HOH HOH A . 
H 6 HOH 8   308 124 HOH HOH A . 
H 6 HOH 9   309 162 HOH HOH A . 
H 6 HOH 10  310 47  HOH HOH A . 
H 6 HOH 11  311 106 HOH HOH A . 
H 6 HOH 12  312 141 HOH HOH A . 
H 6 HOH 13  313 34  HOH HOH A . 
H 6 HOH 14  314 163 HOH HOH A . 
H 6 HOH 15  315 134 HOH HOH A . 
H 6 HOH 16  316 20  HOH HOH A . 
H 6 HOH 17  317 168 HOH HOH A . 
H 6 HOH 18  318 91  HOH HOH A . 
H 6 HOH 19  319 145 HOH HOH A . 
H 6 HOH 20  320 150 HOH HOH A . 
H 6 HOH 21  321 50  HOH HOH A . 
H 6 HOH 22  322 126 HOH HOH A . 
H 6 HOH 23  323 8   HOH HOH A . 
H 6 HOH 24  324 23  HOH HOH A . 
H 6 HOH 25  325 130 HOH HOH A . 
H 6 HOH 26  326 129 HOH HOH A . 
H 6 HOH 27  327 112 HOH HOH A . 
H 6 HOH 28  328 131 HOH HOH A . 
H 6 HOH 29  329 29  HOH HOH A . 
H 6 HOH 30  330 32  HOH HOH A . 
H 6 HOH 31  331 31  HOH HOH A . 
H 6 HOH 32  332 94  HOH HOH A . 
H 6 HOH 33  333 49  HOH HOH A . 
H 6 HOH 34  334 9   HOH HOH A . 
H 6 HOH 35  335 33  HOH HOH A . 
H 6 HOH 36  336 4   HOH HOH A . 
H 6 HOH 37  337 43  HOH HOH A . 
H 6 HOH 38  338 110 HOH HOH A . 
H 6 HOH 39  339 111 HOH HOH A . 
H 6 HOH 40  340 14  HOH HOH A . 
H 6 HOH 41  341 25  HOH HOH A . 
H 6 HOH 42  342 17  HOH HOH A . 
H 6 HOH 43  343 41  HOH HOH A . 
H 6 HOH 44  344 13  HOH HOH A . 
H 6 HOH 45  345 18  HOH HOH A . 
H 6 HOH 46  346 59  HOH HOH A . 
H 6 HOH 47  347 44  HOH HOH A . 
H 6 HOH 48  348 10  HOH HOH A . 
H 6 HOH 49  349 35  HOH HOH A . 
H 6 HOH 50  350 39  HOH HOH A . 
H 6 HOH 51  351 79  HOH HOH A . 
H 6 HOH 52  352 60  HOH HOH A . 
H 6 HOH 53  353 3   HOH HOH A . 
H 6 HOH 54  354 109 HOH HOH A . 
H 6 HOH 55  355 26  HOH HOH A . 
H 6 HOH 56  356 137 HOH HOH A . 
H 6 HOH 57  357 55  HOH HOH A . 
H 6 HOH 58  358 16  HOH HOH A . 
H 6 HOH 59  359 37  HOH HOH A . 
H 6 HOH 60  360 21  HOH HOH A . 
H 6 HOH 61  361 19  HOH HOH A . 
H 6 HOH 62  362 169 HOH HOH A . 
H 6 HOH 63  363 22  HOH HOH A . 
H 6 HOH 64  364 99  HOH HOH A . 
H 6 HOH 65  365 45  HOH HOH A . 
H 6 HOH 66  366 56  HOH HOH A . 
H 6 HOH 67  367 12  HOH HOH A . 
H 6 HOH 68  368 87  HOH HOH A . 
H 6 HOH 69  369 76  HOH HOH A . 
H 6 HOH 70  370 28  HOH HOH A . 
H 6 HOH 71  371 5   HOH HOH A . 
H 6 HOH 72  372 101 HOH HOH A . 
H 6 HOH 73  373 121 HOH HOH A . 
H 6 HOH 74  374 65  HOH HOH A . 
H 6 HOH 75  375 90  HOH HOH A . 
H 6 HOH 76  376 93  HOH HOH A . 
H 6 HOH 77  377 123 HOH HOH A . 
H 6 HOH 78  378 30  HOH HOH A . 
H 6 HOH 79  379 1   HOH HOH A . 
H 6 HOH 80  380 54  HOH HOH A . 
H 6 HOH 81  381 173 HOH HOH A . 
H 6 HOH 82  382 53  HOH HOH A . 
H 6 HOH 83  383 133 HOH HOH A . 
H 6 HOH 84  384 36  HOH HOH A . 
H 6 HOH 85  385 132 HOH HOH A . 
H 6 HOH 86  386 171 HOH HOH A . 
H 6 HOH 87  387 27  HOH HOH A . 
H 6 HOH 88  388 7   HOH HOH A . 
H 6 HOH 89  389 72  HOH HOH A . 
H 6 HOH 90  390 40  HOH HOH A . 
H 6 HOH 91  391 6   HOH HOH A . 
H 6 HOH 92  392 80  HOH HOH A . 
H 6 HOH 93  393 74  HOH HOH A . 
H 6 HOH 94  394 48  HOH HOH A . 
H 6 HOH 95  395 61  HOH HOH A . 
H 6 HOH 96  396 119 HOH HOH A . 
H 6 HOH 97  397 116 HOH HOH A . 
H 6 HOH 98  398 24  HOH HOH A . 
H 6 HOH 99  399 139 HOH HOH A . 
H 6 HOH 100 400 135 HOH HOH A . 
H 6 HOH 101 401 128 HOH HOH A . 
H 6 HOH 102 402 11  HOH HOH A . 
H 6 HOH 103 403 167 HOH HOH A . 
H 6 HOH 104 404 2   HOH HOH A . 
H 6 HOH 105 405 115 HOH HOH A . 
H 6 HOH 106 406 96  HOH HOH A . 
H 6 HOH 107 407 69  HOH HOH A . 
H 6 HOH 108 408 15  HOH HOH A . 
H 6 HOH 109 409 89  HOH HOH A . 
H 6 HOH 110 410 172 HOH HOH A . 
H 6 HOH 111 411 70  HOH HOH A . 
H 6 HOH 112 412 102 HOH HOH A . 
H 6 HOH 113 413 81  HOH HOH A . 
H 6 HOH 114 414 151 HOH HOH A . 
H 6 HOH 115 415 149 HOH HOH A . 
H 6 HOH 116 416 147 HOH HOH A . 
H 6 HOH 117 417 144 HOH HOH A . 
H 6 HOH 118 418 64  HOH HOH A . 
H 6 HOH 119 419 85  HOH HOH A . 
H 6 HOH 120 420 92  HOH HOH A . 
H 6 HOH 121 421 88  HOH HOH A . 
H 6 HOH 122 422 125 HOH HOH A . 
H 6 HOH 123 423 82  HOH HOH A . 
H 6 HOH 124 424 114 HOH HOH A . 
H 6 HOH 125 425 138 HOH HOH A . 
H 6 HOH 126 426 143 HOH HOH A . 
H 6 HOH 127 427 148 HOH HOH A . 
H 6 HOH 128 428 67  HOH HOH A . 
H 6 HOH 129 429 75  HOH HOH A . 
H 6 HOH 130 430 52  HOH HOH A . 
H 6 HOH 131 431 127 HOH HOH A . 
H 6 HOH 132 432 146 HOH HOH A . 
H 6 HOH 133 433 155 HOH HOH A . 
H 6 HOH 134 434 63  HOH HOH A . 
H 6 HOH 135 435 153 HOH HOH A . 
H 6 HOH 136 436 113 HOH HOH A . 
H 6 HOH 137 437 58  HOH HOH A . 
H 6 HOH 138 438 166 HOH HOH A . 
H 6 HOH 139 439 95  HOH HOH A . 
H 6 HOH 140 440 38  HOH HOH A . 
H 6 HOH 141 441 170 HOH HOH A . 
H 6 HOH 142 442 66  HOH HOH A . 
H 6 HOH 143 443 103 HOH HOH A . 
H 6 HOH 144 444 71  HOH HOH A . 
H 6 HOH 145 445 86  HOH HOH A . 
H 6 HOH 146 446 104 HOH HOH A . 
H 6 HOH 147 447 77  HOH HOH A . 
H 6 HOH 148 448 98  HOH HOH A . 
H 6 HOH 149 449 157 HOH HOH A . 
H 6 HOH 150 450 108 HOH HOH A . 
H 6 HOH 151 451 57  HOH HOH A . 
H 6 HOH 152 452 62  HOH HOH A . 
H 6 HOH 153 453 73  HOH HOH A . 
H 6 HOH 154 454 78  HOH HOH A . 
H 6 HOH 155 455 164 HOH HOH A . 
H 6 HOH 156 456 120 HOH HOH A . 
H 6 HOH 157 457 42  HOH HOH A . 
H 6 HOH 158 458 107 HOH HOH A . 
H 6 HOH 159 459 100 HOH HOH A . 
H 6 HOH 160 460 152 HOH HOH A . 
H 6 HOH 161 461 83  HOH HOH A . 
H 6 HOH 162 462 118 HOH HOH A . 
H 6 HOH 163 463 156 HOH HOH A . 
H 6 HOH 164 464 165 HOH HOH A . 
H 6 HOH 165 465 154 HOH HOH A . 
H 6 HOH 166 466 51  HOH HOH A . 
H 6 HOH 167 467 161 HOH HOH A . 
H 6 HOH 168 468 136 HOH HOH A . 
H 6 HOH 169 469 97  HOH HOH A . 
H 6 HOH 170 470 140 HOH HOH A . 
H 6 HOH 171 471 68  HOH HOH A . 
H 6 HOH 172 472 158 HOH HOH A . 
H 6 HOH 173 473 117 HOH HOH A . 
# 
_pdbx_struct_assembly.id                   1 
_pdbx_struct_assembly.details              author_and_software_defined_assembly 
_pdbx_struct_assembly.method_details       PISA 
_pdbx_struct_assembly.oligomeric_details   trimeric 
_pdbx_struct_assembly.oligomeric_count     3 
# 
_pdbx_struct_assembly_gen.assembly_id       1 
_pdbx_struct_assembly_gen.oper_expression   1,2,3 
_pdbx_struct_assembly_gen.asym_id_list      A,B,C,D,E,F,G,H 
# 
loop_
_pdbx_struct_assembly_prop.biol_id 
_pdbx_struct_assembly_prop.type 
_pdbx_struct_assembly_prop.value 
_pdbx_struct_assembly_prop.details 
1 'ABSA (A^2)' 7400  ? 
1 MORE         -162  ? 
1 'SSA (A^2)'  16150 ? 
# 
loop_
_pdbx_struct_oper_list.id 
_pdbx_struct_oper_list.type 
_pdbx_struct_oper_list.name 
_pdbx_struct_oper_list.symmetry_operation 
_pdbx_struct_oper_list.matrix[1][1] 
_pdbx_struct_oper_list.matrix[1][2] 
_pdbx_struct_oper_list.matrix[1][3] 
_pdbx_struct_oper_list.vector[1] 
_pdbx_struct_oper_list.matrix[2][1] 
_pdbx_struct_oper_list.matrix[2][2] 
_pdbx_struct_oper_list.matrix[2][3] 
_pdbx_struct_oper_list.vector[2] 
_pdbx_struct_oper_list.matrix[3][1] 
_pdbx_struct_oper_list.matrix[3][2] 
_pdbx_struct_oper_list.matrix[3][3] 
_pdbx_struct_oper_list.vector[3] 
1 'identity operation'         1_555  x,y,z           1.0000000000  0.0000000000  0.0000000000  0.0000000000   0.0000000000  1.0000000000 0.0000000000 0.0000000000   0.0000000000  0.0000000000 1.0000000000  0.0000000000  
2 'crystal symmetry operation' 8_544  -z,x-1/2,-y-1/2 -0.3368518995 -0.1064742918 -0.9355180506 -13.1789832011 -0.7517532764 0.6286594155 0.1991340017 -11.8190795777 0.5669195791  0.7703574264 -0.2918075160 15.8525013700 
3 'crystal symmetry operation' 11_545 y+1/2,-z-1/2,-x -0.3368518995 -0.7517532764 0.5669195791  -22.3114907265 -0.1064742918 0.6286594155 0.7703574264 -6.1851394009  -0.9355180506 0.1991340017 -0.2918075160 -5.3497170127   
# 
loop_
_pdbx_struct_special_symmetry.id 
_pdbx_struct_special_symmetry.PDB_model_num 
_pdbx_struct_special_symmetry.auth_asym_id 
_pdbx_struct_special_symmetry.auth_comp_id 
_pdbx_struct_special_symmetry.auth_seq_id 
_pdbx_struct_special_symmetry.PDB_ins_code 
_pdbx_struct_special_symmetry.label_asym_id 
_pdbx_struct_special_symmetry.label_comp_id 
_pdbx_struct_special_symmetry.label_seq_id 
1 1 A NI  201 ? B NI  . 
2 1 A NI  202 ? C NI  . 
3 1 A HOH 404 ? H HOH . 
4 1 A HOH 468 ? H HOH . 
5 1 A HOH 469 ? H HOH . 
# 
loop_
_pdbx_struct_conn_angle.id 
_pdbx_struct_conn_angle.ptnr1_label_atom_id 
_pdbx_struct_conn_angle.ptnr1_label_alt_id 
_pdbx_struct_conn_angle.ptnr1_label_asym_id 
_pdbx_struct_conn_angle.ptnr1_label_comp_id 
_pdbx_struct_conn_angle.ptnr1_label_seq_id 
_pdbx_struct_conn_angle.ptnr1_auth_atom_id 
_pdbx_struct_conn_angle.ptnr1_auth_asym_id 
_pdbx_struct_conn_angle.ptnr1_auth_comp_id 
_pdbx_struct_conn_angle.ptnr1_auth_seq_id 
_pdbx_struct_conn_angle.ptnr1_PDB_ins_code 
_pdbx_struct_conn_angle.ptnr1_symmetry 
_pdbx_struct_conn_angle.ptnr2_label_atom_id 
_pdbx_struct_conn_angle.ptnr2_label_alt_id 
_pdbx_struct_conn_angle.ptnr2_label_asym_id 
_pdbx_struct_conn_angle.ptnr2_label_comp_id 
_pdbx_struct_conn_angle.ptnr2_label_seq_id 
_pdbx_struct_conn_angle.ptnr2_auth_atom_id 
_pdbx_struct_conn_angle.ptnr2_auth_asym_id 
_pdbx_struct_conn_angle.ptnr2_auth_comp_id 
_pdbx_struct_conn_angle.ptnr2_auth_seq_id 
_pdbx_struct_conn_angle.ptnr2_PDB_ins_code 
_pdbx_struct_conn_angle.ptnr2_symmetry 
_pdbx_struct_conn_angle.ptnr3_label_atom_id 
_pdbx_struct_conn_angle.ptnr3_label_alt_id 
_pdbx_struct_conn_angle.ptnr3_label_asym_id 
_pdbx_struct_conn_angle.ptnr3_label_comp_id 
_pdbx_struct_conn_angle.ptnr3_label_seq_id 
_pdbx_struct_conn_angle.ptnr3_auth_atom_id 
_pdbx_struct_conn_angle.ptnr3_auth_asym_id 
_pdbx_struct_conn_angle.ptnr3_auth_comp_id 
_pdbx_struct_conn_angle.ptnr3_auth_seq_id 
_pdbx_struct_conn_angle.ptnr3_PDB_ins_code 
_pdbx_struct_conn_angle.ptnr3_symmetry 
_pdbx_struct_conn_angle.value 
_pdbx_struct_conn_angle.value_esd 
1  N   ? A ALA 1  ? A ALA 1   ? 1_555 NI ? D NI  . ? A NI  203 ? 1_555 O   ? A ALA 1   ? A ALA 1   ? 1_555 83.7  ? 
2  N   ? A ALA 1  ? A ALA 1   ? 1_555 NI ? D NI  . ? A NI  203 ? 1_555 OD2 ? A ASP 39  ? A ASP 39  ? 1_555 93.3  ? 
3  O   ? A ALA 1  ? A ALA 1   ? 1_555 NI ? D NI  . ? A NI  203 ? 1_555 OD2 ? A ASP 39  ? A ASP 39  ? 1_555 91.6  ? 
4  N   ? A ALA 1  ? A ALA 1   ? 1_555 NI ? D NI  . ? A NI  203 ? 1_555 O2  ? E TRS .   ? A TRS 204 ? 1_555 93.5  ? 
5  O   ? A ALA 1  ? A ALA 1   ? 1_555 NI ? D NI  . ? A NI  203 ? 1_555 O2  ? E TRS .   ? A TRS 204 ? 1_555 172.4 ? 
6  OD2 ? A ASP 39 ? A ASP 39  ? 1_555 NI ? D NI  . ? A NI  203 ? 1_555 O2  ? E TRS .   ? A TRS 204 ? 1_555 95.6  ? 
7  N   ? A ALA 1  ? A ALA 1   ? 1_555 NI ? D NI  . ? A NI  203 ? 1_555 N   ? E TRS .   ? A TRS 204 ? 1_555 179.0 ? 
8  O   ? A ALA 1  ? A ALA 1   ? 1_555 NI ? D NI  . ? A NI  203 ? 1_555 N   ? E TRS .   ? A TRS 204 ? 1_555 95.5  ? 
9  OD2 ? A ASP 39 ? A ASP 39  ? 1_555 NI ? D NI  . ? A NI  203 ? 1_555 N   ? E TRS .   ? A TRS 204 ? 1_555 86.1  ? 
10 O2  ? E TRS .  ? A TRS 204 ? 1_555 NI ? D NI  . ? A NI  203 ? 1_555 N   ? E TRS .   ? A TRS 204 ? 1_555 87.3  ? 
11 N   ? A ALA 1  ? A ALA 1   ? 1_555 NI ? D NI  . ? A NI  203 ? 1_555 O3  ? E TRS .   ? A TRS 204 ? 1_555 91.4  ? 
12 O   ? A ALA 1  ? A ALA 1   ? 1_555 NI ? D NI  . ? A NI  203 ? 1_555 O3  ? E TRS .   ? A TRS 204 ? 1_555 85.6  ? 
13 OD2 ? A ASP 39 ? A ASP 39  ? 1_555 NI ? D NI  . ? A NI  203 ? 1_555 O3  ? E TRS .   ? A TRS 204 ? 1_555 174.2 ? 
14 O2  ? E TRS .  ? A TRS 204 ? 1_555 NI ? D NI  . ? A NI  203 ? 1_555 O3  ? E TRS .   ? A TRS 204 ? 1_555 87.4  ? 
15 N   ? E TRS .  ? A TRS 204 ? 1_555 NI ? D NI  . ? A NI  203 ? 1_555 O3  ? E TRS .   ? A TRS 204 ? 1_555 89.1  ? 
16 SD  ? A MET 7  ? A MET 7   ? 1_555 FE ? F HEC . ? A HEC 205 ? 1_555 NA  ? F HEC .   ? A HEC 205 ? 1_555 92.6  ? 
17 SD  ? A MET 7  ? A MET 7   ? 1_555 FE ? F HEC . ? A HEC 205 ? 1_555 NB  ? F HEC .   ? A HEC 205 ? 1_555 87.6  ? 
18 NA  ? F HEC .  ? A HEC 205 ? 1_555 FE ? F HEC . ? A HEC 205 ? 1_555 NB  ? F HEC .   ? A HEC 205 ? 1_555 88.8  ? 
19 SD  ? A MET 7  ? A MET 7   ? 1_555 FE ? F HEC . ? A HEC 205 ? 1_555 NC  ? F HEC .   ? A HEC 205 ? 1_555 89.8  ? 
20 NA  ? F HEC .  ? A HEC 205 ? 1_555 FE ? F HEC . ? A HEC 205 ? 1_555 NC  ? F HEC .   ? A HEC 205 ? 1_555 177.5 ? 
21 NB  ? F HEC .  ? A HEC 205 ? 1_555 FE ? F HEC . ? A HEC 205 ? 1_555 NC  ? F HEC .   ? A HEC 205 ? 1_555 92.0  ? 
22 SD  ? A MET 7  ? A MET 7   ? 1_555 FE ? F HEC . ? A HEC 205 ? 1_555 ND  ? F HEC .   ? A HEC 205 ? 1_555 94.0  ? 
23 NA  ? F HEC .  ? A HEC 205 ? 1_555 FE ? F HEC . ? A HEC 205 ? 1_555 ND  ? F HEC .   ? A HEC 205 ? 1_555 91.0  ? 
24 NB  ? F HEC .  ? A HEC 205 ? 1_555 FE ? F HEC . ? A HEC 205 ? 1_555 ND  ? F HEC .   ? A HEC 205 ? 1_555 178.4 ? 
25 NC  ? F HEC .  ? A HEC 205 ? 1_555 FE ? F HEC . ? A HEC 205 ? 1_555 ND  ? F HEC .   ? A HEC 205 ? 1_555 88.2  ? 
26 SD  ? A MET 7  ? A MET 7   ? 1_555 FE ? F HEC . ? A HEC 205 ? 1_555 NE2 ? A HIS 102 ? A HIS 102 ? 1_555 174.1 ? 
27 NA  ? F HEC .  ? A HEC 205 ? 1_555 FE ? F HEC . ? A HEC 205 ? 1_555 NE2 ? A HIS 102 ? A HIS 102 ? 1_555 87.7  ? 
28 NB  ? F HEC .  ? A HEC 205 ? 1_555 FE ? F HEC . ? A HEC 205 ? 1_555 NE2 ? A HIS 102 ? A HIS 102 ? 1_555 86.6  ? 
29 NC  ? F HEC .  ? A HEC 205 ? 1_555 FE ? F HEC . ? A HEC 205 ? 1_555 NE2 ? A HIS 102 ? A HIS 102 ? 1_555 90.0  ? 
30 ND  ? F HEC .  ? A HEC 205 ? 1_555 FE ? F HEC . ? A HEC 205 ? 1_555 NE2 ? A HIS 102 ? A HIS 102 ? 1_555 91.9  ? 
31 NE2 ? A HIS 59 ? A HIS 59  ? 1_555 NI ? B NI  . ? A NI  201 ? 1_555 NE2 ? A HIS 59  ? A HIS 59  ? 1_555 0.0   ? 
32 NE2 ? A HIS 59 ? A HIS 59  ? 1_555 NI ? B NI  . ? A NI  201 ? 1_555 NE2 ? A HIS 63  ? A HIS 63  ? 1_555 89.0  ? 
33 NE2 ? A HIS 59 ? A HIS 59  ? 1_555 NI ? B NI  . ? A NI  201 ? 1_555 NE2 ? A HIS 63  ? A HIS 63  ? 1_555 89.0  ? 
34 NE2 ? A HIS 59 ? A HIS 59  ? 1_555 NI ? B NI  . ? A NI  201 ? 1_555 NE2 ? A HIS 63  ? A HIS 63  ? 1_555 89.0  ? 
35 NE2 ? A HIS 59 ? A HIS 59  ? 1_555 NI ? B NI  . ? A NI  201 ? 1_555 NE2 ? A HIS 63  ? A HIS 63  ? 1_555 89.0  ? 
36 NE2 ? A HIS 63 ? A HIS 63  ? 1_555 NI ? B NI  . ? A NI  201 ? 1_555 NE2 ? A HIS 63  ? A HIS 63  ? 1_555 0.0   ? 
37 NE2 ? A HIS 73 ? A HIS 73  ? 1_555 NI ? C NI  . ? A NI  202 ? 1_555 NE2 ? A HIS 73  ? A HIS 73  ? 1_555 0.0   ? 
38 NE2 ? A HIS 73 ? A HIS 73  ? 1_555 NI ? C NI  . ? A NI  202 ? 1_555 NE2 ? A HIS 77  ? A HIS 77  ? 1_555 89.4  ? 
39 NE2 ? A HIS 73 ? A HIS 73  ? 1_555 NI ? C NI  . ? A NI  202 ? 1_555 NE2 ? A HIS 77  ? A HIS 77  ? 1_555 89.4  ? 
40 NE2 ? A HIS 73 ? A HIS 73  ? 1_555 NI ? C NI  . ? A NI  202 ? 1_555 NE2 ? A HIS 77  ? A HIS 77  ? 1_555 89.4  ? 
41 NE2 ? A HIS 73 ? A HIS 73  ? 1_555 NI ? C NI  . ? A NI  202 ? 1_555 NE2 ? A HIS 77  ? A HIS 77  ? 1_555 89.4  ? 
42 NE2 ? A HIS 77 ? A HIS 77  ? 1_555 NI ? C NI  . ? A NI  202 ? 1_555 NE2 ? A HIS 77  ? A HIS 77  ? 1_555 0.0   ? 
# 
loop_
_pdbx_audit_revision_history.ordinal 
_pdbx_audit_revision_history.data_content_type 
_pdbx_audit_revision_history.major_revision 
_pdbx_audit_revision_history.minor_revision 
_pdbx_audit_revision_history.revision_date 
1 'Structure model' 1 0 2022-06-29 
2 'Structure model' 1 1 2023-01-11 
3 'Structure model' 1 2 2023-10-25 
# 
_pdbx_audit_revision_details.ordinal             1 
_pdbx_audit_revision_details.revision_ordinal    1 
_pdbx_audit_revision_details.data_content_type   'Structure model' 
_pdbx_audit_revision_details.provider            repository 
_pdbx_audit_revision_details.type                'Initial release' 
_pdbx_audit_revision_details.description         ? 
_pdbx_audit_revision_details.details             ? 
# 
loop_
_pdbx_audit_revision_group.ordinal 
_pdbx_audit_revision_group.revision_ordinal 
_pdbx_audit_revision_group.data_content_type 
_pdbx_audit_revision_group.group 
1 2 'Structure model' 'Database references'    
2 3 'Structure model' 'Data collection'        
3 3 'Structure model' 'Refinement description' 
# 
loop_
_pdbx_audit_revision_category.ordinal 
_pdbx_audit_revision_category.revision_ordinal 
_pdbx_audit_revision_category.data_content_type 
_pdbx_audit_revision_category.category 
1 2 'Structure model' citation                      
2 2 'Structure model' citation_author               
3 3 'Structure model' chem_comp_atom                
4 3 'Structure model' chem_comp_bond                
5 3 'Structure model' pdbx_initial_refinement_model 
# 
loop_
_pdbx_audit_revision_item.ordinal 
_pdbx_audit_revision_item.revision_ordinal 
_pdbx_audit_revision_item.data_content_type 
_pdbx_audit_revision_item.item 
1  2 'Structure model' '_citation.country'                 
2  2 'Structure model' '_citation.journal_abbrev'          
3  2 'Structure model' '_citation.journal_id_CSD'          
4  2 'Structure model' '_citation.journal_id_ISSN'         
5  2 'Structure model' '_citation.journal_volume'          
6  2 'Structure model' '_citation.page_first'              
7  2 'Structure model' '_citation.page_last'               
8  2 'Structure model' '_citation.pdbx_database_id_DOI'    
9  2 'Structure model' '_citation.pdbx_database_id_PubMed' 
10 2 'Structure model' '_citation.title'                   
11 2 'Structure model' '_citation.year'                    
# 
loop_
_space_group_symop.id 
_space_group_symop.operation_xyz 
1  x,y,z                
2  x+1/4,-z+1/4,y+3/4   
3  x+3/4,z+1/4,-y+1/4   
4  z+3/4,y+1/4,-x+1/4   
5  -z+1/4,y+3/4,x+1/4   
6  -y+1/4,x+3/4,z+1/4   
7  y+1/4,-x+1/4,z+3/4   
8  z,x,y                
9  y,z,x                
10 -y+1/2,-z,x+1/2      
11 z+1/2,-x+1/2,-y      
12 -y,z+1/2,-x+1/2      
13 -z+1/2,-x,y+1/2      
14 -z,x+1/2,-y+1/2      
15 y+1/2,-z+1/2,-x      
16 x+1/2,-y+1/2,-z      
17 -x,y+1/2,-z+1/2      
18 -x+1/2,-y,z+1/2      
19 y+3/4,x+1/4,-z+1/4   
20 -y+3/4,-x+3/4,-z+3/4 
21 z+1/4,-y+1/4,x+3/4   
22 -z+3/4,-y+3/4,-x+3/4 
23 -x+1/4,z+3/4,y+1/4   
24 -x+3/4,-z+3/4,-y+3/4 
# 
loop_
_software.citation_id 
_software.classification 
_software.compiler_name 
_software.compiler_version 
_software.contact_author 
_software.contact_author_email 
_software.date 
_software.description 
_software.dependencies 
_software.hardware 
_software.language 
_software.location 
_software.mods 
_software.name 
_software.os 
_software.os_version 
_software.type 
_software.version 
_software.pdbx_ordinal 
? refinement       ? ? ? ? ? ? ? ? ? ? ? PHENIX  ? ? ? 1.18.2_3874 1 
? 'data reduction' ? ? ? ? ? ? ? ? ? ? ? MOSFLM  ? ? ? .           2 
? 'data scaling'   ? ? ? ? ? ? ? ? ? ? ? Aimless ? ? ? .           3 
? phasing          ? ? ? ? ? ? ? ? ? ? ? PHASER  ? ? ? .           4 
# 
_pdbx_entry_details.entry_id                 7RWU 
_pdbx_entry_details.has_ligand_of_interest   Y 
_pdbx_entry_details.compound_details         ? 
_pdbx_entry_details.source_details           ? 
_pdbx_entry_details.nonpolymer_details       ? 
_pdbx_entry_details.sequence_details         ? 
# 
loop_
_pdbx_validate_close_contact.id 
_pdbx_validate_close_contact.PDB_model_num 
_pdbx_validate_close_contact.auth_atom_id_1 
_pdbx_validate_close_contact.auth_asym_id_1 
_pdbx_validate_close_contact.auth_comp_id_1 
_pdbx_validate_close_contact.auth_seq_id_1 
_pdbx_validate_close_contact.PDB_ins_code_1 
_pdbx_validate_close_contact.label_alt_id_1 
_pdbx_validate_close_contact.auth_atom_id_2 
_pdbx_validate_close_contact.auth_asym_id_2 
_pdbx_validate_close_contact.auth_comp_id_2 
_pdbx_validate_close_contact.auth_seq_id_2 
_pdbx_validate_close_contact.PDB_ins_code_2 
_pdbx_validate_close_contact.label_alt_id_2 
_pdbx_validate_close_contact.dist 
1  1 NI  A NI  203 ? ? HO2 A TRS 204 ? ? 1.34 
2  1 NI  A NI  203 ? ? HN2 A TRS 204 ? ? 1.39 
3  1 O   A HOH 413 ? ? O   A HOH 434 ? ? 1.62 
4  1 O   A HOH 414 ? ? O   A HOH 438 ? ? 1.67 
5  1 O   A HOH 466 ? ? O   A HOH 470 ? ? 1.68 
6  1 O   A HOH 398 ? ? O   A HOH 416 ? ? 1.72 
7  1 O   A HOH 306 ? ? O   A HOH 396 ? ? 1.73 
8  1 O   A HOH 306 ? ? O   A HOH 319 ? ? 1.78 
9  1 O   A HOH 398 ? ? O   A HOH 434 ? ? 1.85 
10 1 O   A HOH 428 ? ? O   A HOH 447 ? ? 1.87 
11 1 OE1 A GLU 8   ? A O   A HOH 301 ? ? 1.88 
12 1 O   A HOH 390 ? ? O   A HOH 447 ? ? 1.94 
13 1 O   A HOH 330 ? ? O   A HOH 413 ? ? 1.96 
14 1 O   A HOH 318 ? ? O   A HOH 419 ? ? 1.99 
15 1 O   A HOH 433 ? ? O   A HOH 467 ? ? 2.00 
16 1 O   A HOH 390 ? ? O   A HOH 428 ? ? 2.03 
17 1 O   A HOH 330 ? ? O   A HOH 434 ? ? 2.11 
18 1 O   A HOH 460 ? ? O   A HOH 465 ? ? 2.11 
19 1 O   A HOH 301 ? ? O   A HOH 372 ? ? 2.12 
20 1 SG  A CYS 101 ? ? CAC A HEC 205 ? ? 2.13 
21 1 OD1 A ASP 50  ? ? O   A HOH 302 ? ? 2.15 
22 1 O   A HOH 418 ? ? O   A HOH 428 ? ? 2.17 
# 
loop_
_pdbx_validate_symm_contact.id 
_pdbx_validate_symm_contact.PDB_model_num 
_pdbx_validate_symm_contact.auth_atom_id_1 
_pdbx_validate_symm_contact.auth_asym_id_1 
_pdbx_validate_symm_contact.auth_comp_id_1 
_pdbx_validate_symm_contact.auth_seq_id_1 
_pdbx_validate_symm_contact.PDB_ins_code_1 
_pdbx_validate_symm_contact.label_alt_id_1 
_pdbx_validate_symm_contact.site_symmetry_1 
_pdbx_validate_symm_contact.auth_atom_id_2 
_pdbx_validate_symm_contact.auth_asym_id_2 
_pdbx_validate_symm_contact.auth_comp_id_2 
_pdbx_validate_symm_contact.auth_seq_id_2 
_pdbx_validate_symm_contact.PDB_ins_code_2 
_pdbx_validate_symm_contact.label_alt_id_2 
_pdbx_validate_symm_contact.site_symmetry_2 
_pdbx_validate_symm_contact.dist 
1 1 O  A HOH 454 ? ? 1_555 O   A HOH 464 ? ? 8_544  1.53 
2 1 O  A HOH 455 ? ? 1_555 O   A HOH 467 ? ? 8_544  1.80 
3 1 NZ A LYS 27  ? ? 1_555 OE1 A GLU 81  ? ? 8_544  1.93 
4 1 O  A HOH 419 ? ? 1_555 O   A HOH 430 ? ? 16_545 2.11 
# 
_pdbx_validate_torsion.id              1 
_pdbx_validate_torsion.PDB_model_num   1 
_pdbx_validate_torsion.auth_comp_id    LYS 
_pdbx_validate_torsion.auth_asym_id    A 
_pdbx_validate_torsion.auth_seq_id     51 
_pdbx_validate_torsion.PDB_ins_code    ? 
_pdbx_validate_torsion.label_alt_id    ? 
_pdbx_validate_torsion.phi             -49.52 
_pdbx_validate_torsion.psi             150.65 
# 
loop_
_pdbx_distant_solvent_atoms.id 
_pdbx_distant_solvent_atoms.PDB_model_num 
_pdbx_distant_solvent_atoms.auth_atom_id 
_pdbx_distant_solvent_atoms.label_alt_id 
_pdbx_distant_solvent_atoms.auth_asym_id 
_pdbx_distant_solvent_atoms.auth_comp_id 
_pdbx_distant_solvent_atoms.auth_seq_id 
_pdbx_distant_solvent_atoms.PDB_ins_code 
_pdbx_distant_solvent_atoms.neighbor_macromolecule_distance 
_pdbx_distant_solvent_atoms.neighbor_ligand_distance 
1 1 O ? A HOH 472 ? 6.15 . 
2 1 O ? A HOH 473 ? 8.91 . 
# 
loop_
_chem_comp_atom.comp_id 
_chem_comp_atom.atom_id 
_chem_comp_atom.type_symbol 
_chem_comp_atom.pdbx_aromatic_flag 
_chem_comp_atom.pdbx_stereo_config 
_chem_comp_atom.pdbx_ordinal 
ALA N    N  N N 1   
ALA CA   C  N S 2   
ALA C    C  N N 3   
ALA O    O  N N 4   
ALA CB   C  N N 5   
ALA OXT  O  N N 6   
ALA H    H  N N 7   
ALA H2   H  N N 8   
ALA HA   H  N N 9   
ALA HB1  H  N N 10  
ALA HB2  H  N N 11  
ALA HB3  H  N N 12  
ALA HXT  H  N N 13  
ARG N    N  N N 14  
ARG CA   C  N S 15  
ARG C    C  N N 16  
ARG O    O  N N 17  
ARG CB   C  N N 18  
ARG CG   C  N N 19  
ARG CD   C  N N 20  
ARG NE   N  N N 21  
ARG CZ   C  N N 22  
ARG NH1  N  N N 23  
ARG NH2  N  N N 24  
ARG OXT  O  N N 25  
ARG H    H  N N 26  
ARG H2   H  N N 27  
ARG HA   H  N N 28  
ARG HB2  H  N N 29  
ARG HB3  H  N N 30  
ARG HG2  H  N N 31  
ARG HG3  H  N N 32  
ARG HD2  H  N N 33  
ARG HD3  H  N N 34  
ARG HE   H  N N 35  
ARG HH11 H  N N 36  
ARG HH12 H  N N 37  
ARG HH21 H  N N 38  
ARG HH22 H  N N 39  
ARG HXT  H  N N 40  
ASN N    N  N N 41  
ASN CA   C  N S 42  
ASN C    C  N N 43  
ASN O    O  N N 44  
ASN CB   C  N N 45  
ASN CG   C  N N 46  
ASN OD1  O  N N 47  
ASN ND2  N  N N 48  
ASN OXT  O  N N 49  
ASN H    H  N N 50  
ASN H2   H  N N 51  
ASN HA   H  N N 52  
ASN HB2  H  N N 53  
ASN HB3  H  N N 54  
ASN HD21 H  N N 55  
ASN HD22 H  N N 56  
ASN HXT  H  N N 57  
ASP N    N  N N 58  
ASP CA   C  N S 59  
ASP C    C  N N 60  
ASP O    O  N N 61  
ASP CB   C  N N 62  
ASP CG   C  N N 63  
ASP OD1  O  N N 64  
ASP OD2  O  N N 65  
ASP OXT  O  N N 66  
ASP H    H  N N 67  
ASP H2   H  N N 68  
ASP HA   H  N N 69  
ASP HB2  H  N N 70  
ASP HB3  H  N N 71  
ASP HD2  H  N N 72  
ASP HXT  H  N N 73  
CL  CL   CL N N 74  
CYS N    N  N N 75  
CYS CA   C  N R 76  
CYS C    C  N N 77  
CYS O    O  N N 78  
CYS CB   C  N N 79  
CYS SG   S  N N 80  
CYS OXT  O  N N 81  
CYS H    H  N N 82  
CYS H2   H  N N 83  
CYS HA   H  N N 84  
CYS HB2  H  N N 85  
CYS HB3  H  N N 86  
CYS HG   H  N N 87  
CYS HXT  H  N N 88  
GLN N    N  N N 89  
GLN CA   C  N S 90  
GLN C    C  N N 91  
GLN O    O  N N 92  
GLN CB   C  N N 93  
GLN CG   C  N N 94  
GLN CD   C  N N 95  
GLN OE1  O  N N 96  
GLN NE2  N  N N 97  
GLN OXT  O  N N 98  
GLN H    H  N N 99  
GLN H2   H  N N 100 
GLN HA   H  N N 101 
GLN HB2  H  N N 102 
GLN HB3  H  N N 103 
GLN HG2  H  N N 104 
GLN HG3  H  N N 105 
GLN HE21 H  N N 106 
GLN HE22 H  N N 107 
GLN HXT  H  N N 108 
GLU N    N  N N 109 
GLU CA   C  N S 110 
GLU C    C  N N 111 
GLU O    O  N N 112 
GLU CB   C  N N 113 
GLU CG   C  N N 114 
GLU CD   C  N N 115 
GLU OE1  O  N N 116 
GLU OE2  O  N N 117 
GLU OXT  O  N N 118 
GLU H    H  N N 119 
GLU H2   H  N N 120 
GLU HA   H  N N 121 
GLU HB2  H  N N 122 
GLU HB3  H  N N 123 
GLU HG2  H  N N 124 
GLU HG3  H  N N 125 
GLU HE2  H  N N 126 
GLU HXT  H  N N 127 
GLY N    N  N N 128 
GLY CA   C  N N 129 
GLY C    C  N N 130 
GLY O    O  N N 131 
GLY OXT  O  N N 132 
GLY H    H  N N 133 
GLY H2   H  N N 134 
GLY HA2  H  N N 135 
GLY HA3  H  N N 136 
GLY HXT  H  N N 137 
HEC FE   FE N N 138 
HEC CHA  C  N N 139 
HEC CHB  C  N N 140 
HEC CHC  C  N N 141 
HEC CHD  C  N N 142 
HEC NA   N  Y N 143 
HEC C1A  C  Y N 144 
HEC C2A  C  Y N 145 
HEC C3A  C  Y N 146 
HEC C4A  C  Y N 147 
HEC CMA  C  N N 148 
HEC CAA  C  N N 149 
HEC CBA  C  N N 150 
HEC CGA  C  N N 151 
HEC O1A  O  N N 152 
HEC O2A  O  N N 153 
HEC NB   N  Y N 154 
HEC C1B  C  Y N 155 
HEC C2B  C  Y N 156 
HEC C3B  C  Y N 157 
HEC C4B  C  Y N 158 
HEC CMB  C  N N 159 
HEC CAB  C  N N 160 
HEC CBB  C  N N 161 
HEC NC   N  Y N 162 
HEC C1C  C  Y N 163 
HEC C2C  C  Y N 164 
HEC C3C  C  Y N 165 
HEC C4C  C  Y N 166 
HEC CMC  C  N N 167 
HEC CAC  C  N N 168 
HEC CBC  C  N N 169 
HEC ND   N  Y N 170 
HEC C1D  C  Y N 171 
HEC C2D  C  Y N 172 
HEC C3D  C  Y N 173 
HEC C4D  C  Y N 174 
HEC CMD  C  N N 175 
HEC CAD  C  N N 176 
HEC CBD  C  N N 177 
HEC CGD  C  N N 178 
HEC O1D  O  N N 179 
HEC O2D  O  N N 180 
HEC HHA  H  N N 181 
HEC HHB  H  N N 182 
HEC HHC  H  N N 183 
HEC HHD  H  N N 184 
HEC HMA1 H  N N 185 
HEC HMA2 H  N N 186 
HEC HMA3 H  N N 187 
HEC HAA1 H  N N 188 
HEC HAA2 H  N N 189 
HEC HBA1 H  N N 190 
HEC HBA2 H  N N 191 
HEC H2A  H  N N 192 
HEC HMB1 H  N N 193 
HEC HMB2 H  N N 194 
HEC HMB3 H  N N 195 
HEC HAB  H  N N 196 
HEC HBB1 H  N N 197 
HEC HBB2 H  N N 198 
HEC HBB3 H  N N 199 
HEC HMC1 H  N N 200 
HEC HMC2 H  N N 201 
HEC HMC3 H  N N 202 
HEC HAC  H  N N 203 
HEC HBC1 H  N N 204 
HEC HBC2 H  N N 205 
HEC HBC3 H  N N 206 
HEC HMD1 H  N N 207 
HEC HMD2 H  N N 208 
HEC HMD3 H  N N 209 
HEC HAD1 H  N N 210 
HEC HAD2 H  N N 211 
HEC HBD1 H  N N 212 
HEC HBD2 H  N N 213 
HEC H2D  H  N N 214 
HIS N    N  N N 215 
HIS CA   C  N S 216 
HIS C    C  N N 217 
HIS O    O  N N 218 
HIS CB   C  N N 219 
HIS CG   C  Y N 220 
HIS ND1  N  Y N 221 
HIS CD2  C  Y N 222 
HIS CE1  C  Y N 223 
HIS NE2  N  Y N 224 
HIS OXT  O  N N 225 
HIS H    H  N N 226 
HIS H2   H  N N 227 
HIS HA   H  N N 228 
HIS HB2  H  N N 229 
HIS HB3  H  N N 230 
HIS HD1  H  N N 231 
HIS HD2  H  N N 232 
HIS HE1  H  N N 233 
HIS HE2  H  N N 234 
HIS HXT  H  N N 235 
HOH O    O  N N 236 
HOH H1   H  N N 237 
HOH H2   H  N N 238 
ILE N    N  N N 239 
ILE CA   C  N S 240 
ILE C    C  N N 241 
ILE O    O  N N 242 
ILE CB   C  N S 243 
ILE CG1  C  N N 244 
ILE CG2  C  N N 245 
ILE CD1  C  N N 246 
ILE OXT  O  N N 247 
ILE H    H  N N 248 
ILE H2   H  N N 249 
ILE HA   H  N N 250 
ILE HB   H  N N 251 
ILE HG12 H  N N 252 
ILE HG13 H  N N 253 
ILE HG21 H  N N 254 
ILE HG22 H  N N 255 
ILE HG23 H  N N 256 
ILE HD11 H  N N 257 
ILE HD12 H  N N 258 
ILE HD13 H  N N 259 
ILE HXT  H  N N 260 
LEU N    N  N N 261 
LEU CA   C  N S 262 
LEU C    C  N N 263 
LEU O    O  N N 264 
LEU CB   C  N N 265 
LEU CG   C  N N 266 
LEU CD1  C  N N 267 
LEU CD2  C  N N 268 
LEU OXT  O  N N 269 
LEU H    H  N N 270 
LEU H2   H  N N 271 
LEU HA   H  N N 272 
LEU HB2  H  N N 273 
LEU HB3  H  N N 274 
LEU HG   H  N N 275 
LEU HD11 H  N N 276 
LEU HD12 H  N N 277 
LEU HD13 H  N N 278 
LEU HD21 H  N N 279 
LEU HD22 H  N N 280 
LEU HD23 H  N N 281 
LEU HXT  H  N N 282 
LYS N    N  N N 283 
LYS CA   C  N S 284 
LYS C    C  N N 285 
LYS O    O  N N 286 
LYS CB   C  N N 287 
LYS CG   C  N N 288 
LYS CD   C  N N 289 
LYS CE   C  N N 290 
LYS NZ   N  N N 291 
LYS OXT  O  N N 292 
LYS H    H  N N 293 
LYS H2   H  N N 294 
LYS HA   H  N N 295 
LYS HB2  H  N N 296 
LYS HB3  H  N N 297 
LYS HG2  H  N N 298 
LYS HG3  H  N N 299 
LYS HD2  H  N N 300 
LYS HD3  H  N N 301 
LYS HE2  H  N N 302 
LYS HE3  H  N N 303 
LYS HZ1  H  N N 304 
LYS HZ2  H  N N 305 
LYS HZ3  H  N N 306 
LYS HXT  H  N N 307 
MET N    N  N N 308 
MET CA   C  N S 309 
MET C    C  N N 310 
MET O    O  N N 311 
MET CB   C  N N 312 
MET CG   C  N N 313 
MET SD   S  N N 314 
MET CE   C  N N 315 
MET OXT  O  N N 316 
MET H    H  N N 317 
MET H2   H  N N 318 
MET HA   H  N N 319 
MET HB2  H  N N 320 
MET HB3  H  N N 321 
MET HG2  H  N N 322 
MET HG3  H  N N 323 
MET HE1  H  N N 324 
MET HE2  H  N N 325 
MET HE3  H  N N 326 
MET HXT  H  N N 327 
NI  NI   NI N N 328 
PHE N    N  N N 329 
PHE CA   C  N S 330 
PHE C    C  N N 331 
PHE O    O  N N 332 
PHE CB   C  N N 333 
PHE CG   C  Y N 334 
PHE CD1  C  Y N 335 
PHE CD2  C  Y N 336 
PHE CE1  C  Y N 337 
PHE CE2  C  Y N 338 
PHE CZ   C  Y N 339 
PHE OXT  O  N N 340 
PHE H    H  N N 341 
PHE H2   H  N N 342 
PHE HA   H  N N 343 
PHE HB2  H  N N 344 
PHE HB3  H  N N 345 
PHE HD1  H  N N 346 
PHE HD2  H  N N 347 
PHE HE1  H  N N 348 
PHE HE2  H  N N 349 
PHE HZ   H  N N 350 
PHE HXT  H  N N 351 
PRO N    N  N N 352 
PRO CA   C  N S 353 
PRO C    C  N N 354 
PRO O    O  N N 355 
PRO CB   C  N N 356 
PRO CG   C  N N 357 
PRO CD   C  N N 358 
PRO OXT  O  N N 359 
PRO H    H  N N 360 
PRO HA   H  N N 361 
PRO HB2  H  N N 362 
PRO HB3  H  N N 363 
PRO HG2  H  N N 364 
PRO HG3  H  N N 365 
PRO HD2  H  N N 366 
PRO HD3  H  N N 367 
PRO HXT  H  N N 368 
SER N    N  N N 369 
SER CA   C  N S 370 
SER C    C  N N 371 
SER O    O  N N 372 
SER CB   C  N N 373 
SER OG   O  N N 374 
SER OXT  O  N N 375 
SER H    H  N N 376 
SER H2   H  N N 377 
SER HA   H  N N 378 
SER HB2  H  N N 379 
SER HB3  H  N N 380 
SER HG   H  N N 381 
SER HXT  H  N N 382 
THR N    N  N N 383 
THR CA   C  N S 384 
THR C    C  N N 385 
THR O    O  N N 386 
THR CB   C  N R 387 
THR OG1  O  N N 388 
THR CG2  C  N N 389 
THR OXT  O  N N 390 
THR H    H  N N 391 
THR H2   H  N N 392 
THR HA   H  N N 393 
THR HB   H  N N 394 
THR HG1  H  N N 395 
THR HG21 H  N N 396 
THR HG22 H  N N 397 
THR HG23 H  N N 398 
THR HXT  H  N N 399 
TRP N    N  N N 400 
TRP CA   C  N S 401 
TRP C    C  N N 402 
TRP O    O  N N 403 
TRP CB   C  N N 404 
TRP CG   C  Y N 405 
TRP CD1  C  Y N 406 
TRP CD2  C  Y N 407 
TRP NE1  N  Y N 408 
TRP CE2  C  Y N 409 
TRP CE3  C  Y N 410 
TRP CZ2  C  Y N 411 
TRP CZ3  C  Y N 412 
TRP CH2  C  Y N 413 
TRP OXT  O  N N 414 
TRP H    H  N N 415 
TRP H2   H  N N 416 
TRP HA   H  N N 417 
TRP HB2  H  N N 418 
TRP HB3  H  N N 419 
TRP HD1  H  N N 420 
TRP HE1  H  N N 421 
TRP HE3  H  N N 422 
TRP HZ2  H  N N 423 
TRP HZ3  H  N N 424 
TRP HH2  H  N N 425 
TRP HXT  H  N N 426 
TRS C    C  N N 427 
TRS C1   C  N N 428 
TRS C2   C  N N 429 
TRS C3   C  N N 430 
TRS N    N  N N 431 
TRS O1   O  N N 432 
TRS O2   O  N N 433 
TRS O3   O  N N 434 
TRS H11  H  N N 435 
TRS H12  H  N N 436 
TRS H21  H  N N 437 
TRS H22  H  N N 438 
TRS H31  H  N N 439 
TRS H32  H  N N 440 
TRS HN1  H  N N 441 
TRS HN2  H  N N 442 
TRS HN3  H  N N 443 
TRS HO1  H  N N 444 
TRS HO2  H  N N 445 
TRS HO3  H  N N 446 
TYR N    N  N N 447 
TYR CA   C  N S 448 
TYR C    C  N N 449 
TYR O    O  N N 450 
TYR CB   C  N N 451 
TYR CG   C  Y N 452 
TYR CD1  C  Y N 453 
TYR CD2  C  Y N 454 
TYR CE1  C  Y N 455 
TYR CE2  C  Y N 456 
TYR CZ   C  Y N 457 
TYR OH   O  N N 458 
TYR OXT  O  N N 459 
TYR H    H  N N 460 
TYR H2   H  N N 461 
TYR HA   H  N N 462 
TYR HB2  H  N N 463 
TYR HB3  H  N N 464 
TYR HD1  H  N N 465 
TYR HD2  H  N N 466 
TYR HE1  H  N N 467 
TYR HE2  H  N N 468 
TYR HH   H  N N 469 
TYR HXT  H  N N 470 
VAL N    N  N N 471 
VAL CA   C  N S 472 
VAL C    C  N N 473 
VAL O    O  N N 474 
VAL CB   C  N N 475 
VAL CG1  C  N N 476 
VAL CG2  C  N N 477 
VAL OXT  O  N N 478 
VAL H    H  N N 479 
VAL H2   H  N N 480 
VAL HA   H  N N 481 
VAL HB   H  N N 482 
VAL HG11 H  N N 483 
VAL HG12 H  N N 484 
VAL HG13 H  N N 485 
VAL HG21 H  N N 486 
VAL HG22 H  N N 487 
VAL HG23 H  N N 488 
VAL HXT  H  N N 489 
# 
loop_
_chem_comp_bond.comp_id 
_chem_comp_bond.atom_id_1 
_chem_comp_bond.atom_id_2 
_chem_comp_bond.value_order 
_chem_comp_bond.pdbx_aromatic_flag 
_chem_comp_bond.pdbx_stereo_config 
_chem_comp_bond.pdbx_ordinal 
ALA N   CA   sing N N 1   
ALA N   H    sing N N 2   
ALA N   H2   sing N N 3   
ALA CA  C    sing N N 4   
ALA CA  CB   sing N N 5   
ALA CA  HA   sing N N 6   
ALA C   O    doub N N 7   
ALA C   OXT  sing N N 8   
ALA CB  HB1  sing N N 9   
ALA CB  HB2  sing N N 10  
ALA CB  HB3  sing N N 11  
ALA OXT HXT  sing N N 12  
ARG N   CA   sing N N 13  
ARG N   H    sing N N 14  
ARG N   H2   sing N N 15  
ARG CA  C    sing N N 16  
ARG CA  CB   sing N N 17  
ARG CA  HA   sing N N 18  
ARG C   O    doub N N 19  
ARG C   OXT  sing N N 20  
ARG CB  CG   sing N N 21  
ARG CB  HB2  sing N N 22  
ARG CB  HB3  sing N N 23  
ARG CG  CD   sing N N 24  
ARG CG  HG2  sing N N 25  
ARG CG  HG3  sing N N 26  
ARG CD  NE   sing N N 27  
ARG CD  HD2  sing N N 28  
ARG CD  HD3  sing N N 29  
ARG NE  CZ   sing N N 30  
ARG NE  HE   sing N N 31  
ARG CZ  NH1  sing N N 32  
ARG CZ  NH2  doub N N 33  
ARG NH1 HH11 sing N N 34  
ARG NH1 HH12 sing N N 35  
ARG NH2 HH21 sing N N 36  
ARG NH2 HH22 sing N N 37  
ARG OXT HXT  sing N N 38  
ASN N   CA   sing N N 39  
ASN N   H    sing N N 40  
ASN N   H2   sing N N 41  
ASN CA  C    sing N N 42  
ASN CA  CB   sing N N 43  
ASN CA  HA   sing N N 44  
ASN C   O    doub N N 45  
ASN C   OXT  sing N N 46  
ASN CB  CG   sing N N 47  
ASN CB  HB2  sing N N 48  
ASN CB  HB3  sing N N 49  
ASN CG  OD1  doub N N 50  
ASN CG  ND2  sing N N 51  
ASN ND2 HD21 sing N N 52  
ASN ND2 HD22 sing N N 53  
ASN OXT HXT  sing N N 54  
ASP N   CA   sing N N 55  
ASP N   H    sing N N 56  
ASP N   H2   sing N N 57  
ASP CA  C    sing N N 58  
ASP CA  CB   sing N N 59  
ASP CA  HA   sing N N 60  
ASP C   O    doub N N 61  
ASP C   OXT  sing N N 62  
ASP CB  CG   sing N N 63  
ASP CB  HB2  sing N N 64  
ASP CB  HB3  sing N N 65  
ASP CG  OD1  doub N N 66  
ASP CG  OD2  sing N N 67  
ASP OD2 HD2  sing N N 68  
ASP OXT HXT  sing N N 69  
CYS N   CA   sing N N 70  
CYS N   H    sing N N 71  
CYS N   H2   sing N N 72  
CYS CA  C    sing N N 73  
CYS CA  CB   sing N N 74  
CYS CA  HA   sing N N 75  
CYS C   O    doub N N 76  
CYS C   OXT  sing N N 77  
CYS CB  SG   sing N N 78  
CYS CB  HB2  sing N N 79  
CYS CB  HB3  sing N N 80  
CYS SG  HG   sing N N 81  
CYS OXT HXT  sing N N 82  
GLN N   CA   sing N N 83  
GLN N   H    sing N N 84  
GLN N   H2   sing N N 85  
GLN CA  C    sing N N 86  
GLN CA  CB   sing N N 87  
GLN CA  HA   sing N N 88  
GLN C   O    doub N N 89  
GLN C   OXT  sing N N 90  
GLN CB  CG   sing N N 91  
GLN CB  HB2  sing N N 92  
GLN CB  HB3  sing N N 93  
GLN CG  CD   sing N N 94  
GLN CG  HG2  sing N N 95  
GLN CG  HG3  sing N N 96  
GLN CD  OE1  doub N N 97  
GLN CD  NE2  sing N N 98  
GLN NE2 HE21 sing N N 99  
GLN NE2 HE22 sing N N 100 
GLN OXT HXT  sing N N 101 
GLU N   CA   sing N N 102 
GLU N   H    sing N N 103 
GLU N   H2   sing N N 104 
GLU CA  C    sing N N 105 
GLU CA  CB   sing N N 106 
GLU CA  HA   sing N N 107 
GLU C   O    doub N N 108 
GLU C   OXT  sing N N 109 
GLU CB  CG   sing N N 110 
GLU CB  HB2  sing N N 111 
GLU CB  HB3  sing N N 112 
GLU CG  CD   sing N N 113 
GLU CG  HG2  sing N N 114 
GLU CG  HG3  sing N N 115 
GLU CD  OE1  doub N N 116 
GLU CD  OE2  sing N N 117 
GLU OE2 HE2  sing N N 118 
GLU OXT HXT  sing N N 119 
GLY N   CA   sing N N 120 
GLY N   H    sing N N 121 
GLY N   H2   sing N N 122 
GLY CA  C    sing N N 123 
GLY CA  HA2  sing N N 124 
GLY CA  HA3  sing N N 125 
GLY C   O    doub N N 126 
GLY C   OXT  sing N N 127 
GLY OXT HXT  sing N N 128 
HEC FE  NA   sing N N 129 
HEC FE  NB   sing N N 130 
HEC FE  NC   sing N N 131 
HEC FE  ND   sing N N 132 
HEC CHA C1A  doub N N 133 
HEC CHA C4D  sing N N 134 
HEC CHA HHA  sing N N 135 
HEC CHB C4A  doub N N 136 
HEC CHB C1B  sing N N 137 
HEC CHB HHB  sing N N 138 
HEC CHC C4B  doub N N 139 
HEC CHC C1C  sing N N 140 
HEC CHC HHC  sing N N 141 
HEC CHD C4C  doub N N 142 
HEC CHD C1D  sing N N 143 
HEC CHD HHD  sing N N 144 
HEC NA  C1A  sing Y N 145 
HEC NA  C4A  sing Y N 146 
HEC C1A C2A  sing Y N 147 
HEC C2A C3A  doub Y N 148 
HEC C2A CAA  sing N N 149 
HEC C3A C4A  sing Y N 150 
HEC C3A CMA  sing N N 151 
HEC CMA HMA1 sing N N 152 
HEC CMA HMA2 sing N N 153 
HEC CMA HMA3 sing N N 154 
HEC CAA CBA  sing N N 155 
HEC CAA HAA1 sing N N 156 
HEC CAA HAA2 sing N N 157 
HEC CBA CGA  sing N N 158 
HEC CBA HBA1 sing N N 159 
HEC CBA HBA2 sing N N 160 
HEC CGA O1A  doub N N 161 
HEC CGA O2A  sing N N 162 
HEC O2A H2A  sing N N 163 
HEC NB  C1B  sing Y N 164 
HEC NB  C4B  sing Y N 165 
HEC C1B C2B  doub Y N 166 
HEC C2B C3B  sing Y N 167 
HEC C2B CMB  sing N N 168 
HEC C3B C4B  sing Y N 169 
HEC C3B CAB  doub N E 170 
HEC CMB HMB1 sing N N 171 
HEC CMB HMB2 sing N N 172 
HEC CMB HMB3 sing N N 173 
HEC CAB CBB  sing N N 174 
HEC CAB HAB  sing N N 175 
HEC CBB HBB1 sing N N 176 
HEC CBB HBB2 sing N N 177 
HEC CBB HBB3 sing N N 178 
HEC NC  C1C  sing Y N 179 
HEC NC  C4C  sing Y N 180 
HEC C1C C2C  doub Y N 181 
HEC C2C C3C  sing Y N 182 
HEC C2C CMC  sing N N 183 
HEC C3C C4C  sing Y N 184 
HEC C3C CAC  doub N E 185 
HEC CMC HMC1 sing N N 186 
HEC CMC HMC2 sing N N 187 
HEC CMC HMC3 sing N N 188 
HEC CAC CBC  sing N N 189 
HEC CAC HAC  sing N N 190 
HEC CBC HBC1 sing N N 191 
HEC CBC HBC2 sing N N 192 
HEC CBC HBC3 sing N N 193 
HEC ND  C1D  sing Y N 194 
HEC ND  C4D  sing Y N 195 
HEC C1D C2D  doub Y N 196 
HEC C2D C3D  sing Y N 197 
HEC C2D CMD  sing N N 198 
HEC C3D C4D  doub Y N 199 
HEC C3D CAD  sing N N 200 
HEC CMD HMD1 sing N N 201 
HEC CMD HMD2 sing N N 202 
HEC CMD HMD3 sing N N 203 
HEC CAD CBD  sing N N 204 
HEC CAD HAD1 sing N N 205 
HEC CAD HAD2 sing N N 206 
HEC CBD CGD  sing N N 207 
HEC CBD HBD1 sing N N 208 
HEC CBD HBD2 sing N N 209 
HEC CGD O1D  doub N N 210 
HEC CGD O2D  sing N N 211 
HEC O2D H2D  sing N N 212 
HIS N   CA   sing N N 213 
HIS N   H    sing N N 214 
HIS N   H2   sing N N 215 
HIS CA  C    sing N N 216 
HIS CA  CB   sing N N 217 
HIS CA  HA   sing N N 218 
HIS C   O    doub N N 219 
HIS C   OXT  sing N N 220 
HIS CB  CG   sing N N 221 
HIS CB  HB2  sing N N 222 
HIS CB  HB3  sing N N 223 
HIS CG  ND1  sing Y N 224 
HIS CG  CD2  doub Y N 225 
HIS ND1 CE1  doub Y N 226 
HIS ND1 HD1  sing N N 227 
HIS CD2 NE2  sing Y N 228 
HIS CD2 HD2  sing N N 229 
HIS CE1 NE2  sing Y N 230 
HIS CE1 HE1  sing N N 231 
HIS NE2 HE2  sing N N 232 
HIS OXT HXT  sing N N 233 
HOH O   H1   sing N N 234 
HOH O   H2   sing N N 235 
ILE N   CA   sing N N 236 
ILE N   H    sing N N 237 
ILE N   H2   sing N N 238 
ILE CA  C    sing N N 239 
ILE CA  CB   sing N N 240 
ILE CA  HA   sing N N 241 
ILE C   O    doub N N 242 
ILE C   OXT  sing N N 243 
ILE CB  CG1  sing N N 244 
ILE CB  CG2  sing N N 245 
ILE CB  HB   sing N N 246 
ILE CG1 CD1  sing N N 247 
ILE CG1 HG12 sing N N 248 
ILE CG1 HG13 sing N N 249 
ILE CG2 HG21 sing N N 250 
ILE CG2 HG22 sing N N 251 
ILE CG2 HG23 sing N N 252 
ILE CD1 HD11 sing N N 253 
ILE CD1 HD12 sing N N 254 
ILE CD1 HD13 sing N N 255 
ILE OXT HXT  sing N N 256 
LEU N   CA   sing N N 257 
LEU N   H    sing N N 258 
LEU N   H2   sing N N 259 
LEU CA  C    sing N N 260 
LEU CA  CB   sing N N 261 
LEU CA  HA   sing N N 262 
LEU C   O    doub N N 263 
LEU C   OXT  sing N N 264 
LEU CB  CG   sing N N 265 
LEU CB  HB2  sing N N 266 
LEU CB  HB3  sing N N 267 
LEU CG  CD1  sing N N 268 
LEU CG  CD2  sing N N 269 
LEU CG  HG   sing N N 270 
LEU CD1 HD11 sing N N 271 
LEU CD1 HD12 sing N N 272 
LEU CD1 HD13 sing N N 273 
LEU CD2 HD21 sing N N 274 
LEU CD2 HD22 sing N N 275 
LEU CD2 HD23 sing N N 276 
LEU OXT HXT  sing N N 277 
LYS N   CA   sing N N 278 
LYS N   H    sing N N 279 
LYS N   H2   sing N N 280 
LYS CA  C    sing N N 281 
LYS CA  CB   sing N N 282 
LYS CA  HA   sing N N 283 
LYS C   O    doub N N 284 
LYS C   OXT  sing N N 285 
LYS CB  CG   sing N N 286 
LYS CB  HB2  sing N N 287 
LYS CB  HB3  sing N N 288 
LYS CG  CD   sing N N 289 
LYS CG  HG2  sing N N 290 
LYS CG  HG3  sing N N 291 
LYS CD  CE   sing N N 292 
LYS CD  HD2  sing N N 293 
LYS CD  HD3  sing N N 294 
LYS CE  NZ   sing N N 295 
LYS CE  HE2  sing N N 296 
LYS CE  HE3  sing N N 297 
LYS NZ  HZ1  sing N N 298 
LYS NZ  HZ2  sing N N 299 
LYS NZ  HZ3  sing N N 300 
LYS OXT HXT  sing N N 301 
MET N   CA   sing N N 302 
MET N   H    sing N N 303 
MET N   H2   sing N N 304 
MET CA  C    sing N N 305 
MET CA  CB   sing N N 306 
MET CA  HA   sing N N 307 
MET C   O    doub N N 308 
MET C   OXT  sing N N 309 
MET CB  CG   sing N N 310 
MET CB  HB2  sing N N 311 
MET CB  HB3  sing N N 312 
MET CG  SD   sing N N 313 
MET CG  HG2  sing N N 314 
MET CG  HG3  sing N N 315 
MET SD  CE   sing N N 316 
MET CE  HE1  sing N N 317 
MET CE  HE2  sing N N 318 
MET CE  HE3  sing N N 319 
MET OXT HXT  sing N N 320 
PHE N   CA   sing N N 321 
PHE N   H    sing N N 322 
PHE N   H2   sing N N 323 
PHE CA  C    sing N N 324 
PHE CA  CB   sing N N 325 
PHE CA  HA   sing N N 326 
PHE C   O    doub N N 327 
PHE C   OXT  sing N N 328 
PHE CB  CG   sing N N 329 
PHE CB  HB2  sing N N 330 
PHE CB  HB3  sing N N 331 
PHE CG  CD1  doub Y N 332 
PHE CG  CD2  sing Y N 333 
PHE CD1 CE1  sing Y N 334 
PHE CD1 HD1  sing N N 335 
PHE CD2 CE2  doub Y N 336 
PHE CD2 HD2  sing N N 337 
PHE CE1 CZ   doub Y N 338 
PHE CE1 HE1  sing N N 339 
PHE CE2 CZ   sing Y N 340 
PHE CE2 HE2  sing N N 341 
PHE CZ  HZ   sing N N 342 
PHE OXT HXT  sing N N 343 
PRO N   CA   sing N N 344 
PRO N   CD   sing N N 345 
PRO N   H    sing N N 346 
PRO CA  C    sing N N 347 
PRO CA  CB   sing N N 348 
PRO CA  HA   sing N N 349 
PRO C   O    doub N N 350 
PRO C   OXT  sing N N 351 
PRO CB  CG   sing N N 352 
PRO CB  HB2  sing N N 353 
PRO CB  HB3  sing N N 354 
PRO CG  CD   sing N N 355 
PRO CG  HG2  sing N N 356 
PRO CG  HG3  sing N N 357 
PRO CD  HD2  sing N N 358 
PRO CD  HD3  sing N N 359 
PRO OXT HXT  sing N N 360 
SER N   CA   sing N N 361 
SER N   H    sing N N 362 
SER N   H2   sing N N 363 
SER CA  C    sing N N 364 
SER CA  CB   sing N N 365 
SER CA  HA   sing N N 366 
SER C   O    doub N N 367 
SER C   OXT  sing N N 368 
SER CB  OG   sing N N 369 
SER CB  HB2  sing N N 370 
SER CB  HB3  sing N N 371 
SER OG  HG   sing N N 372 
SER OXT HXT  sing N N 373 
THR N   CA   sing N N 374 
THR N   H    sing N N 375 
THR N   H2   sing N N 376 
THR CA  C    sing N N 377 
THR CA  CB   sing N N 378 
THR CA  HA   sing N N 379 
THR C   O    doub N N 380 
THR C   OXT  sing N N 381 
THR CB  OG1  sing N N 382 
THR CB  CG2  sing N N 383 
THR CB  HB   sing N N 384 
THR OG1 HG1  sing N N 385 
THR CG2 HG21 sing N N 386 
THR CG2 HG22 sing N N 387 
THR CG2 HG23 sing N N 388 
THR OXT HXT  sing N N 389 
TRP N   CA   sing N N 390 
TRP N   H    sing N N 391 
TRP N   H2   sing N N 392 
TRP CA  C    sing N N 393 
TRP CA  CB   sing N N 394 
TRP CA  HA   sing N N 395 
TRP C   O    doub N N 396 
TRP C   OXT  sing N N 397 
TRP CB  CG   sing N N 398 
TRP CB  HB2  sing N N 399 
TRP CB  HB3  sing N N 400 
TRP CG  CD1  doub Y N 401 
TRP CG  CD2  sing Y N 402 
TRP CD1 NE1  sing Y N 403 
TRP CD1 HD1  sing N N 404 
TRP CD2 CE2  doub Y N 405 
TRP CD2 CE3  sing Y N 406 
TRP NE1 CE2  sing Y N 407 
TRP NE1 HE1  sing N N 408 
TRP CE2 CZ2  sing Y N 409 
TRP CE3 CZ3  doub Y N 410 
TRP CE3 HE3  sing N N 411 
TRP CZ2 CH2  doub Y N 412 
TRP CZ2 HZ2  sing N N 413 
TRP CZ3 CH2  sing Y N 414 
TRP CZ3 HZ3  sing N N 415 
TRP CH2 HH2  sing N N 416 
TRP OXT HXT  sing N N 417 
TRS C   C1   sing N N 418 
TRS C   C2   sing N N 419 
TRS C   C3   sing N N 420 
TRS C   N    sing N N 421 
TRS C1  O1   sing N N 422 
TRS C1  H11  sing N N 423 
TRS C1  H12  sing N N 424 
TRS C2  O2   sing N N 425 
TRS C2  H21  sing N N 426 
TRS C2  H22  sing N N 427 
TRS C3  O3   sing N N 428 
TRS C3  H31  sing N N 429 
TRS C3  H32  sing N N 430 
TRS N   HN1  sing N N 431 
TRS N   HN2  sing N N 432 
TRS N   HN3  sing N N 433 
TRS O1  HO1  sing N N 434 
TRS O2  HO2  sing N N 435 
TRS O3  HO3  sing N N 436 
TYR N   CA   sing N N 437 
TYR N   H    sing N N 438 
TYR N   H2   sing N N 439 
TYR CA  C    sing N N 440 
TYR CA  CB   sing N N 441 
TYR CA  HA   sing N N 442 
TYR C   O    doub N N 443 
TYR C   OXT  sing N N 444 
TYR CB  CG   sing N N 445 
TYR CB  HB2  sing N N 446 
TYR CB  HB3  sing N N 447 
TYR CG  CD1  doub Y N 448 
TYR CG  CD2  sing Y N 449 
TYR CD1 CE1  sing Y N 450 
TYR CD1 HD1  sing N N 451 
TYR CD2 CE2  doub Y N 452 
TYR CD2 HD2  sing N N 453 
TYR CE1 CZ   doub Y N 454 
TYR CE1 HE1  sing N N 455 
TYR CE2 CZ   sing Y N 456 
TYR CE2 HE2  sing N N 457 
TYR CZ  OH   sing N N 458 
TYR OH  HH   sing N N 459 
TYR OXT HXT  sing N N 460 
VAL N   CA   sing N N 461 
VAL N   H    sing N N 462 
VAL N   H2   sing N N 463 
VAL CA  C    sing N N 464 
VAL CA  CB   sing N N 465 
VAL CA  HA   sing N N 466 
VAL C   O    doub N N 467 
VAL C   OXT  sing N N 468 
VAL CB  CG1  sing N N 469 
VAL CB  CG2  sing N N 470 
VAL CB  HB   sing N N 471 
VAL CG1 HG11 sing N N 472 
VAL CG1 HG12 sing N N 473 
VAL CG1 HG13 sing N N 474 
VAL CG2 HG21 sing N N 475 
VAL CG2 HG22 sing N N 476 
VAL CG2 HG23 sing N N 477 
VAL OXT HXT  sing N N 478 
# 
loop_
_pdbx_audit_support.funding_organization 
_pdbx_audit_support.country 
_pdbx_audit_support.grant_number 
_pdbx_audit_support.ordinal 
'European Molecular Biology Organization (EMBO)'                                           'United States' 'ALTF 1336-2015' 1 
'National Institutes of Health/National Institute of General Medical Sciences (NIH/NIGMS)' 'United States' T32GM112584      2 
'National Science Foundation (NSF, United States)'                                         'United States' CHE-1607145      3 
# 
_pdbx_entity_instance_feature.ordinal        1 
_pdbx_entity_instance_feature.comp_id        NI 
_pdbx_entity_instance_feature.asym_id        ? 
_pdbx_entity_instance_feature.seq_num        ? 
_pdbx_entity_instance_feature.auth_comp_id   NI 
_pdbx_entity_instance_feature.auth_asym_id   ? 
_pdbx_entity_instance_feature.auth_seq_num   ? 
_pdbx_entity_instance_feature.feature_type   'SUBJECT OF INVESTIGATION' 
_pdbx_entity_instance_feature.details        ? 
# 
loop_
_pdbx_entity_nonpoly.entity_id 
_pdbx_entity_nonpoly.name 
_pdbx_entity_nonpoly.comp_id 
2 'NICKEL (II) ION'                        NI  
3 2-AMINO-2-HYDROXYMETHYL-PROPANE-1,3-DIOL TRS 
4 'HEME C'                                 HEC 
5 'CHLORIDE ION'                           CL  
6 water                                    HOH 
# 
_pdbx_initial_refinement_model.id               1 
_pdbx_initial_refinement_model.entity_id_list   ? 
_pdbx_initial_refinement_model.type             'experimental model' 
_pdbx_initial_refinement_model.source_name      PDB 
_pdbx_initial_refinement_model.accession_code   2BC5 
_pdbx_initial_refinement_model.details          ? 
# 
_pdbx_struct_assembly_auth_evidence.id                     1 
_pdbx_struct_assembly_auth_evidence.assembly_id            1 
_pdbx_struct_assembly_auth_evidence.experimental_support   'equilibrium centrifugation' 
_pdbx_struct_assembly_auth_evidence.details                
'performed sedimentation velocity analytical ultracentrifugation (SV-AUC)' 
# 
_space_group.name_H-M_alt     'P 41 3 2' 
_space_group.name_Hall        'P 4bd 2ab 3' 
_space_group.IT_number        213 
_space_group.crystal_system   cubic 
_space_group.id               1 
# 
